data_3SWZ
#
_entry.id   3SWZ
#
_cell.length_a   91.415
_cell.length_b   152.090
_cell.length_c   167.656
_cell.angle_alpha   90.00
_cell.angle_beta   90.00
_cell.angle_gamma   90.00
#
_symmetry.space_group_name_H-M   'P 21 21 21'
#
loop_
_entity.id
_entity.type
_entity.pdbx_description
1 polymer 'Steroid 17-alpha-hydroxylase/17,20 lyase'
2 non-polymer 'PROTOPORPHYRIN IX CONTAINING FE'
3 non-polymer (3alpha,8alpha)-17-(1H-benzimidazol-1-yl)androsta-5,16-dien-3-ol
4 water water
#
_entity_poly.entity_id   1
_entity_poly.type   'polypeptide(L)'
_entity_poly.pdbx_seq_one_letter_code
;MAKKTGAKYPKSLLSLPLVGSLPFLPRHGHMHNNFFKLQKKYGPIYSVRMGTKTTVIVGHHQLAKEVLIKKGKDFSGRPQ
MATLDIASNNRKGIAFADSGAHWQLHRRLAMATFALFKDGDQKLEKIICQEISTLCDMLATHNGQSIDISFPVFVAVTNV
ISLICFNTSYKNGDPELNVIQNYNEGIIDNLSKDSLVDLVPWLKIFPNKTLEKLKSHVKIRNDLLNKILENYKEKFRSDS
ITNMLDTLMQAKMNSDNGNAGPDQDSELLSDNHILTTIGDIFGAGVETTTSVVKWTLAFLLHNPQVKKKLYEEIDQNVGF
SRTPTISDRNRLLLLEATIREVLRLRPVAPMLIPHKANVDSSIGEFAVDKGTEVIINLWALHHNEKEWHQPDQFMPERFL
NPAGTQLISPSVSYLPFGAGPRSCIGEILARQELFLIMAWLLQRFDLEVPDDGQLPSLEGIPKVVFLIDSFKVKIKVRQA
WREAQAEGSTHHHH
;
_entity_poly.pdbx_strand_id   A,B,C,D
#
# COMPACT_ATOMS: atom_id res chain seq x y z
N SER A 12 5.40 -25.21 41.28
CA SER A 12 5.14 -26.68 41.24
C SER A 12 4.16 -27.07 40.11
N LEU A 13 3.91 -26.13 39.19
CA LEU A 13 3.16 -26.39 37.97
C LEU A 13 4.17 -26.84 36.91
N LEU A 14 3.73 -27.67 35.99
CA LEU A 14 4.62 -28.32 35.00
C LEU A 14 4.86 -27.52 33.68
N SER A 15 6.03 -27.68 33.09
CA SER A 15 6.32 -27.20 31.78
C SER A 15 5.38 -27.88 30.80
N LEU A 16 4.85 -27.13 29.83
CA LEU A 16 4.11 -27.77 28.76
C LEU A 16 5.02 -28.70 27.94
N PRO A 17 4.47 -29.83 27.50
CA PRO A 17 5.23 -30.59 26.53
C PRO A 17 5.50 -29.68 25.32
N LEU A 18 6.74 -29.73 24.81
CA LEU A 18 7.18 -28.92 23.68
C LEU A 18 7.46 -29.79 22.42
N VAL A 19 6.58 -29.72 21.44
CA VAL A 19 6.77 -30.46 20.21
C VAL A 19 7.80 -29.86 19.23
N GLY A 20 8.17 -28.61 19.45
CA GLY A 20 8.89 -27.80 18.47
C GLY A 20 9.18 -26.41 19.00
N SER A 21 10.31 -25.85 18.54
CA SER A 21 10.91 -24.58 19.02
C SER A 21 11.66 -23.92 17.87
N LEU A 22 11.44 -22.64 17.65
CA LEU A 22 12.27 -21.86 16.74
C LEU A 22 12.71 -20.58 17.45
N PRO A 23 13.98 -20.15 17.22
CA PRO A 23 14.62 -19.07 17.96
C PRO A 23 14.21 -17.64 17.60
N PHE A 24 13.40 -17.49 16.53
CA PHE A 24 12.75 -16.23 16.12
C PHE A 24 11.57 -16.55 15.16
N LEU A 25 10.74 -15.56 14.89
CA LEU A 25 9.55 -15.75 14.04
C LEU A 25 9.84 -15.91 12.54
N PRO A 26 9.20 -16.91 11.90
CA PRO A 26 9.36 -16.98 10.44
C PRO A 26 8.58 -15.84 9.79
N ARG A 27 8.99 -15.48 8.59
CA ARG A 27 8.44 -14.34 7.86
C ARG A 27 8.37 -13.00 8.63
N HIS A 28 9.23 -12.84 9.61
CA HIS A 28 9.36 -11.54 10.31
C HIS A 28 10.81 -11.08 10.16
N GLY A 29 11.00 -9.93 9.52
CA GLY A 29 12.34 -9.36 9.30
C GLY A 29 13.13 -10.18 8.29
N HIS A 30 14.33 -9.74 7.96
CA HIS A 30 15.17 -10.54 7.07
C HIS A 30 15.90 -11.71 7.77
N MET A 31 15.75 -12.91 7.22
CA MET A 31 16.46 -14.14 7.61
C MET A 31 17.90 -13.92 7.99
N HIS A 32 18.69 -13.39 7.03
CA HIS A 32 20.11 -13.19 7.23
C HIS A 32 20.40 -12.28 8.45
N ASN A 33 19.59 -11.25 8.65
CA ASN A 33 19.73 -10.45 9.85
C ASN A 33 19.23 -11.18 11.10
N ASN A 34 18.15 -11.98 10.98
CA ASN A 34 17.68 -12.78 12.11
C ASN A 34 18.77 -13.69 12.59
N PHE A 35 19.37 -14.45 11.70
CA PHE A 35 20.48 -15.33 12.05
C PHE A 35 21.63 -14.57 12.72
N PHE A 36 21.96 -13.40 12.21
CA PHE A 36 23.06 -12.64 12.72
C PHE A 36 22.85 -12.07 14.17
N LYS A 37 21.63 -11.62 14.45
CA LYS A 37 21.19 -11.23 15.79
C LYS A 37 21.31 -12.39 16.78
N LEU A 38 21.10 -13.59 16.28
CA LEU A 38 21.24 -14.76 17.12
C LEU A 38 22.69 -15.04 17.57
N GLN A 39 23.68 -14.43 16.91
CA GLN A 39 25.04 -14.72 17.24
C GLN A 39 25.45 -14.18 18.57
N LYS A 40 24.67 -13.26 19.12
CA LYS A 40 24.92 -12.71 20.46
C LYS A 40 24.67 -13.71 21.61
N LYS A 41 23.61 -14.51 21.52
CA LYS A 41 23.31 -15.52 22.55
C LYS A 41 24.02 -16.82 22.30
N TYR A 42 24.09 -17.22 21.03
CA TYR A 42 24.48 -18.56 20.68
C TYR A 42 25.86 -18.73 20.01
N GLY A 43 26.61 -17.63 19.84
CA GLY A 43 27.92 -17.65 19.19
C GLY A 43 27.86 -17.69 17.67
N PRO A 44 29.02 -17.67 17.00
CA PRO A 44 29.01 -17.56 15.54
C PRO A 44 28.65 -18.83 14.76
N ILE A 45 28.39 -19.95 15.43
CA ILE A 45 27.97 -21.13 14.71
C ILE A 45 26.98 -22.01 15.49
N TYR A 46 25.85 -22.30 14.83
CA TYR A 46 24.79 -23.07 15.46
C TYR A 46 23.96 -23.76 14.38
N SER A 47 23.02 -24.58 14.84
CA SER A 47 22.22 -25.43 13.99
C SER A 47 20.74 -25.50 14.43
N VAL A 48 19.90 -25.74 13.43
CA VAL A 48 18.48 -25.90 13.60
C VAL A 48 18.12 -27.20 12.87
N ARG A 49 17.17 -27.97 13.42
CA ARG A 49 16.79 -29.29 12.91
C ARG A 49 15.36 -29.25 12.37
N MET A 50 15.18 -29.49 11.07
CA MET A 50 13.83 -29.50 10.43
C MET A 50 13.36 -30.87 9.98
N GLY A 51 12.64 -31.58 10.83
CA GLY A 51 12.27 -32.96 10.52
C GLY A 51 13.47 -33.86 10.66
N THR A 52 14.02 -34.31 9.52
CA THR A 52 15.31 -35.02 9.43
C THR A 52 16.51 -34.09 9.12
N LYS A 53 16.31 -33.17 8.17
CA LYS A 53 17.30 -32.15 7.76
C LYS A 53 17.89 -31.33 8.94
N THR A 54 19.22 -31.26 8.99
CA THR A 54 19.92 -30.38 9.93
C THR A 54 20.55 -29.24 9.10
N THR A 55 20.38 -28.00 9.57
CA THR A 55 21.06 -26.81 8.98
C THR A 55 22.07 -26.10 9.94
N VAL A 56 23.26 -25.83 9.44
CA VAL A 56 24.26 -25.15 10.23
C VAL A 56 24.37 -23.75 9.64
N ILE A 57 24.44 -22.74 10.50
CA ILE A 57 24.64 -21.36 10.06
C ILE A 57 25.97 -20.83 10.63
N VAL A 58 26.74 -20.17 9.77
CA VAL A 58 28.10 -19.75 10.08
C VAL A 58 28.25 -18.25 9.90
N GLY A 59 28.55 -17.54 10.99
CA GLY A 59 28.65 -16.10 10.97
C GLY A 59 30.01 -15.45 11.28
N HIS A 60 31.09 -16.18 11.08
CA HIS A 60 32.43 -15.61 11.33
C HIS A 60 33.38 -15.97 10.20
N HIS A 61 34.18 -14.99 9.78
CA HIS A 61 35.07 -15.14 8.60
C HIS A 61 35.99 -16.35 8.69
N GLN A 62 36.53 -16.62 9.89
CA GLN A 62 37.42 -17.75 10.05
C GLN A 62 36.72 -19.10 9.83
N LEU A 63 35.56 -19.25 10.47
CA LEU A 63 34.72 -20.42 10.26
C LEU A 63 34.24 -20.52 8.82
N ALA A 64 33.93 -19.38 8.21
CA ALA A 64 33.51 -19.36 6.80
C ALA A 64 34.61 -19.72 5.82
N LYS A 65 35.84 -19.29 6.13
CA LYS A 65 36.96 -19.59 5.24
C LYS A 65 37.34 -21.07 5.31
N GLU A 66 37.05 -21.68 6.47
CA GLU A 66 37.16 -23.11 6.70
C GLU A 66 36.21 -23.91 5.81
N VAL A 67 34.92 -23.57 5.85
CA VAL A 67 33.90 -24.13 4.96
C VAL A 67 34.25 -23.95 3.45
N LEU A 68 34.66 -22.75 3.09
CA LEU A 68 34.80 -22.42 1.67
C LEU A 68 36.17 -22.77 1.00
N ILE A 69 37.26 -22.66 1.75
CA ILE A 69 38.62 -22.84 1.20
C ILE A 69 39.36 -24.07 1.74
N LYS A 70 39.51 -24.12 3.06
CA LYS A 70 40.32 -25.10 3.74
C LYS A 70 39.69 -26.49 3.60
N LYS A 71 38.38 -26.59 3.85
CA LYS A 71 37.67 -27.83 3.60
C LYS A 71 36.62 -27.62 2.54
N GLY A 72 36.98 -26.85 1.53
CA GLY A 72 36.11 -26.46 0.48
C GLY A 72 35.51 -27.61 -0.27
N LYS A 73 36.26 -28.67 -0.54
CA LYS A 73 35.67 -29.83 -1.23
C LYS A 73 34.68 -30.56 -0.30
N ASP A 74 34.95 -30.62 1.00
CA ASP A 74 34.00 -31.28 1.92
C ASP A 74 32.59 -30.63 1.85
N PHE A 75 32.55 -29.35 1.48
CA PHE A 75 31.29 -28.59 1.57
C PHE A 75 30.79 -28.06 0.23
N SER A 76 31.29 -28.65 -0.84
CA SER A 76 30.97 -28.17 -2.16
C SER A 76 29.58 -28.63 -2.63
N GLY A 77 28.88 -29.40 -1.81
CA GLY A 77 27.52 -29.83 -2.11
C GLY A 77 26.43 -28.77 -2.12
N ARG A 78 25.32 -29.06 -2.79
CA ARG A 78 24.09 -28.24 -2.73
C ARG A 78 22.91 -29.12 -2.27
N PRO A 79 22.05 -28.65 -1.36
CA PRO A 79 20.88 -29.48 -1.02
C PRO A 79 19.80 -29.56 -2.09
N GLN A 80 18.98 -30.60 -2.02
CA GLN A 80 17.78 -30.71 -2.83
C GLN A 80 16.66 -29.78 -2.31
N MET A 81 16.03 -29.08 -3.25
CA MET A 81 14.84 -28.31 -2.96
C MET A 81 13.97 -28.43 -4.17
N ALA A 82 12.68 -28.56 -3.92
CA ALA A 82 11.67 -28.82 -4.98
C ALA A 82 11.54 -27.65 -5.93
N THR A 83 11.81 -26.47 -5.41
CA THR A 83 11.87 -25.25 -6.20
C THR A 83 13.13 -25.17 -7.12
N LEU A 84 14.30 -25.44 -6.54
CA LEU A 84 15.54 -25.44 -7.29
C LEU A 84 15.48 -26.52 -8.37
N ASP A 85 14.99 -27.71 -8.03
CA ASP A 85 14.72 -28.77 -9.00
C ASP A 85 14.10 -28.26 -10.30
N ILE A 86 13.03 -27.50 -10.17
CA ILE A 86 12.33 -27.09 -11.35
C ILE A 86 13.12 -26.08 -12.14
N ALA A 87 13.74 -25.09 -11.49
CA ALA A 87 14.52 -24.08 -12.21
C ALA A 87 15.79 -24.66 -12.84
N SER A 88 16.29 -25.75 -12.29
CA SER A 88 17.50 -26.43 -12.81
C SER A 88 17.19 -27.72 -13.59
N ASN A 89 15.94 -27.86 -14.05
CA ASN A 89 15.51 -29.08 -14.74
C ASN A 89 16.16 -30.28 -14.06
N ASN A 90 15.81 -30.42 -12.78
CA ASN A 90 16.31 -31.47 -11.87
C ASN A 90 17.83 -31.55 -11.75
N ARG A 91 18.36 -30.55 -11.06
CA ARG A 91 19.77 -30.42 -10.69
C ARG A 91 20.82 -30.51 -11.83
N LYS A 92 20.45 -30.03 -13.01
CA LYS A 92 21.42 -29.84 -14.13
C LYS A 92 22.01 -28.43 -14.04
N GLY A 93 22.78 -27.97 -15.02
CA GLY A 93 23.43 -26.66 -14.91
C GLY A 93 24.53 -26.62 -13.88
N ILE A 94 24.75 -25.44 -13.27
CA ILE A 94 25.92 -25.18 -12.41
C ILE A 94 25.62 -24.85 -10.93
N ALA A 95 24.86 -23.77 -10.72
CA ALA A 95 24.51 -23.24 -9.38
C ALA A 95 23.84 -24.20 -8.40
N PHE A 96 22.87 -24.95 -8.91
CA PHE A 96 21.97 -25.72 -8.08
C PHE A 96 22.21 -27.20 -8.24
N ALA A 97 23.22 -27.52 -9.06
CA ALA A 97 23.71 -28.88 -9.22
C ALA A 97 24.57 -29.23 -8.04
N ASP A 98 24.50 -30.49 -7.66
CA ASP A 98 25.22 -31.05 -6.54
C ASP A 98 26.67 -31.21 -6.98
N SER A 99 27.56 -31.49 -6.04
CA SER A 99 28.97 -31.70 -6.36
C SER A 99 29.11 -32.98 -7.19
N GLY A 100 30.08 -33.02 -8.08
CA GLY A 100 30.23 -34.22 -8.89
C GLY A 100 30.52 -34.10 -10.36
N ALA A 101 30.28 -35.20 -11.05
CA ALA A 101 30.51 -35.34 -12.47
C ALA A 101 30.00 -34.13 -13.25
N HIS A 102 28.69 -33.91 -13.22
CA HIS A 102 28.09 -32.91 -14.11
C HIS A 102 28.56 -31.47 -13.78
N TRP A 103 28.67 -31.16 -12.48
CA TRP A 103 29.01 -29.82 -12.00
C TRP A 103 30.41 -29.41 -12.41
N GLN A 104 31.37 -30.30 -12.15
CA GLN A 104 32.78 -29.99 -12.37
C GLN A 104 33.06 -29.59 -13.81
N LEU A 105 32.52 -30.35 -14.75
CA LEU A 105 32.68 -30.09 -16.19
C LEU A 105 32.10 -28.76 -16.66
N HIS A 106 30.81 -28.59 -16.40
CA HIS A 106 30.11 -27.39 -16.84
C HIS A 106 30.64 -26.14 -16.19
N ARG A 107 31.00 -26.24 -14.91
CA ARG A 107 31.65 -25.12 -14.24
C ARG A 107 32.92 -24.78 -14.98
N ARG A 108 33.79 -25.78 -15.13
CA ARG A 108 35.04 -25.62 -15.86
C ARG A 108 34.82 -25.06 -17.29
N LEU A 109 33.93 -25.65 -18.07
CA LEU A 109 33.64 -25.14 -19.42
C LEU A 109 33.22 -23.66 -19.47
N ALA A 110 32.34 -23.25 -18.56
CA ALA A 110 31.93 -21.85 -18.50
C ALA A 110 33.05 -20.91 -18.05
N MET A 111 33.97 -21.41 -17.22
CA MET A 111 35.12 -20.64 -16.73
C MET A 111 36.12 -20.43 -17.83
N ALA A 112 36.26 -21.47 -18.65
CA ALA A 112 37.20 -21.54 -19.80
C ALA A 112 36.72 -20.69 -20.96
N THR A 113 35.41 -20.51 -21.04
CA THR A 113 34.86 -19.56 -21.97
C THR A 113 35.25 -18.11 -21.64
N PHE A 114 35.41 -17.77 -20.36
CA PHE A 114 35.77 -16.40 -20.01
C PHE A 114 37.12 -15.96 -20.55
N ALA A 115 37.81 -16.90 -21.22
CA ALA A 115 39.13 -16.70 -21.80
C ALA A 115 39.10 -16.42 -23.32
N LEU A 116 37.99 -16.76 -23.97
CA LEU A 116 37.77 -16.37 -25.37
C LEU A 116 37.65 -14.85 -25.48
N PHE A 117 37.67 -14.17 -24.31
CA PHE A 117 37.56 -12.71 -24.18
C PHE A 117 38.72 -12.03 -23.36
N LYS A 118 39.91 -12.65 -23.34
CA LYS A 118 41.13 -12.06 -22.73
C LYS A 118 41.66 -10.82 -23.49
N ASP A 119 41.74 -10.90 -24.82
CA ASP A 119 41.95 -9.74 -25.73
C ASP A 119 41.96 -10.09 -27.25
N GLY A 120 40.90 -9.67 -27.96
CA GLY A 120 40.72 -9.94 -29.39
C GLY A 120 39.82 -8.90 -30.06
N ASP A 121 39.17 -9.29 -31.17
CA ASP A 121 38.13 -8.45 -31.85
C ASP A 121 36.92 -8.20 -30.91
N GLN A 122 36.60 -9.26 -30.15
CA GLN A 122 35.60 -9.31 -29.07
C GLN A 122 36.25 -9.33 -27.66
N LYS A 123 37.07 -8.31 -27.36
CA LYS A 123 37.58 -8.09 -26.00
C LYS A 123 36.38 -7.72 -25.13
N LEU A 124 36.28 -8.35 -23.96
CA LEU A 124 35.15 -8.17 -23.06
C LEU A 124 34.79 -6.70 -22.90
N GLU A 125 35.79 -5.87 -22.60
CA GLU A 125 35.64 -4.40 -22.49
C GLU A 125 35.00 -3.71 -23.74
N LYS A 126 35.16 -4.30 -24.92
CA LYS A 126 34.56 -3.74 -26.13
C LYS A 126 33.06 -4.08 -26.21
N ILE A 127 32.73 -5.38 -26.14
CA ILE A 127 31.36 -5.87 -26.08
C ILE A 127 30.52 -5.07 -25.04
N ILE A 128 31.07 -4.91 -23.84
CA ILE A 128 30.41 -4.18 -22.77
C ILE A 128 30.13 -2.76 -23.19
N CYS A 129 31.19 -2.07 -23.66
CA CYS A 129 31.11 -0.65 -24.01
C CYS A 129 30.16 -0.33 -25.13
N GLN A 130 30.10 -1.18 -26.15
CA GLN A 130 29.16 -0.97 -27.23
C GLN A 130 27.73 -1.02 -26.70
N GLU A 131 27.44 -1.90 -25.73
CA GLU A 131 26.08 -2.00 -25.19
C GLU A 131 25.79 -0.87 -24.22
N ILE A 132 26.83 -0.37 -23.56
CA ILE A 132 26.69 0.77 -22.67
C ILE A 132 26.47 2.06 -23.46
N SER A 133 27.15 2.18 -24.61
CA SER A 133 26.96 3.31 -25.53
C SER A 133 25.51 3.45 -25.95
N THR A 134 24.91 2.35 -26.36
CA THR A 134 23.46 2.26 -26.59
C THR A 134 22.55 2.63 -25.41
N LEU A 135 22.84 2.11 -24.20
CA LEU A 135 22.07 2.45 -23.00
C LEU A 135 22.05 3.96 -22.80
N CYS A 136 23.21 4.58 -22.98
CA CYS A 136 23.39 6.01 -22.74
C CYS A 136 22.62 6.83 -23.77
N ASP A 137 22.65 6.39 -25.01
CA ASP A 137 21.89 7.09 -26.03
C ASP A 137 20.37 6.99 -25.74
N MET A 138 19.89 5.85 -25.26
CA MET A 138 18.49 5.69 -24.98
C MET A 138 18.11 6.53 -23.77
N LEU A 139 18.95 6.45 -22.73
CA LEU A 139 18.79 7.27 -21.55
C LEU A 139 18.71 8.77 -21.84
N ALA A 140 19.55 9.23 -22.75
CA ALA A 140 19.68 10.66 -23.08
C ALA A 140 18.39 11.28 -23.62
N THR A 141 17.62 10.52 -24.39
CA THR A 141 16.35 11.06 -24.90
C THR A 141 15.34 11.35 -23.79
N HIS A 142 15.49 10.69 -22.65
CA HIS A 142 14.62 10.94 -21.49
C HIS A 142 15.03 12.18 -20.74
N ASN A 143 15.92 12.94 -21.33
CA ASN A 143 16.41 14.18 -20.75
C ASN A 143 15.29 15.02 -20.12
N GLY A 144 15.48 15.35 -18.85
CA GLY A 144 14.50 16.09 -18.09
C GLY A 144 13.41 15.24 -17.44
N GLN A 145 13.47 13.93 -17.59
CA GLN A 145 12.43 13.07 -17.08
C GLN A 145 12.88 12.17 -15.91
N SER A 146 11.94 11.81 -15.03
CA SER A 146 12.13 10.77 -14.01
C SER A 146 11.77 9.37 -14.58
N ILE A 147 12.67 8.43 -14.40
CA ILE A 147 12.41 7.09 -14.89
C ILE A 147 12.95 6.00 -13.98
N ASP A 148 12.36 4.84 -14.18
CA ASP A 148 12.92 3.60 -13.76
C ASP A 148 13.94 3.14 -14.81
N ILE A 149 15.18 2.96 -14.38
CA ILE A 149 16.19 2.44 -15.31
C ILE A 149 16.35 0.93 -15.39
N SER A 150 15.51 0.18 -14.67
CA SER A 150 15.68 -1.28 -14.56
C SER A 150 15.80 -1.97 -15.91
N PHE A 151 14.86 -1.61 -16.81
CA PHE A 151 14.75 -2.26 -18.11
C PHE A 151 15.83 -1.84 -19.10
N PRO A 152 16.11 -0.53 -19.24
CA PRO A 152 17.24 -0.21 -20.12
C PRO A 152 18.54 -0.94 -19.71
N VAL A 153 18.92 -0.87 -18.45
CA VAL A 153 20.05 -1.67 -17.97
C VAL A 153 19.87 -3.17 -18.28
N PHE A 154 18.66 -3.69 -18.05
CA PHE A 154 18.45 -5.11 -18.21
C PHE A 154 18.79 -5.53 -19.67
N VAL A 155 18.36 -4.69 -20.60
CA VAL A 155 18.66 -4.81 -22.02
C VAL A 155 20.18 -4.89 -22.29
N ALA A 156 20.92 -3.93 -21.76
CA ALA A 156 22.36 -3.81 -21.95
C ALA A 156 23.09 -5.07 -21.51
N VAL A 157 22.76 -5.53 -20.32
CA VAL A 157 23.47 -6.66 -19.78
C VAL A 157 22.88 -7.94 -20.35
N THR A 158 21.71 -7.86 -20.93
CA THR A 158 21.18 -9.02 -21.62
C THR A 158 21.93 -9.24 -22.94
N ASN A 159 22.27 -8.15 -23.61
CA ASN A 159 23.00 -8.20 -24.87
C ASN A 159 24.43 -8.62 -24.68
N VAL A 160 25.03 -8.14 -23.61
CA VAL A 160 26.36 -8.57 -23.21
C VAL A 160 26.39 -10.07 -22.99
N ILE A 161 25.41 -10.59 -22.23
CA ILE A 161 25.37 -11.99 -21.86
C ILE A 161 24.96 -12.87 -23.07
N SER A 162 24.21 -12.26 -23.99
CA SER A 162 23.84 -12.88 -25.25
C SER A 162 25.07 -12.99 -26.13
N LEU A 163 25.78 -11.89 -26.34
CA LEU A 163 27.00 -11.90 -27.13
C LEU A 163 28.02 -12.92 -26.61
N ILE A 164 28.24 -12.96 -25.29
CA ILE A 164 29.12 -13.96 -24.68
C ILE A 164 28.63 -15.41 -24.83
N CYS A 165 27.32 -15.59 -24.98
CA CYS A 165 26.73 -16.93 -25.08
C CYS A 165 26.60 -17.43 -26.54
N PHE A 166 26.16 -16.55 -27.41
CA PHE A 166 25.78 -16.93 -28.75
C PHE A 166 26.43 -16.06 -29.81
N ASN A 167 27.06 -14.95 -29.44
CA ASN A 167 27.38 -13.86 -30.40
C ASN A 167 26.19 -13.27 -31.16
N THR A 168 24.97 -13.39 -30.62
CA THR A 168 23.80 -12.61 -31.08
C THR A 168 23.44 -11.57 -30.01
N SER A 169 22.93 -10.41 -30.45
CA SER A 169 22.29 -9.46 -29.54
C SER A 169 20.92 -9.07 -30.12
N TYR A 170 20.13 -8.31 -29.38
CA TYR A 170 18.78 -7.94 -29.86
C TYR A 170 18.74 -6.48 -30.33
N LYS A 171 17.93 -6.18 -31.36
CA LYS A 171 17.71 -4.77 -31.76
C LYS A 171 16.83 -4.15 -30.69
N ASN A 172 16.90 -2.84 -30.52
CA ASN A 172 15.89 -2.19 -29.69
C ASN A 172 14.49 -2.48 -30.19
N GLY A 173 13.61 -2.77 -29.25
CA GLY A 173 12.21 -3.06 -29.49
C GLY A 173 11.91 -4.52 -29.71
N ASP A 174 12.95 -5.35 -29.80
CA ASP A 174 12.78 -6.79 -29.99
C ASP A 174 11.95 -7.26 -28.81
N PRO A 175 10.73 -7.81 -29.09
CA PRO A 175 9.75 -8.29 -28.11
C PRO A 175 10.24 -9.42 -27.17
N GLU A 176 11.21 -10.19 -27.63
CA GLU A 176 11.77 -11.28 -26.88
C GLU A 176 12.42 -10.77 -25.56
N LEU A 177 12.87 -9.52 -25.58
CA LEU A 177 13.35 -8.87 -24.36
C LEU A 177 12.27 -8.77 -23.28
N ASN A 178 11.07 -8.32 -23.66
CA ASN A 178 9.98 -8.17 -22.72
C ASN A 178 9.55 -9.54 -22.18
N VAL A 179 9.67 -10.57 -23.02
CA VAL A 179 9.34 -11.94 -22.63
C VAL A 179 10.35 -12.47 -21.61
N ILE A 180 11.62 -12.23 -21.85
CA ILE A 180 12.63 -12.62 -20.89
C ILE A 180 12.37 -11.91 -19.55
N GLN A 181 12.14 -10.58 -19.61
CA GLN A 181 11.88 -9.80 -18.44
C GLN A 181 10.74 -10.41 -17.59
N ASN A 182 9.63 -10.76 -18.26
CA ASN A 182 8.46 -11.37 -17.64
C ASN A 182 8.76 -12.69 -16.93
N TYR A 183 9.44 -13.60 -17.61
CA TYR A 183 9.75 -14.88 -17.01
C TYR A 183 10.87 -14.76 -16.00
N ASN A 184 11.75 -13.78 -16.17
CA ASN A 184 12.69 -13.52 -15.13
C ASN A 184 12.04 -13.10 -13.82
N GLU A 185 11.06 -12.22 -13.90
CA GLU A 185 10.38 -11.66 -12.74
C GLU A 185 9.60 -12.79 -12.06
N GLY A 186 8.93 -13.59 -12.88
CA GLY A 186 8.21 -14.78 -12.46
C GLY A 186 8.98 -15.82 -11.66
N ILE A 187 10.14 -16.22 -12.20
CA ILE A 187 10.98 -17.26 -11.60
C ILE A 187 11.57 -16.78 -10.28
N ILE A 188 12.20 -15.61 -10.32
CA ILE A 188 12.63 -14.95 -9.12
C ILE A 188 11.51 -14.87 -8.09
N ASP A 189 10.33 -14.37 -8.48
CA ASP A 189 9.22 -14.30 -7.55
C ASP A 189 8.86 -15.62 -6.85
N ASN A 190 8.76 -16.69 -7.61
CA ASN A 190 8.30 -17.97 -7.11
C ASN A 190 9.38 -18.96 -6.63
N LEU A 191 10.65 -18.64 -6.84
CA LEU A 191 11.71 -19.55 -6.51
C LEU A 191 11.81 -19.73 -4.99
N SER A 192 11.60 -18.63 -4.28
CA SER A 192 11.47 -18.60 -2.82
C SER A 192 10.65 -17.36 -2.47
N LYS A 193 9.97 -17.37 -1.32
CA LYS A 193 9.12 -16.24 -0.95
C LYS A 193 10.04 -15.07 -0.66
N ASP A 194 11.02 -15.35 0.20
CA ASP A 194 12.02 -14.42 0.61
C ASP A 194 13.35 -15.01 0.14
N SER A 195 14.22 -15.21 1.16
CA SER A 195 15.48 -15.90 0.96
C SER A 195 15.24 -17.35 0.49
N LEU A 196 16.28 -17.93 -0.12
CA LEU A 196 16.38 -19.37 -0.37
C LEU A 196 16.27 -20.24 0.88
N VAL A 197 16.88 -19.78 1.97
CA VAL A 197 16.90 -20.51 3.25
C VAL A 197 15.56 -20.39 3.94
N ASP A 198 14.84 -21.51 3.98
CA ASP A 198 13.45 -21.62 4.37
C ASP A 198 13.37 -22.40 5.69
N LEU A 199 13.39 -21.68 6.80
CA LEU A 199 13.27 -22.29 8.11
C LEU A 199 12.14 -23.32 8.12
N VAL A 200 10.91 -22.89 7.84
CA VAL A 200 9.76 -23.79 7.67
C VAL A 200 9.41 -23.92 6.17
N PRO A 201 9.20 -25.18 5.68
CA PRO A 201 8.85 -25.50 4.29
C PRO A 201 7.33 -25.42 4.07
N TRP A 202 6.79 -24.21 3.98
CA TRP A 202 5.34 -24.02 3.91
C TRP A 202 4.74 -24.64 2.66
N LEU A 203 5.57 -24.82 1.64
CA LEU A 203 5.02 -25.21 0.36
C LEU A 203 4.61 -26.68 0.28
N LYS A 204 5.07 -27.43 1.29
CA LYS A 204 4.65 -28.80 1.51
C LYS A 204 3.53 -28.91 2.57
N ILE A 205 3.08 -27.79 3.12
CA ILE A 205 2.18 -27.82 4.26
C ILE A 205 0.79 -27.42 3.88
N PHE A 206 0.66 -26.35 3.11
CA PHE A 206 -0.65 -25.80 2.74
C PHE A 206 -0.79 -25.86 1.23
N PRO A 207 -2.01 -26.19 0.73
CA PRO A 207 -2.30 -26.11 -0.68
C PRO A 207 -1.86 -24.78 -1.20
N ASN A 208 -1.09 -24.80 -2.29
CA ASN A 208 -0.57 -23.60 -2.95
C ASN A 208 -0.26 -23.87 -4.43
N LYS A 209 -0.07 -22.80 -5.19
CA LYS A 209 0.14 -22.83 -6.64
C LYS A 209 1.58 -22.50 -7.01
N THR A 210 2.44 -22.43 -6.01
CA THR A 210 3.79 -21.94 -6.18
C THR A 210 4.62 -22.75 -7.23
N LEU A 211 4.59 -24.08 -7.13
CA LEU A 211 5.38 -24.94 -8.02
C LEU A 211 4.74 -24.91 -9.39
N GLU A 212 3.41 -24.89 -9.42
CA GLU A 212 2.67 -24.78 -10.68
C GLU A 212 3.04 -23.47 -11.44
N LYS A 213 3.03 -22.33 -10.73
CA LYS A 213 3.45 -21.06 -11.31
C LYS A 213 4.83 -21.15 -11.88
N LEU A 214 5.74 -21.68 -11.08
CA LEU A 214 7.13 -21.72 -11.41
C LEU A 214 7.45 -22.63 -12.62
N LYS A 215 6.74 -23.76 -12.75
CA LYS A 215 6.85 -24.61 -13.91
C LYS A 215 6.40 -23.85 -15.16
N SER A 216 5.35 -23.04 -15.08
CA SER A 216 4.95 -22.32 -16.28
C SER A 216 5.94 -21.27 -16.73
N HIS A 217 6.66 -20.64 -15.79
CA HIS A 217 7.65 -19.63 -16.16
C HIS A 217 8.88 -20.32 -16.69
N VAL A 218 9.32 -21.37 -16.03
CA VAL A 218 10.49 -22.09 -16.49
C VAL A 218 10.22 -22.81 -17.85
N LYS A 219 9.01 -23.31 -18.06
CA LYS A 219 8.63 -23.93 -19.31
C LYS A 219 8.89 -22.91 -20.40
N ILE A 220 8.60 -21.65 -20.09
CA ILE A 220 8.69 -20.64 -21.11
C ILE A 220 10.15 -20.29 -21.40
N ARG A 221 10.96 -20.17 -20.35
CA ARG A 221 12.41 -20.00 -20.45
C ARG A 221 13.03 -21.18 -21.25
N ASN A 222 12.71 -22.40 -20.86
CA ASN A 222 13.12 -23.63 -21.56
C ASN A 222 12.73 -23.64 -23.04
N ASP A 223 11.46 -23.32 -23.35
CA ASP A 223 10.99 -23.19 -24.72
C ASP A 223 11.87 -22.22 -25.48
N LEU A 224 12.22 -21.10 -24.84
CA LEU A 224 12.93 -20.02 -25.49
C LEU A 224 14.40 -20.37 -25.75
N LEU A 225 15.05 -20.99 -24.76
CA LEU A 225 16.40 -21.47 -24.97
C LEU A 225 16.48 -22.73 -25.83
N ASN A 226 15.39 -23.46 -25.94
CA ASN A 226 15.39 -24.62 -26.83
C ASN A 226 15.35 -24.25 -28.30
N LYS A 227 14.69 -23.13 -28.60
CA LYS A 227 14.60 -22.57 -29.96
C LYS A 227 16.00 -22.15 -30.41
N ILE A 228 16.68 -21.34 -29.60
CA ILE A 228 18.01 -20.83 -29.91
C ILE A 228 19.01 -21.97 -30.10
N LEU A 229 18.84 -23.05 -29.34
CA LEU A 229 19.73 -24.22 -29.36
C LEU A 229 19.64 -25.05 -30.66
N GLU A 230 18.45 -25.60 -30.96
CA GLU A 230 18.18 -26.28 -32.23
C GLU A 230 18.70 -25.43 -33.40
N ASN A 231 18.24 -24.19 -33.47
CA ASN A 231 18.57 -23.30 -34.59
C ASN A 231 20.04 -22.99 -34.73
N TYR A 232 20.81 -23.12 -33.64
CA TYR A 232 22.26 -22.86 -33.62
C TYR A 232 23.05 -24.06 -34.12
N LYS A 233 22.44 -25.24 -34.06
CA LYS A 233 23.08 -26.44 -34.59
C LYS A 233 23.58 -26.24 -36.06
N GLU A 234 22.89 -25.38 -36.81
CA GLU A 234 23.28 -25.04 -38.20
C GLU A 234 24.52 -24.14 -38.33
N LYS A 235 24.58 -23.08 -37.51
CA LYS A 235 25.69 -22.11 -37.54
C LYS A 235 27.02 -22.70 -37.04
N PHE A 236 26.93 -23.72 -36.18
CA PHE A 236 28.07 -24.25 -35.43
C PHE A 236 29.15 -24.86 -36.30
N ARG A 237 30.40 -24.45 -36.10
CA ARG A 237 31.57 -25.11 -36.70
C ARG A 237 32.74 -25.30 -35.74
N SER A 238 33.23 -26.54 -35.68
CA SER A 238 34.32 -27.02 -34.81
C SER A 238 35.65 -26.23 -34.85
N ASP A 239 35.80 -25.41 -35.87
CA ASP A 239 36.95 -24.50 -35.99
C ASP A 239 36.54 -23.04 -35.73
N SER A 240 35.41 -22.86 -35.05
CA SER A 240 35.06 -21.55 -34.51
C SER A 240 34.57 -21.67 -33.07
N ILE A 241 35.44 -21.28 -32.15
CA ILE A 241 35.12 -21.23 -30.74
C ILE A 241 35.27 -19.76 -30.34
N THR A 242 34.15 -19.04 -30.34
CA THR A 242 34.09 -17.61 -30.01
C THR A 242 33.17 -17.31 -28.82
N ASN A 243 32.36 -18.30 -28.41
CA ASN A 243 31.31 -18.11 -27.39
C ASN A 243 30.96 -19.39 -26.61
N MET A 244 30.09 -19.25 -25.61
CA MET A 244 29.84 -20.33 -24.66
C MET A 244 29.20 -21.62 -25.17
N LEU A 245 28.23 -21.52 -26.05
CA LEU A 245 27.60 -22.73 -26.60
C LEU A 245 28.61 -23.53 -27.43
N ASP A 246 29.53 -22.83 -28.09
CA ASP A 246 30.61 -23.49 -28.85
C ASP A 246 31.56 -24.25 -27.92
N THR A 247 31.87 -23.67 -26.76
CA THR A 247 32.66 -24.38 -25.76
C THR A 247 31.99 -25.69 -25.35
N LEU A 248 30.67 -25.63 -25.17
CA LEU A 248 29.89 -26.79 -24.70
C LEU A 248 29.58 -27.83 -25.77
N MET A 249 29.52 -27.42 -27.03
CA MET A 249 29.24 -28.40 -28.08
C MET A 249 30.52 -29.06 -28.58
N GLN A 250 31.61 -28.29 -28.57
CA GLN A 250 32.96 -28.78 -28.88
C GLN A 250 33.36 -29.85 -27.87
N ALA A 251 33.05 -29.62 -26.61
CA ALA A 251 33.32 -30.59 -25.59
C ALA A 251 32.51 -31.88 -25.81
N LYS A 252 31.32 -31.72 -26.41
CA LYS A 252 30.34 -32.81 -26.62
C LYS A 252 30.74 -33.85 -27.70
N MET A 253 31.19 -33.36 -28.85
CA MET A 253 31.69 -34.25 -29.90
C MET A 253 33.11 -34.74 -29.57
N ASN A 254 33.77 -34.08 -28.61
CA ASN A 254 34.91 -34.67 -27.93
C ASN A 254 34.52 -35.76 -26.92
N SER A 255 33.41 -36.43 -27.22
CA SER A 255 32.89 -37.54 -26.40
C SER A 255 32.35 -38.69 -27.26
N ASP A 256 33.18 -39.12 -28.20
CA ASP A 256 33.10 -40.43 -28.90
C ASP A 256 34.52 -40.79 -29.41
N ASN A 257 35.11 -41.83 -28.81
CA ASN A 257 36.50 -42.23 -29.10
C ASN A 257 36.61 -43.43 -30.04
N GLY A 258 36.04 -44.57 -29.64
CA GLY A 258 36.12 -45.82 -30.42
C GLY A 258 34.87 -46.09 -31.23
N ASP A 263 33.93 -42.23 -25.09
CA ASP A 263 32.83 -41.38 -24.67
C ASP A 263 32.55 -41.54 -23.19
N GLN A 264 33.30 -40.81 -22.37
CA GLN A 264 33.08 -40.79 -20.92
C GLN A 264 32.45 -39.46 -20.49
N ASP A 265 32.48 -38.48 -21.40
CA ASP A 265 31.91 -37.16 -21.13
C ASP A 265 30.66 -36.81 -21.96
N SER A 266 30.06 -37.81 -22.62
CA SER A 266 28.87 -37.59 -23.46
C SER A 266 27.56 -37.54 -22.66
N GLU A 267 27.44 -38.45 -21.70
CA GLU A 267 26.30 -38.53 -20.78
C GLU A 267 26.11 -37.18 -20.05
N LEU A 268 27.23 -36.55 -19.69
CA LEU A 268 27.26 -35.25 -19.00
C LEU A 268 26.94 -34.04 -19.88
N LEU A 269 26.75 -34.25 -21.17
CA LEU A 269 26.48 -33.12 -22.04
C LEU A 269 25.30 -33.32 -22.98
N SER A 270 24.20 -33.89 -22.48
CA SER A 270 22.96 -33.96 -23.27
C SER A 270 22.39 -32.53 -23.48
N ASP A 271 21.41 -32.38 -24.37
CA ASP A 271 20.87 -31.06 -24.71
C ASP A 271 20.32 -30.35 -23.47
N ASN A 272 19.63 -31.11 -22.62
CA ASN A 272 19.15 -30.65 -21.32
C ASN A 272 20.26 -30.15 -20.38
N HIS A 273 21.37 -30.89 -20.33
CA HIS A 273 22.52 -30.43 -19.56
C HIS A 273 23.04 -29.12 -20.14
N ILE A 274 23.13 -29.03 -21.47
CA ILE A 274 23.58 -27.80 -22.16
C ILE A 274 22.60 -26.63 -21.96
N LEU A 275 21.31 -26.91 -22.16
CA LEU A 275 20.23 -25.93 -21.88
C LEU A 275 20.45 -25.22 -20.54
N THR A 276 20.58 -26.01 -19.48
CA THR A 276 20.50 -25.51 -18.13
C THR A 276 21.73 -24.69 -17.79
N THR A 277 22.85 -25.07 -18.38
CA THR A 277 24.09 -24.36 -18.14
C THR A 277 24.05 -22.96 -18.73
N ILE A 278 23.56 -22.87 -19.95
CA ILE A 278 23.42 -21.57 -20.58
C ILE A 278 22.42 -20.75 -19.78
N GLY A 279 21.34 -21.41 -19.36
CA GLY A 279 20.30 -20.80 -18.56
C GLY A 279 20.87 -20.12 -17.33
N ASP A 280 21.67 -20.89 -16.58
CA ASP A 280 22.34 -20.40 -15.39
C ASP A 280 23.19 -19.16 -15.67
N ILE A 281 23.88 -19.14 -16.80
CA ILE A 281 24.78 -18.04 -17.17
C ILE A 281 23.98 -16.84 -17.72
N PHE A 282 22.97 -17.15 -18.51
CA PHE A 282 22.00 -16.15 -19.00
C PHE A 282 21.27 -15.40 -17.86
N GLY A 283 20.77 -16.16 -16.89
CA GLY A 283 20.18 -15.63 -15.70
C GLY A 283 21.12 -14.89 -14.78
N ALA A 284 22.17 -15.59 -14.34
CA ALA A 284 23.17 -15.02 -13.43
C ALA A 284 23.75 -13.75 -14.02
N GLY A 285 23.91 -13.74 -15.34
CA GLY A 285 24.52 -12.62 -16.01
C GLY A 285 23.66 -11.37 -15.96
N VAL A 286 22.34 -11.54 -15.91
CA VAL A 286 21.47 -10.40 -16.07
C VAL A 286 21.00 -9.80 -14.74
N GLU A 287 20.56 -10.67 -13.85
CA GLU A 287 19.77 -10.27 -12.73
C GLU A 287 20.65 -9.71 -11.60
N THR A 288 21.78 -10.38 -11.34
CA THR A 288 22.77 -9.93 -10.40
C THR A 288 23.24 -8.52 -10.69
N THR A 289 23.76 -8.28 -11.90
CA THR A 289 24.40 -7.00 -12.14
C THR A 289 23.40 -5.85 -12.29
N THR A 290 22.20 -6.15 -12.75
CA THR A 290 21.14 -5.15 -12.82
C THR A 290 20.75 -4.71 -11.42
N SER A 291 20.75 -5.65 -10.48
CA SER A 291 20.39 -5.36 -9.12
C SER A 291 21.47 -4.46 -8.49
N VAL A 292 22.73 -4.81 -8.70
CA VAL A 292 23.81 -4.01 -8.16
C VAL A 292 23.86 -2.62 -8.76
N VAL A 293 23.64 -2.51 -10.06
CA VAL A 293 23.49 -1.15 -10.60
C VAL A 293 22.34 -0.39 -9.92
N LYS A 294 21.17 -1.01 -9.81
CA LYS A 294 20.04 -0.36 -9.15
C LYS A 294 20.42 0.10 -7.73
N TRP A 295 20.93 -0.83 -6.91
CA TRP A 295 21.51 -0.54 -5.60
C TRP A 295 22.51 0.61 -5.53
N THR A 296 23.48 0.64 -6.45
CA THR A 296 24.42 1.77 -6.58
C THR A 296 23.77 3.19 -6.77
N LEU A 297 22.83 3.30 -7.70
CA LEU A 297 22.12 4.59 -7.93
C LEU A 297 21.37 5.00 -6.69
N ALA A 298 20.70 4.02 -6.09
CA ALA A 298 19.96 4.22 -4.88
C ALA A 298 20.86 4.84 -3.80
N PHE A 299 22.01 4.24 -3.57
CA PHE A 299 22.96 4.77 -2.60
C PHE A 299 23.46 6.18 -2.96
N LEU A 300 23.69 6.45 -4.25
CA LEU A 300 24.15 7.79 -4.64
C LEU A 300 23.06 8.85 -4.43
N LEU A 301 21.81 8.47 -4.62
CA LEU A 301 20.67 9.34 -4.38
C LEU A 301 20.48 9.76 -2.90
N HIS A 302 20.85 8.85 -1.99
CA HIS A 302 20.82 9.09 -0.56
C HIS A 302 22.06 9.79 -0.07
N ASN A 303 23.11 9.77 -0.90
CA ASN A 303 24.40 10.34 -0.56
C ASN A 303 24.89 11.33 -1.66
N PRO A 304 24.30 12.55 -1.72
CA PRO A 304 24.77 13.50 -2.74
C PRO A 304 26.28 13.91 -2.61
N GLN A 305 26.84 13.97 -1.40
CA GLN A 305 28.27 14.29 -1.22
C GLN A 305 29.22 13.28 -1.93
N VAL A 306 28.93 12.01 -1.79
CA VAL A 306 29.65 10.98 -2.49
C VAL A 306 29.47 11.09 -4.01
N LYS A 307 28.27 11.48 -4.43
CA LYS A 307 27.91 11.60 -5.84
C LYS A 307 28.73 12.71 -6.51
N LYS A 308 28.74 13.89 -5.87
CA LYS A 308 29.52 15.07 -6.29
C LYS A 308 31.01 14.74 -6.41
N LYS A 309 31.59 14.17 -5.34
CA LYS A 309 32.97 13.73 -5.35
C LYS A 309 33.20 12.66 -6.43
N LEU A 310 32.15 12.05 -6.96
CA LEU A 310 32.37 11.09 -8.05
C LEU A 310 32.44 11.81 -9.38
N TYR A 311 31.68 12.89 -9.51
CA TYR A 311 31.73 13.74 -10.68
C TYR A 311 33.13 14.38 -10.85
N GLU A 312 33.61 14.99 -9.76
CA GLU A 312 34.90 15.65 -9.73
C GLU A 312 35.99 14.66 -10.13
N GLU A 313 36.00 13.48 -9.51
CA GLU A 313 37.02 12.47 -9.82
C GLU A 313 37.05 12.03 -11.30
N ILE A 314 35.89 11.82 -11.88
CA ILE A 314 35.80 11.41 -13.27
C ILE A 314 36.19 12.54 -14.24
N ASP A 315 35.88 13.78 -13.86
CA ASP A 315 36.23 14.99 -14.59
C ASP A 315 37.75 15.23 -14.60
N GLN A 316 38.36 15.04 -13.42
CA GLN A 316 39.78 15.29 -13.19
C GLN A 316 40.60 14.31 -13.96
N ASN A 317 40.06 13.11 -14.09
CA ASN A 317 40.86 11.96 -14.54
C ASN A 317 40.49 11.41 -15.90
N VAL A 318 39.23 11.56 -16.28
CA VAL A 318 38.85 11.11 -17.60
C VAL A 318 38.51 12.30 -18.45
N GLY A 319 37.84 13.29 -17.84
CA GLY A 319 37.34 14.44 -18.59
C GLY A 319 36.44 13.96 -19.71
N PHE A 320 36.16 14.84 -20.67
CA PHE A 320 35.14 14.57 -21.69
C PHE A 320 35.72 14.32 -23.08
N SER A 321 37.04 14.28 -23.18
CA SER A 321 37.68 14.14 -24.49
C SER A 321 37.38 12.77 -25.12
N ARG A 322 37.12 11.75 -24.30
CA ARG A 322 36.78 10.37 -24.74
C ARG A 322 35.78 9.72 -23.74
N THR A 323 35.42 8.46 -24.00
CA THR A 323 34.56 7.71 -23.10
C THR A 323 35.40 6.77 -22.22
N PRO A 324 34.89 6.40 -21.03
CA PRO A 324 35.65 5.65 -20.03
C PRO A 324 36.05 4.27 -20.48
N THR A 325 37.09 3.75 -19.86
CA THR A 325 37.79 2.56 -20.30
C THR A 325 38.13 1.63 -19.12
N ILE A 326 38.30 0.33 -19.37
CA ILE A 326 38.71 -0.61 -18.31
C ILE A 326 39.99 -0.18 -17.60
N SER A 327 40.92 0.38 -18.37
CA SER A 327 42.17 0.90 -17.81
C SER A 327 41.94 1.96 -16.72
N ASP A 328 40.75 2.57 -16.74
CA ASP A 328 40.45 3.75 -15.91
C ASP A 328 40.28 3.45 -14.41
N ARG A 329 40.11 2.17 -14.08
CA ARG A 329 39.97 1.75 -12.68
C ARG A 329 41.23 2.01 -11.81
N ASN A 330 42.34 2.35 -12.47
CA ASN A 330 43.58 2.74 -11.82
C ASN A 330 43.60 4.20 -11.37
N ARG A 331 42.65 5.01 -11.83
CA ARG A 331 42.56 6.40 -11.35
C ARG A 331 41.20 6.84 -10.77
N LEU A 332 40.11 6.18 -11.14
CA LEU A 332 38.79 6.46 -10.53
C LEU A 332 38.59 5.59 -9.29
N LEU A 333 39.36 5.92 -8.25
CA LEU A 333 39.52 5.05 -7.10
C LEU A 333 38.25 5.00 -6.25
N LEU A 334 37.63 6.18 -6.09
CA LEU A 334 36.44 6.35 -5.29
C LEU A 334 35.27 5.61 -5.92
N LEU A 335 35.25 5.54 -7.25
CA LEU A 335 34.28 4.68 -7.94
C LEU A 335 34.51 3.20 -7.64
N GLU A 336 35.76 2.74 -7.65
CA GLU A 336 36.07 1.37 -7.24
C GLU A 336 35.58 1.09 -5.82
N ALA A 337 35.78 2.05 -4.92
CA ALA A 337 35.44 1.93 -3.51
C ALA A 337 33.93 1.94 -3.26
N THR A 338 33.23 2.67 -4.09
CA THR A 338 31.79 2.72 -4.01
C THR A 338 31.24 1.33 -4.35
N ILE A 339 31.64 0.79 -5.50
CA ILE A 339 31.25 -0.58 -5.87
C ILE A 339 31.56 -1.61 -4.79
N ARG A 340 32.75 -1.51 -4.23
CA ARG A 340 33.17 -2.45 -3.23
C ARG A 340 32.25 -2.35 -2.03
N GLU A 341 31.79 -1.15 -1.74
CA GLU A 341 31.02 -0.86 -0.57
C GLU A 341 29.51 -1.15 -0.78
N VAL A 342 29.04 -1.05 -2.02
CA VAL A 342 27.74 -1.59 -2.31
C VAL A 342 27.78 -3.11 -2.15
N LEU A 343 28.84 -3.76 -2.63
CA LEU A 343 28.94 -5.20 -2.47
C LEU A 343 29.11 -5.65 -1.00
N ARG A 344 29.68 -4.79 -0.16
CA ARG A 344 29.75 -5.10 1.27
C ARG A 344 28.37 -5.00 1.86
N LEU A 345 27.82 -3.78 1.80
CA LEU A 345 26.63 -3.36 2.54
C LEU A 345 25.32 -4.03 2.11
N ARG A 346 25.16 -4.34 0.81
CA ARG A 346 23.98 -5.03 0.34
C ARG A 346 24.44 -6.16 -0.56
N PRO A 347 24.96 -7.22 0.04
CA PRO A 347 25.52 -8.23 -0.83
C PRO A 347 24.44 -8.87 -1.68
N VAL A 348 24.73 -9.09 -2.95
CA VAL A 348 23.80 -9.73 -3.83
C VAL A 348 23.23 -11.06 -3.26
N ALA A 349 24.09 -11.91 -2.72
CA ALA A 349 23.65 -13.05 -1.96
C ALA A 349 24.06 -12.97 -0.48
N PRO A 350 23.19 -12.39 0.36
CA PRO A 350 23.55 -12.23 1.81
C PRO A 350 23.85 -13.52 2.59
N MET A 351 23.43 -14.65 2.06
CA MET A 351 23.76 -15.98 2.58
C MET A 351 24.34 -16.86 1.44
N LEU A 352 25.08 -16.27 0.52
CA LEU A 352 25.61 -17.03 -0.63
C LEU A 352 24.49 -17.87 -1.20
N ILE A 353 24.80 -19.07 -1.62
CA ILE A 353 23.81 -20.08 -2.00
C ILE A 353 24.16 -21.21 -1.03
N PRO A 354 23.18 -22.01 -0.60
CA PRO A 354 23.47 -23.09 0.36
C PRO A 354 24.52 -24.15 -0.04
N HIS A 355 25.41 -24.41 0.90
CA HIS A 355 26.33 -25.49 0.76
C HIS A 355 25.77 -26.70 1.50
N LYS A 356 26.47 -27.83 1.39
CA LYS A 356 26.04 -29.12 1.92
C LYS A 356 27.28 -29.99 2.12
N ALA A 357 27.33 -30.72 3.22
CA ALA A 357 28.47 -31.57 3.50
C ALA A 357 28.43 -32.81 2.57
N ASN A 358 29.45 -32.98 1.74
CA ASN A 358 29.60 -34.16 0.88
C ASN A 358 29.89 -35.43 1.66
N VAL A 359 30.66 -35.27 2.74
CA VAL A 359 31.13 -36.37 3.57
C VAL A 359 31.06 -35.95 5.06
N ASP A 360 31.14 -36.92 5.99
CA ASP A 360 31.37 -36.62 7.42
C ASP A 360 32.53 -35.66 7.57
N SER A 361 32.32 -34.55 8.29
CA SER A 361 33.36 -33.52 8.41
C SER A 361 33.28 -32.73 9.74
N SER A 362 33.91 -31.55 9.76
CA SER A 362 33.92 -30.66 10.93
C SER A 362 34.00 -29.15 10.56
N ILE A 363 33.52 -28.28 11.44
CA ILE A 363 33.75 -26.84 11.32
C ILE A 363 34.07 -26.30 12.70
N GLY A 364 35.16 -25.52 12.82
CA GLY A 364 35.67 -25.02 14.10
C GLY A 364 35.75 -26.14 15.12
N GLU A 365 36.03 -27.34 14.58
CA GLU A 365 36.19 -28.62 15.27
C GLU A 365 34.89 -29.19 15.85
N PHE A 366 33.76 -28.68 15.38
CA PHE A 366 32.48 -29.32 15.63
C PHE A 366 32.14 -30.24 14.50
N ALA A 367 31.52 -31.37 14.83
CA ALA A 367 31.06 -32.41 13.90
C ALA A 367 30.00 -31.91 12.90
N VAL A 368 30.17 -32.21 11.63
CA VAL A 368 29.11 -31.98 10.67
C VAL A 368 28.88 -33.25 9.85
N ASP A 369 27.70 -33.87 10.01
CA ASP A 369 27.36 -35.10 9.26
C ASP A 369 27.19 -34.92 7.72
N LYS A 370 27.57 -35.93 6.94
CA LYS A 370 27.34 -35.95 5.49
C LYS A 370 25.92 -35.52 5.22
N GLY A 371 25.74 -34.69 4.20
CA GLY A 371 24.39 -34.26 3.79
C GLY A 371 23.73 -33.13 4.58
N THR A 372 24.45 -32.61 5.59
CA THR A 372 23.98 -31.49 6.41
C THR A 372 24.07 -30.20 5.60
N GLU A 373 23.02 -29.37 5.64
CA GLU A 373 23.00 -28.06 4.98
C GLU A 373 23.87 -27.08 5.76
N VAL A 374 24.72 -26.35 5.04
CA VAL A 374 25.59 -25.32 5.62
C VAL A 374 25.46 -23.99 4.92
N ILE A 375 25.10 -22.98 5.69
CA ILE A 375 24.95 -21.66 5.20
C ILE A 375 25.97 -20.75 5.86
N ILE A 376 26.69 -20.05 5.00
CA ILE A 376 27.50 -18.92 5.35
C ILE A 376 26.66 -17.66 5.29
N ASN A 377 26.62 -16.99 6.43
CA ASN A 377 25.95 -15.74 6.55
C ASN A 377 26.92 -14.62 6.17
N LEU A 378 27.03 -14.36 4.87
CA LEU A 378 27.85 -13.26 4.36
C LEU A 378 27.51 -11.91 5.05
N TRP A 379 26.22 -11.68 5.27
CA TRP A 379 25.76 -10.44 5.86
C TRP A 379 26.35 -10.24 7.25
N ALA A 380 26.40 -11.32 8.03
CA ALA A 380 27.07 -11.36 9.34
C ALA A 380 28.54 -10.95 9.23
N LEU A 381 29.27 -11.61 8.35
CA LEU A 381 30.64 -11.20 8.04
C LEU A 381 30.78 -9.74 7.66
N HIS A 382 29.87 -9.21 6.85
CA HIS A 382 30.00 -7.87 6.32
C HIS A 382 29.56 -6.78 7.31
N HIS A 383 28.87 -7.20 8.38
CA HIS A 383 28.41 -6.27 9.42
C HIS A 383 29.02 -6.57 10.77
N ASN A 384 29.98 -7.49 10.85
CA ASN A 384 30.68 -7.75 12.10
C ASN A 384 31.36 -6.46 12.60
N GLU A 385 30.87 -5.98 13.73
CA GLU A 385 31.29 -4.70 14.34
C GLU A 385 32.73 -4.68 14.89
N LYS A 386 33.36 -5.84 14.97
CA LYS A 386 34.75 -5.91 15.41
C LYS A 386 35.66 -5.74 14.20
N GLU A 387 35.08 -5.99 13.01
CA GLU A 387 35.80 -6.03 11.74
C GLU A 387 35.67 -4.75 10.87
N TRP A 388 34.69 -3.91 11.19
CA TRP A 388 34.35 -2.76 10.41
C TRP A 388 34.01 -1.59 11.30
N HIS A 389 34.40 -0.41 10.82
CA HIS A 389 33.94 0.80 11.43
C HIS A 389 32.52 1.09 10.88
N GLN A 390 31.54 1.22 11.77
CA GLN A 390 30.21 1.73 11.42
C GLN A 390 29.57 0.94 10.29
N PRO A 391 29.40 -0.39 10.47
CA PRO A 391 29.05 -1.35 9.44
C PRO A 391 27.70 -1.08 8.76
N ASP A 392 26.74 -0.57 9.51
CA ASP A 392 25.45 -0.08 9.00
C ASP A 392 25.55 1.02 7.94
N GLN A 393 26.66 1.75 7.91
CA GLN A 393 26.79 2.96 7.09
C GLN A 393 27.38 2.76 5.70
N PHE A 394 26.84 3.48 4.75
CA PHE A 394 27.46 3.65 3.48
C PHE A 394 28.72 4.55 3.58
N MET A 395 29.91 3.96 3.69
CA MET A 395 31.18 4.73 3.74
C MET A 395 32.17 4.19 2.72
N PRO A 396 32.16 4.74 1.49
CA PRO A 396 33.13 4.25 0.49
C PRO A 396 34.58 4.47 0.88
N GLU A 397 34.87 5.59 1.58
CA GLU A 397 36.19 5.93 2.18
C GLU A 397 36.88 4.75 2.91
N ARG A 398 36.09 3.81 3.41
CA ARG A 398 36.62 2.65 4.13
C ARG A 398 37.51 1.74 3.24
N PHE A 399 37.31 1.79 1.93
CA PHE A 399 38.18 1.05 1.02
C PHE A 399 39.32 1.95 0.49
N LEU A 400 39.48 3.11 1.11
CA LEU A 400 40.57 3.99 0.75
C LEU A 400 41.46 4.27 1.94
N ASN A 401 42.76 4.39 1.69
CA ASN A 401 43.69 4.98 2.65
C ASN A 401 43.16 6.34 3.06
N PRO A 402 43.55 6.87 4.24
CA PRO A 402 42.97 8.17 4.68
C PRO A 402 43.05 9.38 3.71
N ALA A 403 44.11 9.48 2.89
CA ALA A 403 44.28 10.63 1.96
C ALA A 403 43.54 10.43 0.64
N GLY A 404 43.16 9.20 0.33
CA GLY A 404 42.26 8.88 -0.79
C GLY A 404 42.97 8.59 -2.10
N THR A 405 44.23 8.21 -2.00
CA THR A 405 45.10 8.04 -3.16
C THR A 405 45.34 6.58 -3.54
N GLN A 406 44.90 5.65 -2.68
CA GLN A 406 44.92 4.23 -3.02
C GLN A 406 43.85 3.33 -2.34
N LEU A 407 43.44 2.29 -3.07
CA LEU A 407 42.54 1.28 -2.57
C LEU A 407 43.23 0.45 -1.51
N ILE A 408 42.52 0.13 -0.45
CA ILE A 408 42.99 -0.82 0.55
C ILE A 408 41.92 -1.88 0.85
N SER A 409 42.30 -2.89 1.64
CA SER A 409 41.40 -3.93 2.11
C SER A 409 41.32 -3.80 3.64
N PRO A 410 40.29 -3.11 4.14
CA PRO A 410 40.34 -2.81 5.59
C PRO A 410 39.97 -4.01 6.47
N SER A 411 39.51 -5.10 5.85
CA SER A 411 38.99 -6.24 6.60
C SER A 411 39.04 -7.56 5.83
N VAL A 412 39.41 -8.62 6.52
CA VAL A 412 39.41 -9.95 5.94
C VAL A 412 37.98 -10.47 5.89
N SER A 413 37.06 -9.81 6.60
CA SER A 413 35.65 -10.25 6.71
C SER A 413 34.81 -9.73 5.53
N TYR A 414 35.22 -10.12 4.33
CA TYR A 414 34.68 -9.58 3.11
C TYR A 414 34.80 -10.59 1.96
N LEU A 415 33.68 -11.21 1.59
CA LEU A 415 33.67 -12.24 0.57
C LEU A 415 32.49 -12.12 -0.38
N PRO A 416 32.32 -10.96 -1.01
CA PRO A 416 31.07 -10.73 -1.77
C PRO A 416 30.86 -11.79 -2.88
N PHE A 417 31.96 -12.30 -3.41
CA PHE A 417 31.91 -13.25 -4.50
C PHE A 417 32.13 -14.64 -4.00
N GLY A 418 31.95 -14.84 -2.68
CA GLY A 418 32.32 -16.08 -2.01
C GLY A 418 33.81 -16.40 -2.12
N ALA A 419 34.13 -17.69 -2.10
CA ALA A 419 35.49 -18.25 -2.15
C ALA A 419 35.49 -19.78 -2.35
N GLY A 420 36.55 -20.28 -2.98
CA GLY A 420 36.74 -21.74 -3.14
C GLY A 420 35.96 -22.32 -4.30
N PRO A 421 35.67 -23.64 -4.28
CA PRO A 421 35.06 -24.40 -5.38
C PRO A 421 33.65 -23.98 -5.80
N ARG A 422 32.92 -23.26 -4.94
CA ARG A 422 31.57 -22.81 -5.30
C ARG A 422 31.57 -21.34 -5.55
N SER A 423 32.73 -20.72 -5.51
CA SER A 423 32.84 -19.29 -5.67
C SER A 423 32.14 -18.88 -6.98
N CYS A 424 31.92 -17.58 -7.16
CA CYS A 424 31.33 -17.06 -8.38
C CYS A 424 32.29 -17.21 -9.56
N ILE A 425 31.79 -17.70 -10.67
CA ILE A 425 32.57 -17.76 -11.89
C ILE A 425 32.44 -16.51 -12.74
N GLY A 426 31.56 -15.58 -12.36
CA GLY A 426 31.26 -14.37 -13.14
C GLY A 426 31.81 -13.08 -12.60
N GLU A 427 32.69 -13.17 -11.59
CA GLU A 427 33.33 -12.01 -10.98
C GLU A 427 34.01 -11.05 -11.95
N ILE A 428 34.90 -11.56 -12.83
CA ILE A 428 35.57 -10.71 -13.82
C ILE A 428 34.56 -9.98 -14.71
N LEU A 429 33.59 -10.71 -15.27
CA LEU A 429 32.48 -10.06 -16.01
C LEU A 429 31.73 -9.00 -15.19
N ALA A 430 31.27 -9.39 -13.98
CA ALA A 430 30.54 -8.50 -13.08
C ALA A 430 31.30 -7.23 -12.81
N ARG A 431 32.59 -7.35 -12.51
CA ARG A 431 33.34 -6.22 -12.03
C ARG A 431 33.52 -5.16 -13.11
N GLN A 432 33.91 -5.60 -14.31
CA GLN A 432 34.02 -4.75 -15.49
C GLN A 432 32.69 -4.06 -15.82
N GLU A 433 31.64 -4.87 -15.90
CA GLU A 433 30.33 -4.37 -16.24
C GLU A 433 29.91 -3.22 -15.33
N LEU A 434 30.04 -3.41 -14.01
CA LEU A 434 29.56 -2.47 -12.99
C LEU A 434 30.35 -1.18 -12.99
N PHE A 435 31.67 -1.29 -13.06
CA PHE A 435 32.51 -0.12 -13.14
C PHE A 435 32.23 0.64 -14.44
N LEU A 436 32.04 -0.08 -15.52
CA LEU A 436 31.87 0.60 -16.78
C LEU A 436 30.54 1.32 -16.88
N ILE A 437 29.46 0.61 -16.50
CA ILE A 437 28.11 1.15 -16.48
C ILE A 437 28.11 2.42 -15.62
N MET A 438 28.71 2.35 -14.44
CA MET A 438 28.70 3.48 -13.52
C MET A 438 29.56 4.62 -14.04
N ALA A 439 30.69 4.26 -14.65
CA ALA A 439 31.57 5.26 -15.19
C ALA A 439 30.90 6.04 -16.33
N TRP A 440 30.40 5.34 -17.35
CA TRP A 440 29.69 6.02 -18.45
C TRP A 440 28.51 6.88 -17.99
N LEU A 441 27.76 6.38 -17.01
CA LEU A 441 26.55 7.03 -16.50
C LEU A 441 26.87 8.35 -15.80
N LEU A 442 27.89 8.33 -14.96
CA LEU A 442 28.40 9.55 -14.34
C LEU A 442 29.01 10.56 -15.34
N GLN A 443 29.85 10.11 -16.27
CA GLN A 443 30.46 11.04 -17.21
C GLN A 443 29.37 11.93 -17.78
N ARG A 444 28.30 11.28 -18.24
CA ARG A 444 27.25 11.88 -19.08
C ARG A 444 25.97 12.43 -18.37
N PHE A 445 25.55 11.82 -17.25
CA PHE A 445 24.26 12.17 -16.67
C PHE A 445 24.32 12.73 -15.29
N ASP A 446 23.58 13.82 -15.09
CA ASP A 446 23.13 14.19 -13.76
C ASP A 446 22.04 13.19 -13.36
N LEU A 447 22.21 12.62 -12.17
CA LEU A 447 21.24 11.66 -11.67
C LEU A 447 20.67 12.18 -10.35
N GLU A 448 19.39 12.55 -10.42
CA GLU A 448 18.75 13.32 -9.36
C GLU A 448 17.55 12.58 -8.76
N VAL A 449 17.17 13.02 -7.57
CA VAL A 449 15.91 12.66 -6.99
C VAL A 449 14.81 13.16 -7.93
N PRO A 450 13.84 12.29 -8.25
CA PRO A 450 12.75 12.66 -9.14
C PRO A 450 11.91 13.76 -8.48
N ASP A 451 11.05 14.43 -9.23
CA ASP A 451 10.48 15.72 -8.77
C ASP A 451 9.52 15.71 -7.54
N ASP A 452 8.95 14.56 -7.24
CA ASP A 452 8.47 14.32 -5.90
C ASP A 452 9.72 13.97 -5.09
N GLY A 453 9.84 14.37 -3.83
CA GLY A 453 11.10 14.07 -3.14
C GLY A 453 11.36 12.60 -2.82
N GLN A 454 10.78 11.68 -3.57
CA GLN A 454 10.81 10.26 -3.16
C GLN A 454 12.16 9.63 -3.38
N LEU A 455 12.73 9.18 -2.28
CA LEU A 455 13.97 8.44 -2.27
C LEU A 455 13.59 6.99 -2.18
N PRO A 456 14.35 6.13 -2.89
CA PRO A 456 14.23 4.70 -2.75
C PRO A 456 14.43 4.18 -1.30
N SER A 457 13.57 3.28 -0.83
CA SER A 457 13.88 2.50 0.36
C SER A 457 15.14 1.65 0.19
N LEU A 458 15.96 1.65 1.23
CA LEU A 458 17.20 0.87 1.23
C LEU A 458 17.06 -0.46 2.01
N GLU A 459 15.86 -0.72 2.52
CA GLU A 459 15.64 -1.98 3.22
C GLU A 459 16.00 -3.21 2.35
N GLY A 460 15.51 -3.25 1.12
CA GLY A 460 15.77 -4.39 0.27
C GLY A 460 14.67 -5.41 0.32
N ILE A 461 14.74 -6.38 -0.58
CA ILE A 461 13.75 -7.40 -0.77
C ILE A 461 14.57 -8.67 -1.00
N PRO A 462 14.65 -9.54 0.01
CA PRO A 462 15.50 -10.75 -0.22
C PRO A 462 14.79 -11.81 -1.03
N LYS A 463 15.39 -12.23 -2.14
CA LYS A 463 14.96 -13.35 -2.97
C LYS A 463 16.21 -14.16 -3.24
N VAL A 464 16.31 -14.89 -4.35
CA VAL A 464 17.62 -15.50 -4.70
C VAL A 464 18.68 -14.43 -4.79
N VAL A 465 18.28 -13.27 -5.25
CA VAL A 465 19.15 -12.15 -5.30
C VAL A 465 18.53 -11.18 -4.32
N PHE A 466 19.38 -10.42 -3.65
CA PHE A 466 18.96 -9.31 -2.79
C PHE A 466 18.62 -8.06 -3.61
N LEU A 467 17.33 -7.88 -3.88
CA LEU A 467 16.84 -6.84 -4.78
C LEU A 467 16.47 -5.57 -4.02
N ILE A 468 16.49 -4.43 -4.72
CA ILE A 468 15.93 -3.17 -4.18
C ILE A 468 14.53 -2.91 -4.77
N ASP A 469 13.58 -2.43 -3.96
CA ASP A 469 12.25 -1.97 -4.43
C ASP A 469 12.49 -1.07 -5.64
N SER A 470 11.58 -1.11 -6.59
CA SER A 470 11.76 -0.29 -7.77
C SER A 470 11.59 1.21 -7.45
N PHE A 471 12.32 2.02 -8.20
CA PHE A 471 12.38 3.46 -7.97
C PHE A 471 12.72 4.22 -9.24
N LYS A 472 12.38 5.50 -9.25
CA LYS A 472 12.70 6.37 -10.35
C LYS A 472 13.86 7.36 -10.03
N VAL A 473 14.56 7.78 -11.07
CA VAL A 473 15.55 8.85 -11.04
C VAL A 473 15.23 9.87 -12.10
N LYS A 474 15.35 11.15 -11.75
CA LYS A 474 15.37 12.21 -12.75
C LYS A 474 16.69 12.14 -13.47
N ILE A 475 16.62 11.91 -14.77
CA ILE A 475 17.82 11.88 -15.59
C ILE A 475 18.03 13.21 -16.35
N LYS A 476 19.24 13.77 -16.26
CA LYS A 476 19.60 14.98 -17.04
C LYS A 476 20.97 14.82 -17.69
N VAL A 477 21.07 15.26 -18.94
CA VAL A 477 22.34 15.40 -19.62
C VAL A 477 23.17 16.49 -18.92
N ARG A 478 24.44 16.17 -18.63
CA ARG A 478 25.34 17.05 -17.87
C ARG A 478 25.76 18.30 -18.62
N GLN A 479 25.64 19.45 -17.94
CA GLN A 479 26.06 20.76 -18.44
C GLN A 479 27.40 20.63 -19.16
N ALA A 480 28.36 20.09 -18.43
CA ALA A 480 29.74 20.02 -18.87
C ALA A 480 29.96 19.02 -20.02
N TRP A 481 29.01 18.10 -20.24
CA TRP A 481 29.12 17.12 -21.33
C TRP A 481 28.67 17.75 -22.62
N ARG A 482 27.69 18.65 -22.52
CA ARG A 482 27.14 19.38 -23.66
C ARG A 482 28.06 20.50 -24.11
N GLU A 483 28.63 21.21 -23.14
CA GLU A 483 29.79 22.10 -23.28
C GLU A 483 30.81 21.51 -24.25
N ALA A 484 31.48 20.44 -23.83
CA ALA A 484 32.51 19.79 -24.63
C ALA A 484 31.97 19.18 -25.93
N GLN A 485 30.83 19.68 -26.40
CA GLN A 485 30.29 19.26 -27.71
C GLN A 485 30.38 20.32 -28.84
N ALA A 486 30.79 21.55 -28.51
CA ALA A 486 30.94 22.68 -29.46
C ALA A 486 31.99 22.42 -30.53
N LEU B 13 -29.65 29.80 23.18
CA LEU B 13 -28.36 30.17 22.50
C LEU B 13 -28.48 30.55 21.00
N LEU B 14 -27.40 31.18 20.51
CA LEU B 14 -27.24 31.61 19.12
C LEU B 14 -26.41 30.56 18.37
N SER B 15 -26.74 30.31 17.09
CA SER B 15 -25.89 29.46 16.23
C SER B 15 -24.62 30.19 15.85
N LEU B 16 -23.54 29.45 15.62
CA LEU B 16 -22.24 30.04 15.28
C LEU B 16 -22.24 30.84 13.98
N PRO B 17 -21.61 32.04 13.98
CA PRO B 17 -21.31 32.78 12.76
C PRO B 17 -20.70 31.82 11.78
N LEU B 18 -21.18 31.87 10.54
CA LEU B 18 -20.84 30.92 9.51
C LEU B 18 -20.18 31.62 8.28
N VAL B 19 -18.93 31.28 7.97
CA VAL B 19 -18.21 32.00 6.91
C VAL B 19 -18.10 31.18 5.61
N GLY B 20 -18.45 29.90 5.70
CA GLY B 20 -18.33 29.03 4.56
C GLY B 20 -19.06 27.76 4.84
N SER B 21 -19.48 27.10 3.75
CA SER B 21 -20.29 25.89 3.81
C SER B 21 -20.12 25.10 2.51
N LEU B 22 -19.70 23.85 2.58
CA LEU B 22 -19.77 22.99 1.42
C LEU B 22 -20.67 21.81 1.75
N PRO B 23 -21.49 21.38 0.78
CA PRO B 23 -22.47 20.34 0.95
C PRO B 23 -21.86 18.97 1.20
N PHE B 24 -20.62 18.75 0.78
CA PHE B 24 -19.94 17.52 1.14
C PHE B 24 -18.45 17.74 1.36
N LEU B 25 -17.82 16.74 1.99
CA LEU B 25 -16.37 16.71 2.18
C LEU B 25 -15.60 16.62 0.88
N PRO B 26 -14.71 17.59 0.65
CA PRO B 26 -13.78 17.59 -0.50
C PRO B 26 -12.82 16.41 -0.44
N ARG B 27 -12.38 15.93 -1.58
CA ARG B 27 -11.49 14.76 -1.63
C ARG B 27 -11.98 13.49 -0.87
N HIS B 28 -13.27 13.39 -0.63
CA HIS B 28 -13.83 12.17 -0.07
C HIS B 28 -14.82 11.69 -1.14
N GLY B 29 -14.58 10.51 -1.70
CA GLY B 29 -15.37 9.99 -2.84
C GLY B 29 -15.11 10.68 -4.17
N HIS B 30 -15.81 10.27 -5.21
CA HIS B 30 -15.65 10.90 -6.50
C HIS B 30 -16.60 12.08 -6.67
N MET B 31 -16.07 13.21 -7.16
CA MET B 31 -16.85 14.41 -7.41
C MET B 31 -18.15 14.19 -8.21
N HIS B 32 -18.04 13.53 -9.38
CA HIS B 32 -19.23 13.20 -10.17
C HIS B 32 -20.29 12.45 -9.31
N ASN B 33 -19.86 11.51 -8.45
CA ASN B 33 -20.79 10.83 -7.54
C ASN B 33 -21.39 11.73 -6.47
N ASN B 34 -20.52 12.47 -5.77
CA ASN B 34 -20.90 13.44 -4.77
C ASN B 34 -21.97 14.42 -5.26
N PHE B 35 -21.78 14.96 -6.46
CA PHE B 35 -22.75 15.82 -7.06
C PHE B 35 -24.07 15.10 -7.31
N PHE B 36 -24.00 13.88 -7.80
CA PHE B 36 -25.16 13.12 -8.15
C PHE B 36 -26.04 12.81 -6.90
N LYS B 37 -25.38 12.41 -5.82
CA LYS B 37 -26.04 12.10 -4.53
C LYS B 37 -26.77 13.28 -3.96
N LEU B 38 -26.30 14.48 -4.25
CA LEU B 38 -26.95 15.68 -3.75
C LEU B 38 -28.26 16.01 -4.48
N GLN B 39 -28.52 15.27 -5.56
CA GLN B 39 -29.70 15.52 -6.40
C GLN B 39 -31.00 15.16 -5.69
N LYS B 40 -30.93 14.09 -4.89
CA LYS B 40 -32.05 13.68 -4.02
C LYS B 40 -32.49 14.86 -3.14
N LYS B 41 -31.53 15.58 -2.57
CA LYS B 41 -31.81 16.72 -1.67
C LYS B 41 -32.23 17.99 -2.41
N TYR B 42 -31.52 18.35 -3.48
CA TYR B 42 -31.69 19.65 -4.10
C TYR B 42 -32.25 19.65 -5.50
N GLY B 43 -32.37 18.50 -6.15
CA GLY B 43 -32.80 18.45 -7.55
C GLY B 43 -31.66 18.46 -8.55
N PRO B 44 -31.95 18.37 -9.85
CA PRO B 44 -30.96 18.14 -10.93
C PRO B 44 -30.10 19.35 -11.35
N ILE B 45 -30.28 20.48 -10.69
CA ILE B 45 -29.55 21.65 -10.99
C ILE B 45 -29.43 22.58 -9.78
N TYR B 46 -28.20 22.87 -9.39
CA TYR B 46 -27.91 23.73 -8.28
C TYR B 46 -26.58 24.40 -8.55
N SER B 47 -26.18 25.26 -7.64
CA SER B 47 -24.97 25.99 -7.82
C SER B 47 -24.16 26.12 -6.53
N VAL B 48 -22.87 26.36 -6.76
CA VAL B 48 -21.85 26.61 -5.75
C VAL B 48 -21.14 27.95 -6.05
N ARG B 49 -20.88 28.75 -5.00
CA ARG B 49 -20.17 30.04 -5.10
C ARG B 49 -18.77 29.97 -4.43
N MET B 50 -17.73 30.13 -5.25
CA MET B 50 -16.32 30.21 -4.77
C MET B 50 -15.74 31.63 -4.86
N GLY B 51 -15.82 32.38 -3.76
CA GLY B 51 -15.52 33.81 -3.82
C GLY B 51 -16.41 34.43 -4.88
N THR B 52 -15.82 34.92 -5.98
CA THR B 52 -16.65 35.49 -7.06
C THR B 52 -17.21 34.46 -8.04
N LYS B 53 -16.37 33.54 -8.51
CA LYS B 53 -16.78 32.42 -9.38
C LYS B 53 -18.01 31.61 -8.89
N THR B 54 -19.13 31.76 -9.60
CA THR B 54 -20.27 30.89 -9.41
C THR B 54 -20.16 29.69 -10.38
N THR B 55 -20.45 28.48 -9.86
CA THR B 55 -20.49 27.26 -10.66
C THR B 55 -21.85 26.58 -10.59
N VAL B 56 -22.38 26.17 -11.75
CA VAL B 56 -23.65 25.44 -11.78
C VAL B 56 -23.45 24.01 -12.26
N ILE B 57 -24.09 23.06 -11.55
CA ILE B 57 -24.07 21.64 -11.91
C ILE B 57 -25.43 21.18 -12.44
N VAL B 58 -25.39 20.31 -13.44
CA VAL B 58 -26.59 19.91 -14.17
C VAL B 58 -26.76 18.39 -14.17
N GLY B 59 -27.81 17.91 -13.46
CA GLY B 59 -28.01 16.46 -13.20
C GLY B 59 -28.97 15.66 -14.08
N HIS B 60 -29.69 16.32 -14.97
CA HIS B 60 -30.78 15.69 -15.75
C HIS B 60 -30.66 15.98 -17.25
N HIS B 61 -30.96 14.98 -18.07
CA HIS B 61 -30.78 15.01 -19.55
C HIS B 61 -31.49 16.17 -20.26
N GLN B 62 -32.67 16.54 -19.77
CA GLN B 62 -33.48 17.59 -20.34
C GLN B 62 -32.74 18.93 -20.19
N LEU B 63 -32.24 19.17 -18.98
CA LEU B 63 -31.43 20.37 -18.72
C LEU B 63 -30.08 20.29 -19.43
N ALA B 64 -29.53 19.09 -19.55
CA ALA B 64 -28.22 18.96 -20.23
C ALA B 64 -28.33 19.35 -21.71
N LYS B 65 -29.36 18.85 -22.37
CA LYS B 65 -29.57 19.13 -23.79
C LYS B 65 -29.91 20.59 -24.06
N GLU B 66 -30.43 21.31 -23.05
CA GLU B 66 -30.56 22.79 -23.13
C GLU B 66 -29.21 23.49 -23.10
N VAL B 67 -28.31 23.05 -22.21
CA VAL B 67 -26.93 23.57 -22.17
C VAL B 67 -26.15 23.21 -23.43
N LEU B 68 -26.20 21.94 -23.81
CA LEU B 68 -25.38 21.43 -24.88
C LEU B 68 -25.89 21.77 -26.30
N ILE B 69 -27.20 21.74 -26.50
CA ILE B 69 -27.78 21.77 -27.85
C ILE B 69 -28.53 23.05 -28.23
N LYS B 70 -29.61 23.34 -27.51
CA LYS B 70 -30.58 24.42 -27.83
C LYS B 70 -30.07 25.80 -27.46
N LYS B 71 -29.36 25.88 -26.34
CA LYS B 71 -28.56 27.06 -26.06
C LYS B 71 -27.09 26.72 -26.24
N GLY B 72 -26.85 25.82 -27.18
CA GLY B 72 -25.54 25.36 -27.54
C GLY B 72 -24.49 26.44 -27.60
N LYS B 73 -24.70 27.46 -28.42
CA LYS B 73 -23.69 28.52 -28.60
C LYS B 73 -23.51 29.41 -27.35
N ASP B 74 -24.56 29.56 -26.53
CA ASP B 74 -24.53 30.36 -25.28
C ASP B 74 -23.59 29.80 -24.19
N PHE B 75 -23.52 28.47 -24.12
CA PHE B 75 -22.76 27.76 -23.10
C PHE B 75 -21.51 27.08 -23.66
N SER B 76 -20.95 27.65 -24.71
CA SER B 76 -19.83 27.02 -25.41
C SER B 76 -18.46 27.53 -24.98
N GLY B 77 -18.44 28.36 -23.95
CA GLY B 77 -17.20 28.83 -23.36
C GLY B 77 -16.52 27.76 -22.51
N ARG B 78 -15.25 28.01 -22.22
CA ARG B 78 -14.51 27.23 -21.24
C ARG B 78 -14.01 28.22 -20.22
N PRO B 79 -14.15 27.90 -18.91
CA PRO B 79 -13.57 28.69 -17.81
C PRO B 79 -12.07 28.69 -17.91
N GLN B 80 -11.46 29.79 -17.49
CA GLN B 80 -10.01 29.83 -17.44
C GLN B 80 -9.53 29.23 -16.10
N MET B 81 -8.46 28.44 -16.14
CA MET B 81 -7.83 27.82 -14.97
C MET B 81 -6.30 27.78 -15.12
N ALA B 82 -5.57 28.06 -14.03
CA ALA B 82 -4.10 28.15 -14.08
C ALA B 82 -3.45 26.96 -14.77
N THR B 83 -3.86 25.76 -14.37
CA THR B 83 -3.44 24.49 -14.95
C THR B 83 -3.71 24.31 -16.45
N LEU B 84 -4.94 24.57 -16.86
CA LEU B 84 -5.32 24.43 -18.23
C LEU B 84 -4.50 25.42 -19.10
N ASP B 85 -4.25 26.61 -18.57
CA ASP B 85 -3.39 27.62 -19.22
C ASP B 85 -2.05 27.07 -19.67
N ILE B 86 -1.48 26.20 -18.85
CA ILE B 86 -0.16 25.68 -19.16
C ILE B 86 -0.22 24.57 -20.20
N ALA B 87 -1.14 23.62 -20.04
CA ALA B 87 -1.34 22.53 -21.00
C ALA B 87 -1.74 23.02 -22.41
N SER B 88 -2.43 24.15 -22.46
CA SER B 88 -2.97 24.72 -23.69
C SER B 88 -2.16 25.89 -24.35
N ASN B 89 -1.02 26.28 -23.75
CA ASN B 89 -0.22 27.48 -24.13
C ASN B 89 -1.05 28.79 -24.21
N ASN B 90 -1.83 29.00 -23.16
CA ASN B 90 -2.71 30.13 -22.93
C ASN B 90 -3.94 30.11 -23.85
N ARG B 91 -4.72 29.06 -23.63
CA ARG B 91 -6.02 28.84 -24.27
C ARG B 91 -6.05 28.74 -25.79
N LYS B 92 -4.97 28.30 -26.39
CA LYS B 92 -4.99 27.92 -27.80
C LYS B 92 -5.45 26.45 -27.94
N GLY B 93 -5.51 25.91 -29.15
CA GLY B 93 -5.90 24.51 -29.37
C GLY B 93 -7.42 24.42 -29.47
N ILE B 94 -8.01 23.28 -29.08
CA ILE B 94 -9.46 23.08 -29.14
C ILE B 94 -10.16 22.95 -27.77
N ALA B 95 -9.78 21.94 -26.97
CA ALA B 95 -10.56 21.52 -25.81
C ALA B 95 -10.62 22.59 -24.76
N PHE B 96 -9.49 23.23 -24.48
CA PHE B 96 -9.40 24.23 -23.44
C PHE B 96 -9.43 25.66 -23.96
N ALA B 97 -9.51 25.80 -25.29
CA ALA B 97 -9.71 27.13 -25.85
C ALA B 97 -11.11 27.58 -25.55
N ASP B 98 -11.24 28.85 -25.15
CA ASP B 98 -12.52 29.54 -25.03
C ASP B 98 -13.20 29.70 -26.41
N SER B 99 -14.52 29.84 -26.42
CA SER B 99 -15.28 30.12 -27.64
C SER B 99 -14.88 31.49 -28.32
N GLY B 100 -14.86 31.52 -29.63
CA GLY B 100 -14.26 32.62 -30.40
C GLY B 100 -13.83 32.14 -31.79
N ALA B 101 -13.35 33.06 -32.64
CA ALA B 101 -12.86 32.70 -33.98
C ALA B 101 -11.66 31.73 -33.89
N HIS B 102 -10.82 31.91 -32.87
CA HIS B 102 -9.66 31.05 -32.57
C HIS B 102 -10.08 29.55 -32.48
N TRP B 103 -10.88 29.25 -31.48
CA TRP B 103 -11.53 27.94 -31.37
C TRP B 103 -12.30 27.42 -32.61
N GLN B 104 -13.10 28.30 -33.25
CA GLN B 104 -14.01 27.87 -34.30
C GLN B 104 -13.19 27.38 -35.48
N LEU B 105 -12.11 28.10 -35.75
CA LEU B 105 -11.28 27.81 -36.89
C LEU B 105 -10.52 26.49 -36.69
N HIS B 106 -9.92 26.33 -35.51
CA HIS B 106 -9.11 25.15 -35.27
C HIS B 106 -9.92 23.89 -35.15
N ARG B 107 -11.12 23.99 -34.56
CA ARG B 107 -12.03 22.84 -34.49
C ARG B 107 -12.51 22.39 -35.84
N ARG B 108 -12.86 23.35 -36.70
CA ARG B 108 -13.36 23.04 -38.03
C ARG B 108 -12.27 22.38 -38.84
N LEU B 109 -11.07 22.93 -38.73
CA LEU B 109 -9.89 22.43 -39.46
C LEU B 109 -9.53 21.02 -39.03
N ALA B 110 -9.58 20.79 -37.71
CA ALA B 110 -9.48 19.46 -37.19
C ALA B 110 -10.56 18.55 -37.73
N MET B 111 -11.82 18.99 -37.68
CA MET B 111 -12.93 18.20 -38.26
C MET B 111 -12.73 17.84 -39.76
N ALA B 112 -12.45 18.85 -40.59
CA ALA B 112 -12.16 18.65 -42.03
C ALA B 112 -11.10 17.59 -42.29
N THR B 113 -10.02 17.58 -41.53
CA THR B 113 -9.00 16.54 -41.68
C THR B 113 -9.55 15.14 -41.62
N PHE B 114 -10.62 14.94 -40.84
CA PHE B 114 -11.20 13.59 -40.78
C PHE B 114 -11.83 13.15 -42.11
N ALA B 115 -12.26 14.12 -42.90
CA ALA B 115 -12.86 13.87 -44.21
C ALA B 115 -11.84 13.48 -45.28
N LEU B 116 -10.56 13.69 -44.99
CA LEU B 116 -9.49 13.22 -45.87
C LEU B 116 -9.05 11.78 -45.57
N PHE B 117 -9.84 11.08 -44.77
CA PHE B 117 -9.57 9.67 -44.43
C PHE B 117 -10.83 8.82 -44.64
N LYS B 118 -11.73 9.34 -45.46
CA LYS B 118 -13.03 8.68 -45.68
C LYS B 118 -12.99 7.39 -46.54
N ASP B 119 -12.07 7.28 -47.52
CA ASP B 119 -12.15 6.16 -48.50
C ASP B 119 -10.95 5.83 -49.44
N GLY B 120 -10.76 4.53 -49.65
CA GLY B 120 -10.01 3.97 -50.79
C GLY B 120 -8.52 3.70 -50.64
N ASP B 121 -7.80 4.77 -50.33
CA ASP B 121 -6.33 4.81 -50.46
C ASP B 121 -5.67 4.77 -49.08
N GLN B 122 -6.01 5.77 -48.24
CA GLN B 122 -5.62 5.80 -46.83
C GLN B 122 -6.90 5.93 -45.96
N LYS B 123 -7.79 4.94 -46.14
CA LYS B 123 -9.06 4.73 -45.43
C LYS B 123 -8.79 4.54 -43.95
N LEU B 124 -9.60 5.15 -43.09
CA LEU B 124 -9.32 5.21 -41.65
C LEU B 124 -9.24 3.83 -41.00
N GLU B 125 -10.08 2.91 -41.50
CA GLU B 125 -10.05 1.48 -41.15
C GLU B 125 -8.68 0.88 -41.39
N LYS B 126 -8.14 1.08 -42.60
CA LYS B 126 -6.86 0.50 -43.02
C LYS B 126 -5.68 0.88 -42.12
N ILE B 127 -5.65 2.14 -41.71
CA ILE B 127 -4.60 2.68 -40.86
C ILE B 127 -4.61 1.99 -39.46
N ILE B 128 -5.83 1.87 -38.91
CA ILE B 128 -6.12 1.24 -37.63
C ILE B 128 -5.77 -0.25 -37.64
N CYS B 129 -6.16 -0.95 -38.72
CA CYS B 129 -5.89 -2.39 -38.87
C CYS B 129 -4.39 -2.73 -38.98
N GLN B 130 -3.65 -1.99 -39.81
CA GLN B 130 -2.19 -2.15 -39.92
C GLN B 130 -1.58 -2.16 -38.52
N GLU B 131 -1.92 -1.16 -37.72
CA GLU B 131 -1.35 -1.00 -36.39
C GLU B 131 -1.90 -2.02 -35.38
N ILE B 132 -3.16 -2.40 -35.53
CA ILE B 132 -3.72 -3.45 -34.67
C ILE B 132 -3.00 -4.76 -34.96
N SER B 133 -2.63 -4.97 -36.23
CA SER B 133 -1.87 -6.14 -36.65
C SER B 133 -0.49 -6.25 -35.96
N THR B 134 0.28 -5.17 -35.95
CA THR B 134 1.57 -5.14 -35.24
C THR B 134 1.38 -5.41 -33.72
N LEU B 135 0.42 -4.71 -33.11
CA LEU B 135 -0.07 -4.94 -31.75
C LEU B 135 -0.33 -6.41 -31.44
N CYS B 136 -1.19 -7.03 -32.24
CA CYS B 136 -1.50 -8.44 -32.07
C CYS B 136 -0.26 -9.33 -32.22
N ASP B 137 0.64 -8.98 -33.14
CA ASP B 137 1.82 -9.81 -33.34
C ASP B 137 2.75 -9.66 -32.12
N MET B 138 2.92 -8.43 -31.62
CA MET B 138 3.66 -8.14 -30.39
C MET B 138 3.04 -8.88 -29.19
N LEU B 139 1.71 -8.89 -29.09
CA LEU B 139 1.08 -9.47 -27.90
C LEU B 139 1.26 -10.98 -27.85
N ALA B 140 1.16 -11.64 -29.02
CA ALA B 140 1.31 -13.10 -29.17
C ALA B 140 2.59 -13.69 -28.62
N THR B 141 3.65 -12.89 -28.66
CA THR B 141 4.96 -13.30 -28.18
C THR B 141 4.93 -13.52 -26.68
N HIS B 142 3.98 -12.83 -26.01
CA HIS B 142 3.71 -12.95 -24.56
C HIS B 142 2.79 -14.13 -24.20
N ASN B 143 2.59 -15.03 -25.18
CA ASN B 143 1.83 -16.28 -25.04
C ASN B 143 2.13 -17.06 -23.76
N GLY B 144 1.13 -17.19 -22.88
CA GLY B 144 1.30 -17.81 -21.59
C GLY B 144 1.59 -16.80 -20.50
N GLN B 145 1.80 -15.54 -20.85
CA GLN B 145 2.28 -14.64 -19.82
C GLN B 145 1.22 -13.65 -19.39
N SER B 146 1.44 -13.08 -18.22
CA SER B 146 0.61 -12.00 -17.67
C SER B 146 1.31 -10.68 -17.86
N ILE B 147 0.70 -9.78 -18.62
CA ILE B 147 1.28 -8.46 -18.92
C ILE B 147 0.33 -7.30 -18.64
N ASP B 148 0.92 -6.11 -18.53
CA ASP B 148 0.18 -4.85 -18.60
C ASP B 148 0.14 -4.46 -20.07
N ILE B 149 -1.04 -4.50 -20.66
CA ILE B 149 -1.21 -4.19 -22.09
C ILE B 149 -1.29 -2.68 -22.45
N SER B 150 -1.22 -1.81 -21.44
CA SER B 150 -1.21 -0.35 -21.63
C SER B 150 -0.29 0.14 -22.78
N PHE B 151 1.01 -0.01 -22.61
CA PHE B 151 2.00 0.47 -23.54
C PHE B 151 1.88 -0.15 -24.98
N PRO B 152 1.67 -1.48 -25.11
CA PRO B 152 1.30 -2.00 -26.46
C PRO B 152 0.10 -1.26 -27.08
N VAL B 153 -0.99 -1.09 -26.34
CA VAL B 153 -2.16 -0.39 -26.88
C VAL B 153 -1.87 1.11 -27.13
N PHE B 154 -1.14 1.72 -26.20
CA PHE B 154 -0.76 3.11 -26.31
C PHE B 154 0.10 3.36 -27.56
N VAL B 155 1.11 2.50 -27.75
CA VAL B 155 1.85 2.46 -28.99
C VAL B 155 0.93 2.36 -30.22
N ALA B 156 0.05 1.36 -30.28
CA ALA B 156 -0.72 1.15 -31.50
C ALA B 156 -1.62 2.35 -31.88
N VAL B 157 -2.12 3.09 -30.89
CA VAL B 157 -2.93 4.27 -31.13
C VAL B 157 -2.15 5.57 -31.33
N THR B 158 -0.95 5.65 -30.76
CA THR B 158 -0.04 6.75 -31.03
C THR B 158 0.35 6.72 -32.50
N ASN B 159 0.53 5.52 -33.04
CA ASN B 159 0.86 5.35 -34.45
C ASN B 159 -0.25 5.86 -35.31
N VAL B 160 -1.48 5.50 -34.97
CA VAL B 160 -2.64 5.97 -35.74
C VAL B 160 -2.76 7.48 -35.74
N ILE B 161 -2.70 8.07 -34.54
CA ILE B 161 -2.86 9.50 -34.43
C ILE B 161 -1.68 10.20 -35.12
N SER B 162 -0.53 9.56 -35.12
CA SER B 162 0.64 10.15 -35.68
C SER B 162 0.52 10.11 -37.19
N LEU B 163 0.06 8.97 -37.73
CA LEU B 163 -0.28 8.87 -39.14
C LEU B 163 -1.30 9.92 -39.55
N ILE B 164 -2.36 10.10 -38.78
CA ILE B 164 -3.35 11.10 -39.15
C ILE B 164 -2.71 12.47 -39.10
N CYS B 165 -1.73 12.63 -38.22
CA CYS B 165 -1.23 13.96 -37.93
C CYS B 165 -0.18 14.50 -38.93
N PHE B 166 0.76 13.63 -39.29
CA PHE B 166 1.92 13.99 -40.08
C PHE B 166 2.25 12.94 -41.16
N ASN B 167 1.52 11.82 -41.22
CA ASN B 167 1.84 10.70 -42.12
C ASN B 167 3.16 9.95 -41.74
N THR B 168 3.55 10.10 -40.47
CA THR B 168 4.70 9.34 -39.90
C THR B 168 4.21 8.33 -38.85
N SER B 169 5.01 7.32 -38.57
CA SER B 169 4.67 6.38 -37.53
C SER B 169 5.97 5.90 -36.99
N TYR B 170 5.95 5.48 -35.74
CA TYR B 170 7.16 5.09 -35.07
C TYR B 170 7.41 3.62 -35.36
N LYS B 171 8.65 3.23 -35.62
CA LYS B 171 8.91 1.81 -35.76
C LYS B 171 9.03 1.21 -34.40
N ASN B 172 9.05 -0.11 -34.32
CA ASN B 172 9.20 -0.80 -33.04
C ASN B 172 10.38 -0.32 -32.17
N GLY B 173 10.07 0.12 -30.95
CA GLY B 173 11.11 0.44 -29.98
C GLY B 173 11.90 1.73 -30.17
N ASP B 174 11.36 2.64 -30.98
CA ASP B 174 11.78 4.03 -30.94
C ASP B 174 11.53 4.60 -29.53
N PRO B 175 12.59 5.05 -28.85
CA PRO B 175 12.47 5.52 -27.46
C PRO B 175 11.66 6.80 -27.28
N GLU B 176 11.23 7.42 -28.37
CA GLU B 176 10.45 8.63 -28.29
C GLU B 176 9.04 8.31 -27.77
N LEU B 177 8.59 7.08 -28.03
CA LEU B 177 7.38 6.52 -27.43
C LEU B 177 7.42 6.55 -25.91
N ASN B 178 8.55 6.09 -25.35
CA ASN B 178 8.77 6.13 -23.89
C ASN B 178 8.75 7.56 -23.38
N VAL B 179 9.31 8.48 -24.15
CA VAL B 179 9.32 9.91 -23.76
C VAL B 179 7.92 10.47 -23.61
N ILE B 180 7.05 10.17 -24.58
CA ILE B 180 5.70 10.74 -24.65
C ILE B 180 4.83 10.09 -23.56
N GLN B 181 5.01 8.79 -23.44
CA GLN B 181 4.36 8.05 -22.39
C GLN B 181 4.71 8.67 -21.06
N ASN B 182 5.99 8.96 -20.83
CA ASN B 182 6.34 9.61 -19.64
C ASN B 182 5.64 10.99 -19.49
N TYR B 183 5.70 11.87 -20.51
CA TYR B 183 5.08 13.23 -20.31
C TYR B 183 3.56 13.18 -20.30
N ASN B 184 2.97 12.21 -20.98
CA ASN B 184 1.54 12.03 -20.81
C ASN B 184 1.14 11.73 -19.37
N GLU B 185 1.68 10.67 -18.77
CA GLU B 185 1.45 10.34 -17.39
C GLU B 185 1.62 11.58 -16.46
N GLY B 186 2.68 12.36 -16.72
CA GLY B 186 3.04 13.55 -15.97
C GLY B 186 2.03 14.67 -16.04
N ILE B 187 1.66 15.04 -17.26
CA ILE B 187 0.68 16.08 -17.54
C ILE B 187 -0.68 15.72 -16.94
N ILE B 188 -1.10 14.48 -17.17
CA ILE B 188 -2.34 13.95 -16.62
C ILE B 188 -2.31 13.99 -15.11
N ASP B 189 -1.22 13.56 -14.49
CA ASP B 189 -1.06 13.57 -13.02
C ASP B 189 -1.18 14.95 -12.41
N ASN B 190 -0.49 15.90 -13.03
CA ASN B 190 -0.45 17.26 -12.53
C ASN B 190 -1.61 18.17 -12.97
N LEU B 191 -2.34 17.77 -14.00
CA LEU B 191 -3.35 18.63 -14.62
C LEU B 191 -4.53 18.93 -13.68
N SER B 192 -4.93 17.92 -12.93
CA SER B 192 -5.81 18.07 -11.78
C SER B 192 -5.54 16.94 -10.81
N LYS B 193 -5.79 17.18 -9.53
CA LYS B 193 -5.60 16.17 -8.50
C LYS B 193 -6.58 15.03 -8.78
N ASP B 194 -7.87 15.34 -8.81
CA ASP B 194 -8.87 14.37 -9.24
C ASP B 194 -9.41 14.89 -10.60
N SER B 195 -10.73 15.12 -10.60
CA SER B 195 -11.41 15.79 -11.68
C SER B 195 -10.90 17.25 -11.95
N LEU B 196 -11.20 17.77 -13.15
CA LEU B 196 -11.00 19.19 -13.49
C LEU B 196 -11.85 20.13 -12.61
N VAL B 197 -12.96 19.60 -12.12
CA VAL B 197 -13.86 20.28 -11.22
C VAL B 197 -13.31 20.22 -9.83
N ASP B 198 -12.72 21.32 -9.40
CA ASP B 198 -12.28 21.50 -8.03
C ASP B 198 -13.20 22.49 -7.29
N LEU B 199 -13.82 22.04 -6.22
CA LEU B 199 -14.61 23.00 -5.42
C LEU B 199 -13.70 24.06 -4.79
N VAL B 200 -12.71 23.62 -4.00
CA VAL B 200 -11.74 24.50 -3.33
C VAL B 200 -10.47 24.56 -4.19
N PRO B 201 -9.97 25.79 -4.49
CA PRO B 201 -8.76 26.01 -5.29
C PRO B 201 -7.43 25.84 -4.50
N TRP B 202 -7.17 24.62 -4.04
CA TRP B 202 -5.98 24.32 -3.25
C TRP B 202 -4.62 24.79 -3.80
N LEU B 203 -4.41 24.72 -5.11
CA LEU B 203 -3.07 24.99 -5.63
C LEU B 203 -2.64 26.46 -5.44
N LYS B 204 -3.60 27.27 -4.96
CA LYS B 204 -3.37 28.67 -4.66
C LYS B 204 -3.26 29.04 -3.16
N ILE B 205 -3.80 28.21 -2.27
CA ILE B 205 -3.74 28.39 -0.79
C ILE B 205 -2.48 27.86 -0.09
N PHE B 206 -1.88 26.81 -0.65
CA PHE B 206 -0.71 26.22 0.01
C PHE B 206 0.44 26.18 -0.97
N PRO B 207 1.66 26.48 -0.52
CA PRO B 207 2.85 26.31 -1.38
C PRO B 207 2.88 24.91 -1.94
N ASN B 208 3.10 24.81 -3.26
CA ASN B 208 3.19 23.52 -3.92
C ASN B 208 3.86 23.70 -5.27
N LYS B 209 4.39 22.60 -5.79
CA LYS B 209 5.16 22.60 -7.03
C LYS B 209 4.34 22.12 -8.22
N THR B 210 3.03 22.09 -8.09
CA THR B 210 2.23 21.50 -9.14
C THR B 210 2.39 22.19 -10.50
N LEU B 211 2.28 23.51 -10.51
CA LEU B 211 2.46 24.26 -11.77
C LEU B 211 3.85 24.03 -12.34
N GLU B 212 4.86 24.04 -11.48
CA GLU B 212 6.25 23.81 -11.89
C GLU B 212 6.43 22.46 -12.52
N LYS B 213 5.83 21.44 -11.94
CA LYS B 213 6.00 20.10 -12.52
C LYS B 213 5.31 20.07 -13.88
N LEU B 214 4.11 20.69 -13.95
CA LEU B 214 3.28 20.71 -15.16
C LEU B 214 4.01 21.40 -16.32
N LYS B 215 4.60 22.60 -16.07
CA LYS B 215 5.44 23.30 -17.06
C LYS B 215 6.61 22.44 -17.50
N SER B 216 7.19 21.67 -16.59
CA SER B 216 8.34 20.86 -16.99
C SER B 216 7.95 19.78 -17.94
N HIS B 217 6.78 19.19 -17.72
CA HIS B 217 6.27 18.13 -18.61
C HIS B 217 5.89 18.72 -19.94
N VAL B 218 5.23 19.87 -19.91
CA VAL B 218 4.74 20.48 -21.10
C VAL B 218 5.89 21.04 -22.00
N LYS B 219 6.85 21.73 -21.38
CA LYS B 219 8.17 21.95 -21.98
C LYS B 219 8.58 20.80 -22.90
N ILE B 220 8.67 19.58 -22.37
CA ILE B 220 9.04 18.46 -23.22
C ILE B 220 8.04 18.13 -24.34
N ARG B 221 6.75 18.07 -24.02
CA ARG B 221 5.73 17.91 -25.05
C ARG B 221 5.90 18.96 -26.14
N ASN B 222 5.94 20.24 -25.74
CA ASN B 222 6.05 21.38 -26.67
C ASN B 222 7.29 21.34 -27.54
N ASP B 223 8.43 21.14 -26.88
CA ASP B 223 9.71 21.01 -27.59
C ASP B 223 9.69 19.85 -28.58
N LEU B 224 8.99 18.78 -28.25
CA LEU B 224 8.95 17.63 -29.16
C LEU B 224 8.05 17.88 -30.39
N LEU B 225 7.08 18.77 -30.23
CA LEU B 225 6.17 19.12 -31.32
C LEU B 225 6.69 20.27 -32.19
N ASN B 226 7.23 21.32 -31.55
CA ASN B 226 8.02 22.36 -32.23
C ASN B 226 8.95 21.74 -33.29
N LYS B 227 9.76 20.76 -32.88
CA LYS B 227 10.75 20.10 -33.73
C LYS B 227 10.12 19.41 -34.93
N ILE B 228 9.03 18.66 -34.69
CA ILE B 228 8.35 17.99 -35.79
C ILE B 228 7.86 19.02 -36.83
N LEU B 229 7.19 20.05 -36.33
CA LEU B 229 6.70 21.16 -37.15
C LEU B 229 7.82 21.96 -37.87
N GLU B 230 8.94 22.20 -37.18
CA GLU B 230 10.13 22.80 -37.78
C GLU B 230 10.68 21.95 -38.93
N ASN B 231 10.93 20.67 -38.69
CA ASN B 231 11.42 19.76 -39.73
C ASN B 231 10.44 19.50 -40.89
N TYR B 232 9.16 19.82 -40.67
CA TYR B 232 8.09 19.59 -41.67
C TYR B 232 7.87 20.75 -42.66
N LYS B 233 8.03 21.99 -42.18
CA LYS B 233 7.98 23.22 -43.00
C LYS B 233 8.64 23.09 -44.38
N GLU B 234 9.78 22.38 -44.41
CA GLU B 234 10.53 22.04 -45.64
C GLU B 234 9.86 20.95 -46.49
N LYS B 235 9.38 19.89 -45.84
CA LYS B 235 8.68 18.78 -46.54
C LYS B 235 7.37 19.22 -47.20
N PHE B 236 6.83 20.34 -46.75
CA PHE B 236 5.50 20.80 -47.10
C PHE B 236 5.32 21.37 -48.52
N ARG B 237 4.22 20.97 -49.17
CA ARG B 237 3.83 21.50 -50.49
C ARG B 237 2.31 21.45 -50.69
N SER B 238 1.78 22.43 -51.43
CA SER B 238 0.33 22.69 -51.50
C SER B 238 -0.53 21.71 -52.28
N ASP B 239 0.09 20.87 -53.10
CA ASP B 239 -0.65 19.91 -53.91
C ASP B 239 -0.84 18.55 -53.23
N SER B 240 -0.19 18.35 -52.09
CA SER B 240 -0.34 17.12 -51.31
C SER B 240 -0.85 17.43 -49.88
N ILE B 241 -2.17 17.38 -49.72
CA ILE B 241 -2.87 17.66 -48.46
C ILE B 241 -3.46 16.33 -48.02
N THR B 242 -2.87 15.73 -47.00
CA THR B 242 -3.20 14.35 -46.69
C THR B 242 -3.28 14.03 -45.18
N ASN B 243 -3.12 15.07 -44.36
CA ASN B 243 -2.96 14.95 -42.91
C ASN B 243 -3.16 16.31 -42.22
N MET B 244 -3.36 16.29 -40.91
CA MET B 244 -3.70 17.50 -40.19
C MET B 244 -2.69 18.61 -40.35
N LEU B 245 -1.39 18.27 -40.31
CA LEU B 245 -0.35 19.30 -40.41
C LEU B 245 -0.43 20.08 -41.73
N ASP B 246 -0.75 19.37 -42.82
CA ASP B 246 -1.09 20.01 -44.11
C ASP B 246 -2.29 20.97 -44.02
N THR B 247 -3.38 20.47 -43.41
CA THR B 247 -4.63 21.20 -43.36
C THR B 247 -4.37 22.51 -42.65
N LEU B 248 -3.45 22.45 -41.69
CA LEU B 248 -3.18 23.61 -40.87
C LEU B 248 -2.29 24.61 -41.59
N MET B 249 -1.27 24.11 -42.27
CA MET B 249 -0.39 24.94 -43.07
C MET B 249 -1.02 25.42 -44.40
N GLN B 250 -1.94 24.65 -44.98
CA GLN B 250 -2.70 25.09 -46.16
C GLN B 250 -3.56 26.31 -45.81
N ALA B 251 -3.70 26.57 -44.53
CA ALA B 251 -4.61 27.57 -44.03
C ALA B 251 -3.87 28.86 -43.73
N LYS B 252 -2.67 28.71 -43.17
CA LYS B 252 -1.69 29.80 -42.94
C LYS B 252 -1.38 30.50 -44.28
N MET B 253 -0.82 29.76 -45.24
CA MET B 253 -0.51 30.22 -46.62
C MET B 253 -1.62 31.05 -47.27
N ASN B 254 -2.81 30.44 -47.37
CA ASN B 254 -4.01 31.10 -47.92
C ASN B 254 -4.46 32.40 -47.26
N SER B 255 -4.27 32.56 -45.97
CA SER B 255 -4.72 33.78 -45.37
C SER B 255 -3.66 34.81 -45.58
N ASP B 256 -3.60 35.79 -44.68
CA ASP B 256 -2.49 36.73 -44.68
C ASP B 256 -2.30 37.44 -46.00
N ASP B 265 -7.35 35.75 -39.65
CA ASP B 265 -6.98 34.36 -39.89
C ASP B 265 -5.45 34.17 -40.09
N SER B 266 -4.66 35.15 -39.65
CA SER B 266 -3.20 35.02 -39.65
C SER B 266 -2.65 34.98 -38.22
N GLU B 267 -3.05 35.97 -37.42
CA GLU B 267 -2.79 35.99 -35.99
C GLU B 267 -3.28 34.69 -35.35
N LEU B 268 -4.22 34.04 -36.05
CA LEU B 268 -4.92 32.84 -35.59
C LEU B 268 -4.21 31.54 -35.97
N LEU B 269 -3.04 31.63 -36.58
CA LEU B 269 -2.39 30.44 -37.07
C LEU B 269 -0.90 30.55 -36.96
N SER B 270 -0.42 31.27 -35.94
CA SER B 270 1.00 31.29 -35.66
C SER B 270 1.48 29.85 -35.43
N ASP B 271 2.79 29.66 -35.30
CA ASP B 271 3.32 28.33 -35.00
C ASP B 271 2.68 27.80 -33.72
N ASN B 272 2.60 28.67 -32.70
CA ASN B 272 2.11 28.31 -31.35
C ASN B 272 0.69 27.75 -31.30
N HIS B 273 -0.20 28.28 -32.14
CA HIS B 273 -1.58 27.81 -32.27
C HIS B 273 -1.65 26.43 -32.93
N ILE B 274 -0.88 26.28 -34.00
CA ILE B 274 -0.84 25.06 -34.79
C ILE B 274 -0.33 23.89 -33.94
N LEU B 275 0.73 24.13 -33.18
CA LEU B 275 1.35 23.17 -32.28
C LEU B 275 0.36 22.71 -31.23
N THR B 276 -0.32 23.67 -30.60
CA THR B 276 -1.31 23.42 -29.56
C THR B 276 -2.54 22.64 -30.08
N THR B 277 -2.94 22.92 -31.31
CA THR B 277 -3.95 22.09 -31.94
C THR B 277 -3.47 20.65 -32.23
N ILE B 278 -2.30 20.48 -32.85
CA ILE B 278 -1.71 19.15 -32.98
C ILE B 278 -1.64 18.41 -31.60
N GLY B 279 -1.25 19.13 -30.54
CA GLY B 279 -1.07 18.57 -29.21
C GLY B 279 -2.34 18.06 -28.55
N ASP B 280 -3.42 18.83 -28.69
CA ASP B 280 -4.72 18.40 -28.24
C ASP B 280 -5.16 17.12 -28.93
N ILE B 281 -4.96 17.05 -30.22
CA ILE B 281 -5.36 15.90 -31.00
C ILE B 281 -4.51 14.66 -30.69
N PHE B 282 -3.20 14.85 -30.52
CA PHE B 282 -2.27 13.76 -30.28
C PHE B 282 -2.55 13.19 -28.87
N GLY B 283 -2.79 14.08 -27.94
CA GLY B 283 -3.11 13.70 -26.59
C GLY B 283 -4.40 12.92 -26.49
N ALA B 284 -5.41 13.41 -27.21
CA ALA B 284 -6.79 12.96 -27.07
C ALA B 284 -6.96 11.68 -27.85
N GLY B 285 -6.27 11.60 -28.98
CA GLY B 285 -6.27 10.42 -29.79
C GLY B 285 -5.76 9.20 -29.08
N VAL B 286 -4.93 9.40 -28.06
CA VAL B 286 -4.16 8.34 -27.43
C VAL B 286 -4.69 8.01 -26.04
N GLU B 287 -4.85 9.02 -25.19
CA GLU B 287 -5.14 8.81 -23.78
C GLU B 287 -6.56 8.28 -23.51
N THR B 288 -7.54 8.84 -24.21
CA THR B 288 -8.92 8.41 -24.17
C THR B 288 -9.17 6.95 -24.66
N THR B 289 -8.63 6.60 -25.82
CA THR B 289 -8.94 5.28 -26.37
C THR B 289 -8.18 4.17 -25.65
N THR B 290 -6.90 4.43 -25.36
CA THR B 290 -6.13 3.55 -24.49
C THR B 290 -6.86 3.29 -23.15
N SER B 291 -7.41 4.33 -22.52
CA SER B 291 -8.16 4.12 -21.29
C SER B 291 -9.45 3.30 -21.48
N VAL B 292 -10.23 3.66 -22.48
CA VAL B 292 -11.45 2.90 -22.76
C VAL B 292 -11.16 1.41 -23.06
N VAL B 293 -10.17 1.11 -23.88
CA VAL B 293 -9.80 -0.28 -24.08
C VAL B 293 -9.46 -0.98 -22.78
N LYS B 294 -8.80 -0.29 -21.87
CA LYS B 294 -8.40 -0.94 -20.64
C LYS B 294 -9.66 -1.25 -19.80
N TRP B 295 -10.56 -0.28 -19.69
CA TRP B 295 -11.85 -0.48 -19.00
C TRP B 295 -12.64 -1.71 -19.49
N THR B 296 -12.59 -1.90 -20.82
CA THR B 296 -13.34 -2.94 -21.51
C THR B 296 -12.78 -4.30 -21.12
N LEU B 297 -11.48 -4.44 -21.21
CA LEU B 297 -10.81 -5.67 -20.80
C LEU B 297 -11.09 -5.93 -19.37
N ALA B 298 -11.00 -4.87 -18.57
CA ALA B 298 -11.28 -4.98 -17.15
C ALA B 298 -12.68 -5.52 -16.91
N PHE B 299 -13.69 -4.95 -17.60
CA PHE B 299 -15.05 -5.44 -17.43
C PHE B 299 -15.20 -6.89 -17.88
N LEU B 300 -14.45 -7.27 -18.91
CA LEU B 300 -14.56 -8.59 -19.46
C LEU B 300 -13.99 -9.66 -18.53
N LEU B 301 -12.90 -9.33 -17.84
CA LEU B 301 -12.33 -10.20 -16.81
C LEU B 301 -13.26 -10.42 -15.60
N HIS B 302 -14.08 -9.42 -15.28
CA HIS B 302 -15.07 -9.50 -14.19
C HIS B 302 -16.36 -10.18 -14.62
N ASN B 303 -16.58 -10.23 -15.94
CA ASN B 303 -17.81 -10.79 -16.52
C ASN B 303 -17.57 -11.91 -17.55
N PRO B 304 -17.17 -13.12 -17.08
CA PRO B 304 -16.80 -14.26 -17.90
C PRO B 304 -17.92 -14.70 -18.86
N GLN B 305 -19.17 -14.49 -18.49
CA GLN B 305 -20.33 -14.96 -19.27
C GLN B 305 -20.58 -14.08 -20.49
N VAL B 306 -20.25 -12.79 -20.37
CA VAL B 306 -20.13 -11.93 -21.53
C VAL B 306 -18.92 -12.30 -22.43
N LYS B 307 -17.80 -12.61 -21.81
CA LYS B 307 -16.58 -12.86 -22.54
C LYS B 307 -16.75 -14.06 -23.48
N LYS B 308 -17.19 -15.18 -22.91
CA LYS B 308 -17.65 -16.38 -23.61
C LYS B 308 -18.61 -16.04 -24.79
N LYS B 309 -19.67 -15.28 -24.53
CA LYS B 309 -20.62 -14.96 -25.58
C LYS B 309 -20.02 -14.16 -26.71
N LEU B 310 -18.95 -13.42 -26.44
CA LEU B 310 -18.30 -12.60 -27.46
C LEU B 310 -17.36 -13.43 -28.33
N TYR B 311 -16.74 -14.43 -27.71
CA TYR B 311 -15.95 -15.40 -28.42
C TYR B 311 -16.89 -16.21 -29.31
N GLU B 312 -18.05 -16.57 -28.77
CA GLU B 312 -19.12 -17.18 -29.59
C GLU B 312 -19.66 -16.24 -30.65
N GLU B 313 -19.95 -14.99 -30.30
CA GLU B 313 -20.34 -14.04 -31.34
C GLU B 313 -19.32 -13.90 -32.48
N ILE B 314 -18.02 -13.78 -32.18
CA ILE B 314 -17.06 -13.50 -33.25
C ILE B 314 -16.73 -14.73 -34.12
N ASP B 315 -16.78 -15.90 -33.52
CA ASP B 315 -16.49 -17.12 -34.24
C ASP B 315 -17.60 -17.44 -35.21
N GLN B 316 -18.85 -17.33 -34.77
CA GLN B 316 -19.99 -17.43 -35.68
C GLN B 316 -19.87 -16.45 -36.86
N ASN B 317 -19.74 -15.18 -36.55
CA ASN B 317 -20.00 -14.14 -37.52
C ASN B 317 -18.79 -13.74 -38.33
N VAL B 318 -17.61 -14.12 -37.84
CA VAL B 318 -16.38 -13.80 -38.55
C VAL B 318 -15.55 -15.03 -38.92
N GLY B 319 -15.42 -15.99 -38.01
CA GLY B 319 -14.50 -17.12 -38.22
C GLY B 319 -13.01 -16.73 -38.38
N PHE B 320 -12.23 -17.60 -39.02
CA PHE B 320 -10.78 -17.45 -39.02
C PHE B 320 -10.12 -17.30 -40.40
N SER B 321 -10.93 -17.40 -41.44
CA SER B 321 -10.47 -17.20 -42.82
C SER B 321 -9.75 -15.85 -42.99
N ARG B 322 -10.46 -14.76 -42.64
CA ARG B 322 -9.98 -13.35 -42.66
C ARG B 322 -9.98 -12.72 -41.25
N THR B 323 -9.50 -11.48 -41.15
CA THR B 323 -9.60 -10.71 -39.91
C THR B 323 -10.74 -9.67 -39.97
N PRO B 324 -11.13 -9.09 -38.81
CA PRO B 324 -12.32 -8.23 -38.73
C PRO B 324 -12.16 -6.86 -39.35
N THR B 325 -13.29 -6.22 -39.57
CA THR B 325 -13.39 -5.15 -40.52
C THR B 325 -14.54 -4.23 -40.05
N ILE B 326 -14.57 -2.97 -40.46
CA ILE B 326 -15.63 -2.06 -39.99
C ILE B 326 -17.04 -2.49 -40.38
N SER B 327 -17.17 -3.15 -41.53
CA SER B 327 -18.47 -3.64 -41.97
C SER B 327 -18.99 -4.69 -40.97
N ASP B 328 -18.05 -5.29 -40.23
CA ASP B 328 -18.38 -6.31 -39.22
C ASP B 328 -19.25 -5.85 -38.03
N ARG B 329 -19.45 -4.54 -37.88
CA ARG B 329 -20.24 -4.00 -36.77
C ARG B 329 -21.75 -4.15 -36.97
N ASN B 330 -22.13 -4.38 -38.24
CA ASN B 330 -23.46 -4.83 -38.59
C ASN B 330 -23.80 -6.22 -38.06
N ARG B 331 -22.80 -6.97 -37.62
CA ARG B 331 -23.08 -8.33 -37.09
C ARG B 331 -22.48 -8.74 -35.74
N LEU B 332 -21.43 -8.04 -35.27
CA LEU B 332 -20.93 -8.23 -33.89
C LEU B 332 -21.61 -7.29 -32.91
N LEU B 333 -22.88 -7.59 -32.68
CA LEU B 333 -23.77 -6.67 -32.03
C LEU B 333 -23.57 -6.63 -30.51
N LEU B 334 -23.26 -7.76 -29.89
CA LEU B 334 -22.97 -7.76 -28.49
C LEU B 334 -21.63 -7.06 -28.22
N LEU B 335 -20.76 -7.02 -29.23
CA LEU B 335 -19.55 -6.27 -29.10
C LEU B 335 -19.83 -4.79 -29.03
N GLU B 336 -20.68 -4.31 -29.93
CA GLU B 336 -21.00 -2.89 -29.98
C GLU B 336 -21.69 -2.51 -28.67
N ALA B 337 -22.65 -3.35 -28.27
CA ALA B 337 -23.35 -3.27 -26.99
C ALA B 337 -22.45 -3.13 -25.75
N THR B 338 -21.38 -3.90 -25.72
CA THR B 338 -20.40 -3.89 -24.66
C THR B 338 -19.65 -2.54 -24.67
N ILE B 339 -19.25 -2.08 -25.85
CA ILE B 339 -18.56 -0.82 -25.93
C ILE B 339 -19.48 0.30 -25.45
N ARG B 340 -20.66 0.36 -26.05
CA ARG B 340 -21.69 1.30 -25.62
C ARG B 340 -21.86 1.30 -24.06
N GLU B 341 -21.94 0.11 -23.48
CA GLU B 341 -22.10 -0.07 -22.05
C GLU B 341 -20.84 0.33 -21.21
N VAL B 342 -19.66 0.14 -21.76
CA VAL B 342 -18.50 0.71 -21.14
C VAL B 342 -18.55 2.23 -21.12
N LEU B 343 -19.09 2.84 -22.15
CA LEU B 343 -19.09 4.28 -22.23
C LEU B 343 -20.16 4.88 -21.36
N ARG B 344 -21.21 4.10 -21.10
CA ARG B 344 -22.21 4.52 -20.15
C ARG B 344 -21.66 4.48 -18.74
N LEU B 345 -21.18 3.31 -18.34
CA LEU B 345 -20.95 2.95 -16.94
C LEU B 345 -19.73 3.68 -16.33
N ARG B 346 -18.70 3.89 -17.16
CA ARG B 346 -17.47 4.57 -16.79
C ARG B 346 -17.22 5.53 -17.97
N PRO B 347 -18.00 6.61 -18.07
CA PRO B 347 -17.75 7.65 -19.08
C PRO B 347 -16.36 8.21 -18.95
N VAL B 348 -15.62 8.19 -20.05
CA VAL B 348 -14.28 8.74 -20.12
C VAL B 348 -14.20 10.19 -19.54
N ALA B 349 -15.26 10.96 -19.65
CA ALA B 349 -15.41 12.24 -18.96
C ALA B 349 -16.74 12.30 -18.17
N PRO B 350 -16.73 11.77 -16.93
CA PRO B 350 -17.96 11.75 -16.19
C PRO B 350 -18.51 13.14 -15.92
N MET B 351 -17.74 14.17 -16.21
CA MET B 351 -18.27 15.52 -16.13
C MET B 351 -17.95 16.35 -17.35
N LEU B 352 -17.98 15.70 -18.49
CA LEU B 352 -17.54 16.30 -19.74
C LEU B 352 -16.25 17.08 -19.48
N ILE B 353 -16.21 18.29 -20.01
CA ILE B 353 -15.25 19.31 -19.67
C ILE B 353 -16.08 20.49 -19.25
N PRO B 354 -15.61 21.28 -18.30
CA PRO B 354 -16.44 22.45 -17.94
C PRO B 354 -16.87 23.33 -19.10
N HIS B 355 -18.14 23.72 -19.08
CA HIS B 355 -18.64 24.75 -19.96
C HIS B 355 -18.73 26.10 -19.23
N LYS B 356 -19.08 27.15 -19.99
CA LYS B 356 -19.23 28.50 -19.47
C LYS B 356 -20.24 29.27 -20.32
N ALA B 357 -21.00 30.12 -19.68
CA ALA B 357 -21.88 31.10 -20.30
C ALA B 357 -21.11 32.23 -21.03
N ASN B 358 -21.26 32.27 -22.36
CA ASN B 358 -20.78 33.40 -23.16
C ASN B 358 -21.61 34.66 -22.95
N VAL B 359 -22.90 34.48 -22.72
CA VAL B 359 -23.89 35.56 -22.59
C VAL B 359 -24.76 35.36 -21.33
N ASP B 360 -25.54 36.38 -20.95
CA ASP B 360 -26.62 36.17 -19.99
C ASP B 360 -27.67 35.17 -20.55
N SER B 361 -27.76 33.99 -19.96
CA SER B 361 -28.69 32.98 -20.46
C SER B 361 -29.53 32.38 -19.34
N SER B 362 -30.10 31.21 -19.60
CA SER B 362 -30.94 30.52 -18.62
C SER B 362 -30.88 29.01 -18.83
N ILE B 363 -31.17 28.26 -17.77
CA ILE B 363 -31.25 26.82 -17.87
C ILE B 363 -32.46 26.41 -17.08
N GLY B 364 -33.34 25.68 -17.76
CA GLY B 364 -34.67 25.37 -17.26
C GLY B 364 -35.28 26.58 -16.60
N GLU B 365 -35.08 27.74 -17.24
CA GLU B 365 -35.61 29.06 -16.82
C GLU B 365 -35.05 29.71 -15.54
N PHE B 366 -33.97 29.15 -15.01
CA PHE B 366 -33.25 29.87 -13.95
C PHE B 366 -32.21 30.78 -14.58
N ALA B 367 -32.11 32.00 -14.05
CA ALA B 367 -31.06 32.92 -14.49
C ALA B 367 -29.69 32.26 -14.37
N VAL B 368 -28.86 32.47 -15.38
CA VAL B 368 -27.47 32.05 -15.35
C VAL B 368 -26.66 33.21 -15.97
N ASP B 369 -25.80 33.82 -15.17
CA ASP B 369 -24.97 34.94 -15.63
C ASP B 369 -23.83 34.56 -16.56
N LYS B 370 -23.51 35.49 -17.47
CA LYS B 370 -22.28 35.50 -18.28
C LYS B 370 -21.08 35.15 -17.42
N GLY B 371 -20.26 34.20 -17.84
CA GLY B 371 -19.03 33.84 -17.11
C GLY B 371 -19.22 32.80 -16.02
N THR B 372 -20.47 32.42 -15.77
CA THR B 372 -20.80 31.32 -14.90
C THR B 372 -20.24 30.02 -15.49
N GLU B 373 -19.61 29.25 -14.60
CA GLU B 373 -19.13 27.93 -14.94
C GLU B 373 -20.32 26.96 -14.94
N VAL B 374 -20.44 26.15 -15.98
CA VAL B 374 -21.50 25.18 -16.08
C VAL B 374 -20.93 23.79 -16.35
N ILE B 375 -21.30 22.86 -15.51
CA ILE B 375 -20.87 21.49 -15.64
C ILE B 375 -22.05 20.57 -15.77
N ILE B 376 -21.94 19.72 -16.79
CA ILE B 376 -22.89 18.69 -17.11
C ILE B 376 -22.37 17.45 -16.45
N ASN B 377 -23.16 16.94 -15.50
CA ASN B 377 -22.85 15.71 -14.79
C ASN B 377 -23.27 14.46 -15.58
N LEU B 378 -22.51 14.16 -16.64
CA LEU B 378 -22.70 12.96 -17.43
C LEU B 378 -22.93 11.69 -16.58
N TRP B 379 -22.21 11.58 -15.47
CA TRP B 379 -22.32 10.41 -14.58
C TRP B 379 -23.72 10.28 -14.03
N ALA B 380 -24.28 11.40 -13.57
CA ALA B 380 -25.66 11.47 -13.11
C ALA B 380 -26.65 11.05 -14.20
N LEU B 381 -26.44 11.54 -15.43
CA LEU B 381 -27.27 11.12 -16.57
C LEU B 381 -27.20 9.59 -16.86
N HIS B 382 -26.02 9.00 -16.77
CA HIS B 382 -25.83 7.64 -17.13
C HIS B 382 -26.23 6.73 -15.97
N HIS B 383 -26.54 7.32 -14.83
CA HIS B 383 -27.00 6.53 -13.71
C HIS B 383 -28.39 6.92 -13.23
N ASN B 384 -29.09 7.78 -13.97
CA ASN B 384 -30.48 8.12 -13.62
C ASN B 384 -31.28 6.81 -13.53
N GLU B 385 -31.68 6.46 -12.30
CA GLU B 385 -32.39 5.21 -12.09
C GLU B 385 -33.76 5.15 -12.76
N LYS B 386 -34.37 6.32 -12.97
CA LYS B 386 -35.61 6.42 -13.78
C LYS B 386 -35.40 6.20 -15.30
N GLU B 387 -34.15 6.24 -15.78
CA GLU B 387 -33.93 6.03 -17.20
C GLU B 387 -33.27 4.69 -17.47
N TRP B 388 -32.75 4.05 -16.44
CA TRP B 388 -32.03 2.79 -16.61
C TRP B 388 -32.40 1.80 -15.57
N HIS B 389 -32.34 0.55 -15.99
CA HIS B 389 -32.60 -0.61 -15.16
C HIS B 389 -31.27 -1.11 -14.60
N GLN B 390 -31.23 -1.30 -13.27
CA GLN B 390 -30.00 -1.50 -12.51
C GLN B 390 -28.74 -0.77 -13.12
N PRO B 391 -28.71 0.56 -13.14
CA PRO B 391 -27.62 1.26 -13.84
C PRO B 391 -26.18 1.05 -13.31
N ASP B 392 -26.03 0.65 -12.04
CA ASP B 392 -24.70 0.32 -11.47
C ASP B 392 -24.08 -1.01 -11.97
N GLN B 393 -24.91 -1.87 -12.58
CA GLN B 393 -24.47 -3.16 -13.16
C GLN B 393 -23.95 -3.05 -14.57
N PHE B 394 -22.97 -3.86 -14.89
CA PHE B 394 -22.48 -3.98 -16.22
C PHE B 394 -23.41 -4.92 -16.99
N MET B 395 -24.32 -4.35 -17.78
CA MET B 395 -25.27 -5.15 -18.57
C MET B 395 -25.29 -4.77 -20.07
N PRO B 396 -24.38 -5.34 -20.86
CA PRO B 396 -24.44 -5.15 -22.30
C PRO B 396 -25.84 -5.47 -22.94
N GLU B 397 -26.61 -6.39 -22.32
CA GLU B 397 -28.04 -6.72 -22.68
C GLU B 397 -28.88 -5.51 -22.99
N ARG B 398 -28.71 -4.45 -22.19
CA ARG B 398 -29.56 -3.25 -22.21
C ARG B 398 -29.56 -2.45 -23.54
N PHE B 399 -28.50 -2.57 -24.33
CA PHE B 399 -28.42 -1.95 -25.64
C PHE B 399 -28.74 -2.94 -26.74
N LEU B 400 -29.20 -4.13 -26.36
CA LEU B 400 -29.84 -5.03 -27.30
C LEU B 400 -31.31 -5.31 -26.95
N ASN B 401 -32.12 -5.55 -27.99
CA ASN B 401 -33.49 -5.97 -27.79
C ASN B 401 -33.52 -7.33 -27.09
N PRO B 402 -34.69 -7.70 -26.53
CA PRO B 402 -34.73 -9.03 -25.89
C PRO B 402 -34.17 -10.17 -26.75
N ALA B 403 -34.49 -10.22 -28.04
CA ALA B 403 -34.04 -11.34 -28.86
C ALA B 403 -32.56 -11.23 -29.27
N GLY B 404 -31.94 -10.10 -28.96
CA GLY B 404 -30.50 -9.93 -29.11
C GLY B 404 -30.03 -9.76 -30.53
N THR B 405 -30.93 -9.42 -31.46
CA THR B 405 -30.52 -9.35 -32.87
C THR B 405 -30.46 -7.93 -33.49
N GLN B 406 -30.86 -6.89 -32.74
CA GLN B 406 -30.60 -5.50 -33.15
C GLN B 406 -30.23 -4.53 -32.01
N LEU B 407 -29.28 -3.65 -32.29
CA LEU B 407 -28.97 -2.52 -31.44
C LEU B 407 -30.20 -1.64 -31.20
N ILE B 408 -30.40 -1.27 -29.94
CA ILE B 408 -31.45 -0.33 -29.49
C ILE B 408 -30.81 0.76 -28.61
N SER B 409 -31.45 1.93 -28.55
CA SER B 409 -31.12 3.00 -27.61
C SER B 409 -32.16 2.97 -26.49
N PRO B 410 -31.85 2.31 -25.37
CA PRO B 410 -32.87 2.14 -24.36
C PRO B 410 -33.18 3.42 -23.58
N SER B 411 -32.42 4.50 -23.78
CA SER B 411 -32.63 5.72 -23.00
C SER B 411 -32.05 6.94 -23.67
N VAL B 412 -32.72 8.06 -23.51
CA VAL B 412 -32.22 9.33 -24.03
C VAL B 412 -31.12 9.98 -23.16
N SER B 413 -30.97 9.51 -21.92
CA SER B 413 -30.01 10.00 -20.92
C SER B 413 -28.57 9.43 -21.12
N TYR B 414 -27.99 9.71 -22.28
CA TYR B 414 -26.83 9.01 -22.75
C TYR B 414 -26.21 9.89 -23.81
N LEU B 415 -25.09 10.48 -23.40
CA LEU B 415 -24.33 11.40 -24.19
C LEU B 415 -22.83 11.15 -23.94
N PRO B 416 -22.35 9.92 -24.21
CA PRO B 416 -20.94 9.60 -23.99
C PRO B 416 -19.98 10.58 -24.70
N PHE B 417 -20.34 11.04 -25.90
CA PHE B 417 -19.47 11.97 -26.62
C PHE B 417 -19.94 13.44 -26.49
N GLY B 418 -20.79 13.73 -25.50
CA GLY B 418 -21.38 15.06 -25.38
C GLY B 418 -22.30 15.32 -26.58
N ALA B 419 -22.51 16.56 -26.94
CA ALA B 419 -23.40 16.93 -28.07
C ALA B 419 -23.40 18.44 -28.17
N GLY B 420 -23.81 18.97 -29.34
CA GLY B 420 -23.81 20.42 -29.62
C GLY B 420 -22.43 20.98 -29.91
N PRO B 421 -22.20 22.30 -29.74
CA PRO B 421 -20.95 22.89 -30.36
C PRO B 421 -19.57 22.46 -29.79
N ARG B 422 -19.54 21.97 -28.54
CA ARG B 422 -18.34 21.41 -27.89
C ARG B 422 -18.14 19.90 -27.95
N SER B 423 -19.04 19.21 -28.62
CA SER B 423 -19.05 17.75 -28.63
C SER B 423 -17.77 17.16 -29.17
N CYS B 424 -17.51 15.91 -28.85
CA CYS B 424 -16.32 15.24 -29.35
C CYS B 424 -16.21 15.30 -30.89
N ILE B 425 -15.01 15.63 -31.36
CA ILE B 425 -14.73 15.67 -32.78
C ILE B 425 -13.94 14.43 -33.20
N GLY B 426 -13.73 13.51 -32.26
CA GLY B 426 -13.00 12.28 -32.52
C GLY B 426 -13.92 11.07 -32.43
N GLU B 427 -15.22 11.30 -32.47
CA GLU B 427 -16.16 10.21 -32.25
C GLU B 427 -16.01 9.08 -33.30
N ILE B 428 -15.94 9.45 -34.60
CA ILE B 428 -15.78 8.44 -35.64
C ILE B 428 -14.54 7.58 -35.37
N LEU B 429 -13.44 8.27 -35.07
CA LEU B 429 -12.16 7.60 -34.84
C LEU B 429 -12.16 6.67 -33.60
N ALA B 430 -12.78 7.16 -32.53
CA ALA B 430 -12.86 6.45 -31.24
C ALA B 430 -13.67 5.16 -31.35
N ARG B 431 -14.87 5.23 -31.95
CA ARG B 431 -15.76 4.06 -32.04
C ARG B 431 -15.09 3.00 -32.89
N GLN B 432 -14.38 3.44 -33.91
CA GLN B 432 -13.74 2.52 -34.83
C GLN B 432 -12.55 1.85 -34.20
N GLU B 433 -11.70 2.63 -33.52
CA GLU B 433 -10.57 2.06 -32.78
C GLU B 433 -11.03 1.05 -31.76
N LEU B 434 -11.99 1.46 -30.95
CA LEU B 434 -12.49 0.60 -29.90
C LEU B 434 -13.01 -0.70 -30.47
N PHE B 435 -13.75 -0.64 -31.57
CA PHE B 435 -14.37 -1.84 -32.17
C PHE B 435 -13.36 -2.85 -32.75
N LEU B 436 -12.42 -2.34 -33.53
CA LEU B 436 -11.44 -3.17 -34.21
C LEU B 436 -10.46 -3.75 -33.21
N ILE B 437 -10.06 -2.95 -32.23
CA ILE B 437 -9.16 -3.45 -31.17
C ILE B 437 -9.77 -4.63 -30.44
N MET B 438 -10.99 -4.50 -29.92
CA MET B 438 -11.64 -5.66 -29.25
C MET B 438 -11.86 -6.89 -30.18
N ALA B 439 -12.37 -6.64 -31.40
CA ALA B 439 -12.66 -7.73 -32.34
C ALA B 439 -11.40 -8.53 -32.68
N TRP B 440 -10.31 -7.85 -33.05
CA TRP B 440 -9.07 -8.53 -33.34
C TRP B 440 -8.51 -9.20 -32.10
N LEU B 441 -8.44 -8.48 -30.98
CA LEU B 441 -8.02 -9.09 -29.71
C LEU B 441 -8.80 -10.34 -29.35
N LEU B 442 -10.12 -10.30 -29.49
CA LEU B 442 -10.93 -11.45 -29.05
C LEU B 442 -10.85 -12.63 -30.04
N GLN B 443 -10.69 -12.31 -31.33
CA GLN B 443 -10.52 -13.32 -32.35
C GLN B 443 -9.29 -14.14 -32.03
N ARG B 444 -8.18 -13.45 -31.73
CA ARG B 444 -6.87 -14.08 -31.59
C ARG B 444 -6.53 -14.68 -30.23
N PHE B 445 -7.06 -14.09 -29.15
CA PHE B 445 -6.55 -14.33 -27.79
C PHE B 445 -7.59 -14.69 -26.72
N ASP B 446 -7.27 -15.67 -25.88
CA ASP B 446 -7.91 -15.83 -24.56
C ASP B 446 -7.31 -14.77 -23.62
N LEU B 447 -8.14 -13.88 -23.10
CA LEU B 447 -7.73 -12.90 -22.13
C LEU B 447 -8.35 -13.26 -20.79
N GLU B 448 -7.50 -13.50 -19.78
CA GLU B 448 -7.91 -14.12 -18.53
C GLU B 448 -7.24 -13.53 -17.32
N VAL B 449 -7.66 -14.02 -16.16
CA VAL B 449 -7.15 -13.57 -14.90
C VAL B 449 -5.74 -14.15 -14.74
N PRO B 450 -4.78 -13.32 -14.33
CA PRO B 450 -3.39 -13.73 -14.11
C PRO B 450 -3.28 -14.81 -13.06
N ASP B 451 -2.11 -15.43 -12.97
CA ASP B 451 -1.88 -16.60 -12.11
C ASP B 451 -2.20 -16.39 -10.59
N ASP B 452 -1.80 -15.23 -10.05
CA ASP B 452 -2.32 -14.68 -8.80
C ASP B 452 -3.72 -14.29 -9.18
N GLY B 453 -4.75 -14.59 -8.44
CA GLY B 453 -6.07 -14.32 -9.01
C GLY B 453 -6.56 -12.89 -8.94
N GLN B 454 -5.72 -11.91 -9.24
CA GLN B 454 -6.15 -10.53 -9.09
C GLN B 454 -6.98 -10.00 -10.27
N LEU B 455 -8.07 -9.34 -9.91
CA LEU B 455 -8.97 -8.62 -10.81
C LEU B 455 -8.67 -7.14 -10.69
N PRO B 456 -8.84 -6.41 -11.79
CA PRO B 456 -8.73 -4.97 -11.73
C PRO B 456 -9.79 -4.36 -10.79
N SER B 457 -9.40 -3.30 -10.08
CA SER B 457 -10.32 -2.45 -9.39
C SER B 457 -11.10 -1.64 -10.44
N LEU B 458 -12.43 -1.67 -10.35
CA LEU B 458 -13.34 -1.00 -11.27
C LEU B 458 -13.83 0.37 -10.69
N GLU B 459 -13.28 0.72 -9.54
CA GLU B 459 -13.62 2.00 -8.94
C GLU B 459 -13.24 3.17 -9.88
N GLY B 460 -12.05 3.09 -10.45
CA GLY B 460 -11.55 4.12 -11.31
C GLY B 460 -10.79 5.22 -10.58
N ILE B 461 -10.14 6.06 -11.38
CA ILE B 461 -9.29 7.14 -10.92
C ILE B 461 -9.70 8.39 -11.72
N PRO B 462 -10.53 9.25 -11.15
CA PRO B 462 -10.91 10.46 -11.92
C PRO B 462 -9.72 11.40 -12.18
N LYS B 463 -9.36 11.64 -13.45
CA LYS B 463 -8.38 12.65 -13.79
C LYS B 463 -9.04 13.53 -14.83
N VAL B 464 -8.31 14.22 -15.71
CA VAL B 464 -8.97 14.79 -16.90
C VAL B 464 -9.66 13.67 -17.64
N VAL B 465 -9.07 12.49 -17.60
CA VAL B 465 -9.76 11.32 -18.12
C VAL B 465 -10.10 10.38 -16.94
N PHE B 466 -11.23 9.67 -17.02
CA PHE B 466 -11.60 8.72 -16.00
C PHE B 466 -10.83 7.42 -16.26
N LEU B 467 -9.73 7.31 -15.51
CA LEU B 467 -8.76 6.23 -15.60
C LEU B 467 -9.05 5.02 -14.70
N ILE B 468 -8.61 3.86 -15.13
CA ILE B 468 -8.58 2.73 -14.27
C ILE B 468 -7.11 2.46 -13.83
N ASP B 469 -6.97 1.81 -12.67
CA ASP B 469 -5.66 1.38 -12.12
C ASP B 469 -5.07 0.42 -13.08
N SER B 470 -3.77 0.44 -13.19
CA SER B 470 -3.13 -0.55 -14.02
C SER B 470 -3.33 -1.98 -13.47
N PHE B 471 -3.29 -2.96 -14.37
CA PHE B 471 -3.62 -4.34 -14.03
C PHE B 471 -3.09 -5.29 -15.09
N LYS B 472 -2.96 -6.55 -14.70
CA LYS B 472 -2.48 -7.62 -15.55
C LYS B 472 -3.58 -8.52 -16.13
N VAL B 473 -3.33 -9.07 -17.33
CA VAL B 473 -4.18 -10.08 -18.02
C VAL B 473 -3.28 -11.19 -18.46
N LYS B 474 -3.68 -12.42 -18.21
CA LYS B 474 -2.94 -13.51 -18.82
C LYS B 474 -3.30 -13.53 -20.31
N ILE B 475 -2.29 -13.54 -21.17
CA ILE B 475 -2.60 -13.60 -22.61
C ILE B 475 -2.22 -14.96 -23.22
N LYS B 476 -3.16 -15.57 -23.93
CA LYS B 476 -2.96 -16.88 -24.60
C LYS B 476 -3.58 -16.90 -25.97
N VAL B 477 -2.74 -17.20 -26.96
CA VAL B 477 -3.19 -17.52 -28.33
C VAL B 477 -4.20 -18.66 -28.26
N ARG B 478 -5.42 -18.42 -28.76
CA ARG B 478 -6.52 -19.37 -28.65
C ARG B 478 -6.30 -20.65 -29.47
N GLN B 479 -6.84 -21.76 -28.99
CA GLN B 479 -6.83 -23.00 -29.75
C GLN B 479 -7.27 -22.80 -31.22
N ALA B 480 -8.49 -22.28 -31.39
CA ALA B 480 -9.16 -22.21 -32.68
C ALA B 480 -8.44 -21.38 -33.74
N TRP B 481 -7.74 -20.34 -33.30
CA TRP B 481 -6.96 -19.47 -34.17
C TRP B 481 -5.73 -20.18 -34.70
N ARG B 482 -5.00 -20.79 -33.77
CA ARG B 482 -3.86 -21.65 -34.05
C ARG B 482 -4.28 -22.87 -34.90
N GLU B 483 -5.57 -23.19 -34.87
CA GLU B 483 -6.16 -24.28 -35.66
C GLU B 483 -6.22 -23.93 -37.14
N ALA B 484 -6.42 -22.66 -37.47
CA ALA B 484 -6.41 -22.21 -38.88
C ALA B 484 -5.01 -21.77 -39.39
N GLN B 485 -3.96 -22.47 -38.97
CA GLN B 485 -2.63 -22.33 -39.59
C GLN B 485 -1.88 -23.67 -39.52
N LEU C 13 -35.23 36.84 -13.05
CA LEU C 13 -36.14 35.77 -13.56
C LEU C 13 -36.40 34.82 -12.39
N LEU C 14 -36.02 33.54 -12.57
CA LEU C 14 -36.06 32.45 -11.56
C LEU C 14 -34.67 32.16 -10.98
N SER C 15 -34.61 31.80 -9.70
CA SER C 15 -33.31 31.64 -9.04
C SER C 15 -33.00 30.22 -8.57
N LEU C 16 -32.00 29.61 -9.18
CA LEU C 16 -31.64 28.24 -8.79
C LEU C 16 -31.01 28.23 -7.38
N PRO C 17 -31.04 27.07 -6.70
CA PRO C 17 -30.51 27.10 -5.34
C PRO C 17 -28.97 27.17 -5.21
N LEU C 18 -28.50 28.03 -4.32
CA LEU C 18 -27.11 28.01 -3.87
C LEU C 18 -26.98 27.16 -2.60
N VAL C 19 -26.21 26.09 -2.73
CA VAL C 19 -26.07 25.03 -1.74
C VAL C 19 -24.66 24.90 -1.18
N GLY C 20 -23.75 25.74 -1.69
CA GLY C 20 -22.39 25.78 -1.22
C GLY C 20 -21.82 27.17 -1.43
N SER C 21 -21.01 27.64 -0.51
CA SER C 21 -20.53 29.00 -0.55
C SER C 21 -19.30 29.22 0.29
N LEU C 22 -18.27 29.78 -0.33
CA LEU C 22 -17.07 30.23 0.35
C LEU C 22 -16.68 31.66 0.01
N PRO C 23 -16.35 32.43 1.02
CA PRO C 23 -15.99 33.83 0.85
C PRO C 23 -14.66 34.05 0.21
N PHE C 24 -13.67 33.35 0.77
CA PHE C 24 -12.24 33.61 0.73
C PHE C 24 -11.53 33.21 -0.54
N LEU C 25 -10.64 34.04 -1.06
CA LEU C 25 -9.60 33.53 -1.94
C LEU C 25 -8.25 33.87 -1.30
N PRO C 26 -7.92 33.31 -0.14
CA PRO C 26 -6.69 33.89 0.44
C PRO C 26 -5.50 33.65 -0.50
N ARG C 27 -4.28 33.75 0.02
CA ARG C 27 -3.02 33.31 -0.65
C ARG C 27 -1.84 34.05 -0.04
N HIS C 28 -1.94 35.38 -0.06
CA HIS C 28 -1.06 36.28 0.68
C HIS C 28 -1.17 35.87 2.16
N GLY C 29 -0.38 34.88 2.58
CA GLY C 29 -0.23 34.52 4.01
C GLY C 29 -0.31 33.07 4.49
N HIS C 30 -0.12 32.92 5.79
CA HIS C 30 -0.31 31.67 6.47
C HIS C 30 -1.70 31.73 7.06
N MET C 31 -2.27 30.55 7.32
CA MET C 31 -3.65 30.44 7.77
C MET C 31 -4.01 31.04 9.11
N HIS C 32 -3.07 31.02 10.06
CA HIS C 32 -3.29 31.72 11.29
C HIS C 32 -3.44 33.22 10.98
N ASN C 33 -2.59 33.77 10.11
CA ASN C 33 -2.71 35.17 9.71
C ASN C 33 -4.02 35.48 8.97
N ASN C 34 -4.44 34.57 8.09
CA ASN C 34 -5.68 34.73 7.32
C ASN C 34 -6.93 34.63 8.15
N PHE C 35 -6.92 33.68 9.08
CA PHE C 35 -7.91 33.56 10.13
C PHE C 35 -7.97 34.81 11.03
N PHE C 36 -6.82 35.37 11.36
CA PHE C 36 -6.73 36.64 12.10
C PHE C 36 -7.42 37.79 11.32
N LYS C 37 -7.17 37.86 10.01
CA LYS C 37 -7.67 38.96 9.18
C LYS C 37 -9.17 38.82 8.94
N LEU C 38 -9.70 37.61 9.01
CA LEU C 38 -11.13 37.44 8.91
C LEU C 38 -11.91 37.92 10.12
N GLN C 39 -11.23 38.12 11.25
CA GLN C 39 -11.91 38.61 12.47
C GLN C 39 -12.46 40.03 12.32
N LYS C 40 -11.83 40.83 11.47
CA LYS C 40 -12.31 42.16 11.19
C LYS C 40 -13.72 42.10 10.60
N LYS C 41 -13.97 41.11 9.76
CA LYS C 41 -15.27 40.93 9.16
C LYS C 41 -16.27 40.18 10.08
N TYR C 42 -15.79 39.19 10.85
CA TYR C 42 -16.71 38.22 11.48
C TYR C 42 -16.70 38.16 12.99
N GLY C 43 -15.70 38.77 13.60
CA GLY C 43 -15.59 38.74 15.02
C GLY C 43 -14.66 37.64 15.50
N PRO C 44 -14.71 37.37 16.81
CA PRO C 44 -13.66 36.59 17.44
C PRO C 44 -13.92 35.11 17.38
N ILE C 45 -15.08 34.76 16.89
CA ILE C 45 -15.45 33.38 16.78
C ILE C 45 -16.34 33.22 15.55
N TYR C 46 -16.00 32.19 14.77
CA TYR C 46 -16.68 31.85 13.54
C TYR C 46 -16.38 30.41 13.09
N SER C 47 -17.26 29.88 12.25
CA SER C 47 -17.18 28.48 11.84
C SER C 47 -17.09 28.23 10.31
N VAL C 48 -16.77 26.98 9.94
CA VAL C 48 -16.88 26.50 8.56
C VAL C 48 -17.53 25.12 8.55
N ARG C 49 -18.41 24.89 7.59
CA ARG C 49 -19.13 23.63 7.46
C ARG C 49 -18.72 22.94 6.14
N MET C 50 -18.37 21.66 6.20
CA MET C 50 -18.05 20.85 5.03
C MET C 50 -18.70 19.50 5.24
N GLY C 51 -19.72 19.22 4.42
CA GLY C 51 -20.58 18.07 4.67
C GLY C 51 -21.10 18.11 6.10
N THR C 52 -20.86 17.04 6.86
CA THR C 52 -21.31 16.95 8.25
C THR C 52 -20.25 17.44 9.28
N LYS C 53 -19.06 17.82 8.82
CA LYS C 53 -18.01 18.30 9.73
C LYS C 53 -18.18 19.82 9.98
N THR C 54 -18.08 20.24 11.23
CA THR C 54 -18.07 21.67 11.55
C THR C 54 -16.76 22.07 12.28
N THR C 55 -16.15 23.19 11.89
CA THR C 55 -14.99 23.73 12.57
C THR C 55 -15.26 25.10 13.10
N VAL C 56 -14.87 25.35 14.33
CA VAL C 56 -14.80 26.68 14.92
C VAL C 56 -13.36 27.20 15.06
N ILE C 57 -13.12 28.42 14.59
CA ILE C 57 -11.91 29.15 14.95
C ILE C 57 -12.16 30.16 16.07
N VAL C 58 -11.22 30.26 16.99
CA VAL C 58 -11.35 31.14 18.15
C VAL C 58 -10.17 32.10 18.24
N GLY C 59 -10.45 33.40 18.25
CA GLY C 59 -9.40 34.41 18.21
C GLY C 59 -9.45 35.49 19.29
N HIS C 60 -10.04 35.16 20.44
CA HIS C 60 -10.03 36.05 21.57
C HIS C 60 -9.77 35.32 22.88
N HIS C 61 -8.89 35.93 23.70
CA HIS C 61 -8.38 35.34 24.92
C HIS C 61 -9.49 34.81 25.85
N GLN C 62 -10.57 35.56 25.97
CA GLN C 62 -11.64 35.13 26.87
C GLN C 62 -12.33 33.91 26.26
N LEU C 63 -12.57 33.96 24.96
CA LEU C 63 -13.18 32.82 24.34
C LEU C 63 -12.23 31.64 24.46
N ALA C 64 -10.95 31.84 24.11
CA ALA C 64 -9.90 30.81 24.25
C ALA C 64 -9.77 30.19 25.65
N LYS C 65 -9.80 31.02 26.70
CA LYS C 65 -9.76 30.53 28.09
C LYS C 65 -11.01 29.77 28.51
N GLU C 66 -12.14 30.06 27.87
CA GLU C 66 -13.32 29.24 28.02
C GLU C 66 -13.08 27.83 27.47
N VAL C 67 -12.50 27.73 26.30
CA VAL C 67 -12.21 26.45 25.64
C VAL C 67 -11.18 25.60 26.41
N LEU C 68 -10.12 26.26 26.88
CA LEU C 68 -8.96 25.58 27.43
C LEU C 68 -9.05 25.31 28.93
N ILE C 69 -9.63 26.26 29.69
CA ILE C 69 -9.72 26.13 31.17
C ILE C 69 -11.14 25.87 31.66
N LYS C 70 -12.00 26.90 31.58
CA LYS C 70 -13.32 26.91 32.24
C LYS C 70 -14.13 25.72 31.77
N LYS C 71 -14.08 25.48 30.48
CA LYS C 71 -14.70 24.27 29.92
C LYS C 71 -13.69 23.26 29.37
N GLY C 72 -12.48 23.25 29.92
CA GLY C 72 -11.41 22.37 29.46
C GLY C 72 -11.79 20.92 29.17
N LYS C 73 -12.61 20.30 30.03
CA LYS C 73 -12.98 18.89 29.87
C LYS C 73 -13.90 18.63 28.66
N ASP C 74 -14.84 19.52 28.40
CA ASP C 74 -15.67 19.43 27.19
C ASP C 74 -14.89 19.47 25.89
N PHE C 75 -13.76 20.20 25.88
CA PHE C 75 -13.04 20.48 24.63
C PHE C 75 -11.68 19.83 24.49
N SER C 76 -11.49 18.71 25.19
CA SER C 76 -10.18 18.05 25.35
C SER C 76 -9.86 16.93 24.36
N GLY C 77 -10.82 16.67 23.48
CA GLY C 77 -10.62 15.72 22.40
C GLY C 77 -9.78 16.33 21.29
N ARG C 78 -9.25 15.49 20.44
CA ARG C 78 -8.55 15.85 19.23
C ARG C 78 -9.41 15.30 18.09
N PRO C 79 -9.52 16.04 16.97
CA PRO C 79 -10.15 15.49 15.76
C PRO C 79 -9.29 14.40 15.08
N GLN C 80 -9.96 13.35 14.59
CA GLN C 80 -9.31 12.27 13.78
C GLN C 80 -8.88 12.91 12.48
N MET C 81 -7.62 12.69 12.08
CA MET C 81 -7.09 13.12 10.77
C MET C 81 -6.30 12.03 10.10
N ALA C 82 -6.57 11.80 8.84
CA ALA C 82 -5.84 10.77 8.16
C ALA C 82 -4.33 10.99 8.46
N THR C 83 -3.86 12.22 8.36
CA THR C 83 -2.42 12.48 8.44
C THR C 83 -1.84 12.16 9.81
N LEU C 84 -2.55 12.58 10.85
CA LEU C 84 -2.13 12.29 12.21
C LEU C 84 -2.20 10.79 12.57
N ASP C 85 -3.16 10.05 12.00
CA ASP C 85 -3.27 8.59 12.24
C ASP C 85 -1.94 7.87 11.99
N ILE C 86 -1.30 8.28 10.92
CA ILE C 86 -0.04 7.71 10.53
C ILE C 86 1.03 8.07 11.54
N ALA C 87 1.19 9.37 11.81
CA ALA C 87 2.25 9.88 12.70
C ALA C 87 2.10 9.31 14.10
N SER C 88 0.87 8.97 14.47
CA SER C 88 0.53 8.56 15.81
C SER C 88 0.19 7.08 15.91
N ASN C 89 0.40 6.33 14.82
CA ASN C 89 0.05 4.89 14.76
C ASN C 89 -1.39 4.63 15.20
N ASN C 90 -2.33 5.35 14.56
CA ASN C 90 -3.77 5.22 14.77
C ASN C 90 -4.19 5.73 16.14
N ARG C 91 -3.85 7.01 16.40
CA ARG C 91 -4.24 7.79 17.58
C ARG C 91 -3.64 7.24 18.86
N LYS C 92 -2.42 6.73 18.84
CA LYS C 92 -1.77 6.39 20.12
C LYS C 92 -0.92 7.58 20.64
N GLY C 93 -0.11 7.35 21.68
CA GLY C 93 0.79 8.37 22.25
C GLY C 93 -0.01 9.38 23.07
N ILE C 94 0.28 10.68 22.91
CA ILE C 94 -0.35 11.69 23.76
C ILE C 94 -1.00 12.82 23.00
N ALA C 95 -0.18 13.61 22.29
CA ALA C 95 -0.63 14.85 21.63
C ALA C 95 -1.75 14.61 20.63
N PHE C 96 -1.69 13.47 19.95
CA PHE C 96 -2.64 13.18 18.90
C PHE C 96 -3.71 12.17 19.30
N ALA C 97 -3.61 11.66 20.52
CA ALA C 97 -4.61 10.78 21.06
C ALA C 97 -5.89 11.55 21.47
N ASP C 98 -7.05 11.01 21.13
CA ASP C 98 -8.32 11.49 21.63
C ASP C 98 -8.39 11.35 23.16
N SER C 99 -9.22 12.19 23.78
CA SER C 99 -9.47 12.08 25.20
C SER C 99 -10.19 10.76 25.42
N GLY C 100 -9.75 10.06 26.44
CA GLY C 100 -10.12 8.70 26.65
C GLY C 100 -9.14 8.17 27.67
N ALA C 101 -9.43 6.96 28.15
CA ALA C 101 -8.60 6.28 29.14
C ALA C 101 -7.11 6.20 28.76
N HIS C 102 -6.80 6.00 27.48
CA HIS C 102 -5.41 5.81 27.01
C HIS C 102 -4.60 7.09 27.19
N TRP C 103 -5.17 8.18 26.69
CA TRP C 103 -4.58 9.51 26.78
C TRP C 103 -4.31 9.92 28.23
N GLN C 104 -5.32 9.74 29.07
CA GLN C 104 -5.26 10.14 30.48
C GLN C 104 -4.10 9.39 31.19
N LEU C 105 -3.95 8.11 30.85
CA LEU C 105 -2.93 7.28 31.46
C LEU C 105 -1.54 7.65 30.98
N HIS C 106 -1.37 7.74 29.67
CA HIS C 106 -0.08 8.08 29.13
C HIS C 106 0.43 9.48 29.50
N ARG C 107 -0.51 10.44 29.63
CA ARG C 107 -0.14 11.81 29.98
C ARG C 107 0.35 11.83 31.43
N ARG C 108 -0.45 11.22 32.32
CA ARG C 108 -0.13 11.14 33.74
C ARG C 108 1.25 10.51 33.97
N LEU C 109 1.54 9.44 33.23
CA LEU C 109 2.82 8.75 33.33
C LEU C 109 3.97 9.56 32.73
N ALA C 110 3.70 10.32 31.69
CA ALA C 110 4.77 11.14 31.15
C ALA C 110 5.09 12.28 32.10
N MET C 111 4.06 12.83 32.75
CA MET C 111 4.21 13.88 33.76
C MET C 111 4.96 13.41 35.00
N ALA C 112 4.63 12.17 35.42
CA ALA C 112 5.25 11.54 36.58
C ALA C 112 6.74 11.30 36.41
N THR C 113 7.17 10.91 35.19
CA THR C 113 8.56 10.88 34.80
C THR C 113 9.23 12.24 34.99
N PHE C 114 8.63 13.29 34.46
CA PHE C 114 9.21 14.59 34.61
C PHE C 114 9.48 14.95 36.05
N ALA C 115 8.61 14.50 36.98
CA ALA C 115 8.74 14.77 38.44
C ALA C 115 9.71 13.81 39.19
N LEU C 116 10.94 13.74 38.69
CA LEU C 116 11.98 12.82 39.15
C LEU C 116 13.30 13.32 38.61
N PHE C 117 13.29 14.57 38.16
CA PHE C 117 14.46 15.26 37.64
C PHE C 117 14.46 16.63 38.30
N LYS C 118 14.30 16.63 39.62
CA LYS C 118 14.18 17.85 40.44
C LYS C 118 15.35 18.00 41.44
N ASP C 119 15.37 17.12 42.45
CA ASP C 119 16.43 17.11 43.44
C ASP C 119 17.39 15.94 43.16
N GLY C 120 18.67 16.14 43.44
CA GLY C 120 19.63 15.06 43.39
C GLY C 120 20.51 14.96 42.15
N ASP C 121 20.92 13.73 41.82
CA ASP C 121 22.00 13.45 40.85
C ASP C 121 21.52 13.54 39.42
N GLN C 122 20.28 13.06 39.25
CA GLN C 122 19.57 13.13 37.98
C GLN C 122 18.74 14.42 37.86
N LYS C 123 19.33 15.57 38.23
CA LYS C 123 18.66 16.88 38.17
C LYS C 123 18.58 17.33 36.71
N LEU C 124 17.50 18.01 36.36
CA LEU C 124 17.27 18.40 34.97
C LEU C 124 18.41 19.27 34.43
N GLU C 125 18.75 20.28 35.22
CA GLU C 125 19.85 21.22 34.98
C GLU C 125 21.22 20.58 34.70
N LYS C 126 21.63 19.63 35.56
CA LYS C 126 22.93 18.95 35.41
C LYS C 126 22.96 18.17 34.08
N ILE C 127 21.83 17.58 33.74
CA ILE C 127 21.70 16.80 32.52
C ILE C 127 21.73 17.76 31.30
N ILE C 128 21.08 18.91 31.44
CA ILE C 128 21.01 19.90 30.38
C ILE C 128 22.37 20.51 30.14
N CYS C 129 23.00 21.01 31.21
CA CYS C 129 24.38 21.58 31.19
C CYS C 129 25.46 20.65 30.62
N GLN C 130 25.49 19.37 31.02
CA GLN C 130 26.47 18.48 30.36
C GLN C 130 26.36 18.57 28.83
N GLU C 131 25.14 18.60 28.30
CA GLU C 131 24.95 18.65 26.85
C GLU C 131 25.35 19.93 26.17
N ILE C 132 25.04 21.06 26.81
CA ILE C 132 25.42 22.38 26.30
C ILE C 132 26.94 22.52 26.32
N SER C 133 27.58 21.94 27.33
CA SER C 133 29.03 21.80 27.38
C SER C 133 29.56 21.23 26.07
N THR C 134 29.18 19.98 25.77
CA THR C 134 29.47 19.36 24.48
C THR C 134 29.12 20.28 23.32
N LEU C 135 27.89 20.82 23.31
CA LEU C 135 27.50 21.77 22.28
C LEU C 135 28.50 22.91 22.11
N CYS C 136 28.87 23.54 23.21
CA CYS C 136 29.78 24.67 23.17
C CYS C 136 31.20 24.27 22.74
N ASP C 137 31.70 23.17 23.29
CA ASP C 137 33.00 22.62 22.85
C ASP C 137 32.96 22.32 21.35
N MET C 138 31.81 21.85 20.87
CA MET C 138 31.59 21.61 19.42
C MET C 138 31.49 22.86 18.53
N LEU C 139 31.05 23.99 19.07
CA LEU C 139 30.88 25.21 18.30
C LEU C 139 32.16 26.02 18.35
N ALA C 140 32.89 25.86 19.47
CA ALA C 140 34.28 26.28 19.62
C ALA C 140 35.11 25.97 18.37
N THR C 141 35.27 24.69 18.03
CA THR C 141 36.12 24.27 16.91
C THR C 141 35.70 24.76 15.48
N HIS C 142 34.60 25.52 15.38
CA HIS C 142 34.19 26.19 14.12
C HIS C 142 34.36 27.68 14.28
N ASN C 143 34.95 28.05 15.40
CA ASN C 143 35.46 29.41 15.70
C ASN C 143 36.02 30.13 14.46
N GLY C 144 35.33 31.17 14.00
CA GLY C 144 35.69 31.87 12.77
C GLY C 144 34.72 31.69 11.59
N GLN C 145 34.29 30.45 11.35
CA GLN C 145 33.41 30.14 10.21
C GLN C 145 32.00 30.75 10.33
N SER C 146 31.30 30.87 9.19
CA SER C 146 29.84 31.10 9.15
C SER C 146 29.02 29.81 8.94
N ILE C 147 28.09 29.50 9.86
CA ILE C 147 27.36 28.23 9.77
C ILE C 147 25.90 28.29 10.16
N ASP C 148 25.21 27.17 9.88
CA ASP C 148 23.86 26.83 10.37
C ASP C 148 24.05 26.14 11.69
N ILE C 149 23.40 26.61 12.74
CA ILE C 149 23.64 25.96 14.05
C ILE C 149 22.65 24.83 14.41
N SER C 150 21.61 24.67 13.58
CA SER C 150 20.61 23.58 13.68
C SER C 150 21.07 22.25 14.26
N PHE C 151 21.95 21.60 13.52
CA PHE C 151 22.32 20.24 13.81
C PHE C 151 23.06 20.15 15.13
N PRO C 152 24.02 21.06 15.38
CA PRO C 152 24.63 21.01 16.74
C PRO C 152 23.66 21.22 17.94
N VAL C 153 22.73 22.17 17.82
CA VAL C 153 21.68 22.36 18.86
C VAL C 153 20.76 21.09 18.99
N PHE C 154 20.39 20.56 17.83
CA PHE C 154 19.65 19.32 17.73
C PHE C 154 20.26 18.18 18.49
N VAL C 155 21.57 17.99 18.33
CA VAL C 155 22.33 16.98 19.07
C VAL C 155 22.20 17.15 20.62
N ALA C 156 22.50 18.34 21.11
CA ALA C 156 22.40 18.61 22.53
C ALA C 156 20.98 18.34 23.04
N VAL C 157 19.97 18.84 22.38
CA VAL C 157 18.61 18.59 22.92
C VAL C 157 18.13 17.14 22.76
N THR C 158 18.43 16.53 21.61
CA THR C 158 18.28 15.08 21.42
C THR C 158 18.99 14.26 22.51
N ASN C 159 20.24 14.58 22.79
CA ASN C 159 20.93 13.86 23.86
C ASN C 159 20.17 14.00 25.16
N VAL C 160 19.71 15.23 25.51
CA VAL C 160 18.87 15.42 26.70
C VAL C 160 17.60 14.56 26.65
N ILE C 161 16.86 14.62 25.55
CA ILE C 161 15.61 13.86 25.56
C ILE C 161 15.93 12.36 25.58
N SER C 162 17.03 12.00 24.95
CA SER C 162 17.52 10.64 25.05
C SER C 162 17.87 10.18 26.49
N LEU C 163 18.38 11.10 27.31
CA LEU C 163 18.64 10.79 28.72
C LEU C 163 17.35 10.64 29.54
N ILE C 164 16.39 11.52 29.27
CA ILE C 164 15.10 11.45 29.91
C ILE C 164 14.35 10.16 29.51
N CYS C 165 14.32 9.86 28.21
CA CYS C 165 13.62 8.68 27.72
C CYS C 165 14.31 7.39 28.10
N PHE C 166 15.63 7.36 27.97
CA PHE C 166 16.35 6.07 27.95
C PHE C 166 17.61 5.93 28.82
N ASN C 167 18.07 7.00 29.47
CA ASN C 167 19.44 7.08 30.06
C ASN C 167 20.59 6.66 29.13
N THR C 168 20.45 7.00 27.87
CA THR C 168 21.54 6.86 26.93
C THR C 168 21.66 8.19 26.22
N SER C 169 22.83 8.43 25.64
CA SER C 169 23.05 9.60 24.83
C SER C 169 23.97 9.19 23.68
N TYR C 170 24.15 10.06 22.71
CA TYR C 170 24.97 9.74 21.58
C TYR C 170 26.30 10.52 21.63
N LYS C 171 27.41 9.87 21.29
CA LYS C 171 28.71 10.57 21.10
C LYS C 171 28.69 11.34 19.78
N ASN C 172 29.62 12.26 19.56
CA ASN C 172 29.67 13.05 18.30
C ASN C 172 30.05 12.24 17.06
N GLY C 173 29.30 12.42 15.97
CA GLY C 173 29.54 11.69 14.74
C GLY C 173 28.83 10.35 14.57
N ASP C 174 28.23 9.83 15.64
CA ASP C 174 27.23 8.73 15.59
C ASP C 174 26.15 9.02 14.51
N PRO C 175 26.09 8.21 13.42
CA PRO C 175 25.11 8.38 12.33
C PRO C 175 23.62 8.27 12.71
N GLU C 176 23.31 7.64 13.86
CA GLU C 176 21.92 7.54 14.37
C GLU C 176 21.29 8.93 14.56
N LEU C 177 22.13 9.93 14.85
CA LEU C 177 21.71 11.32 14.92
C LEU C 177 21.19 11.87 13.61
N ASN C 178 21.92 11.59 12.52
CA ASN C 178 21.57 11.93 11.13
C ASN C 178 20.27 11.24 10.69
N VAL C 179 20.07 10.01 11.16
CA VAL C 179 18.93 9.20 10.83
C VAL C 179 17.73 9.96 11.38
N ILE C 180 17.87 10.38 12.64
CA ILE C 180 16.79 11.03 13.37
C ILE C 180 16.50 12.43 12.85
N GLN C 181 17.53 13.23 12.64
CA GLN C 181 17.35 14.51 11.98
C GLN C 181 16.47 14.35 10.75
N ASN C 182 16.85 13.35 9.95
CA ASN C 182 16.27 13.11 8.64
C ASN C 182 14.80 12.73 8.67
N TYR C 183 14.45 11.82 9.56
CA TYR C 183 13.10 11.42 9.56
C TYR C 183 12.24 12.41 10.28
N ASN C 184 12.76 13.11 11.30
CA ASN C 184 12.03 14.22 11.94
C ASN C 184 11.70 15.27 10.89
N GLU C 185 12.65 15.52 10.01
CA GLU C 185 12.48 16.47 8.95
C GLU C 185 11.45 16.00 7.92
N GLY C 186 11.63 14.81 7.34
CA GLY C 186 10.58 14.18 6.52
C GLY C 186 9.14 14.17 7.13
N ILE C 187 8.99 13.70 8.36
CA ILE C 187 7.69 13.75 9.04
C ILE C 187 7.08 15.14 9.09
N ILE C 188 7.79 16.14 9.67
CA ILE C 188 7.26 17.51 9.72
C ILE C 188 6.89 18.07 8.33
N ASP C 189 7.78 17.87 7.37
CA ASP C 189 7.58 18.30 6.00
C ASP C 189 6.31 17.74 5.33
N ASN C 190 5.92 16.54 5.71
CA ASN C 190 4.84 15.83 5.03
C ASN C 190 3.53 15.75 5.78
N LEU C 191 3.54 16.09 7.05
CA LEU C 191 2.39 15.91 7.87
C LEU C 191 1.36 16.94 7.45
N SER C 192 1.82 18.11 7.06
CA SER C 192 0.88 19.12 6.58
C SER C 192 1.63 20.16 5.80
N LYS C 193 0.89 21.09 5.22
CA LYS C 193 1.54 22.27 4.64
C LYS C 193 1.26 23.58 5.40
N ASP C 194 0.64 23.47 6.57
CA ASP C 194 0.35 24.64 7.39
C ASP C 194 -0.03 24.10 8.76
N SER C 195 -0.48 24.97 9.67
CA SER C 195 -1.03 24.50 10.93
C SER C 195 -2.12 23.45 10.66
N LEU C 196 -2.23 22.51 11.57
CA LEU C 196 -3.22 21.41 11.51
C LEU C 196 -4.67 21.86 11.70
N VAL C 197 -5.51 21.57 10.71
CA VAL C 197 -6.95 21.78 10.75
C VAL C 197 -7.53 20.54 10.05
N ASP C 198 -8.52 19.87 10.64
CA ASP C 198 -9.20 18.78 9.94
C ASP C 198 -10.04 19.24 8.72
N LEU C 199 -10.20 20.53 8.51
CA LEU C 199 -10.81 21.06 7.29
C LEU C 199 -10.03 20.72 6.01
N VAL C 200 -8.74 20.51 6.17
CA VAL C 200 -7.94 20.29 4.99
C VAL C 200 -7.65 18.80 4.93
N PRO C 201 -8.03 18.12 3.82
CA PRO C 201 -7.54 16.75 3.64
C PRO C 201 -6.09 16.79 3.10
N TRP C 202 -5.14 16.95 4.03
CA TRP C 202 -3.70 17.13 3.75
C TRP C 202 -3.05 16.07 2.83
N LEU C 203 -3.44 14.84 3.02
CA LEU C 203 -2.93 13.75 2.22
C LEU C 203 -3.39 13.82 0.79
N LYS C 204 -4.55 14.40 0.58
CA LYS C 204 -5.27 14.23 -0.66
C LYS C 204 -5.35 15.51 -1.52
N ILE C 205 -4.79 16.63 -1.04
CA ILE C 205 -4.85 17.89 -1.78
C ILE C 205 -4.07 18.00 -3.09
N PHE C 206 -2.89 17.38 -3.16
CA PHE C 206 -1.92 17.54 -4.27
C PHE C 206 -1.47 16.20 -4.85
N PRO C 207 -1.15 16.18 -6.15
CA PRO C 207 -0.62 14.93 -6.68
C PRO C 207 0.87 14.84 -6.46
N ASN C 208 1.27 14.73 -5.20
CA ASN C 208 2.66 14.99 -4.87
C ASN C 208 3.29 13.94 -3.98
N LYS C 209 2.60 12.82 -3.80
CA LYS C 209 3.13 11.72 -2.98
C LYS C 209 3.33 11.97 -1.49
N THR C 210 2.55 12.86 -0.89
CA THR C 210 2.79 13.14 0.53
C THR C 210 2.45 11.96 1.45
N LEU C 211 1.45 11.15 1.09
CA LEU C 211 1.15 9.94 1.89
C LEU C 211 2.33 8.94 1.89
N GLU C 212 2.86 8.59 0.70
CA GLU C 212 3.98 7.65 0.63
C GLU C 212 5.18 8.13 1.48
N LYS C 213 5.64 9.37 1.21
CA LYS C 213 6.77 9.93 1.95
C LYS C 213 6.57 9.95 3.47
N LEU C 214 5.41 10.40 3.92
CA LEU C 214 5.06 10.34 5.32
C LEU C 214 5.25 8.95 5.93
N LYS C 215 4.55 7.96 5.35
CA LYS C 215 4.60 6.54 5.78
C LYS C 215 6.00 6.03 5.83
N SER C 216 6.81 6.45 4.88
CA SER C 216 8.14 5.98 4.79
C SER C 216 9.05 6.55 5.85
N HIS C 217 8.88 7.84 6.18
CA HIS C 217 9.58 8.44 7.34
C HIS C 217 9.03 7.88 8.68
N VAL C 218 7.72 7.69 8.80
CA VAL C 218 7.16 7.08 10.01
C VAL C 218 7.73 5.65 10.28
N LYS C 219 7.76 4.79 9.24
CA LYS C 219 8.37 3.46 9.27
C LYS C 219 9.81 3.44 9.85
N ILE C 220 10.72 4.22 9.27
CA ILE C 220 12.07 4.43 9.85
C ILE C 220 12.03 4.83 11.36
N ARG C 221 11.29 5.89 11.72
CA ARG C 221 11.04 6.23 13.15
C ARG C 221 10.57 5.01 14.02
N ASN C 222 9.50 4.37 13.57
CA ASN C 222 9.01 3.16 14.20
C ASN C 222 10.06 2.02 14.32
N ASP C 223 10.81 1.77 13.24
CA ASP C 223 11.87 0.75 13.27
C ASP C 223 12.91 1.06 14.36
N LEU C 224 13.42 2.30 14.36
CA LEU C 224 14.37 2.73 15.36
C LEU C 224 13.87 2.54 16.82
N LEU C 225 12.65 2.99 17.11
CA LEU C 225 12.07 2.81 18.44
C LEU C 225 11.82 1.36 18.82
N ASN C 226 11.34 0.53 17.88
CA ASN C 226 11.19 -0.92 18.11
C ASN C 226 12.53 -1.59 18.47
N LYS C 227 13.61 -1.20 17.80
CA LYS C 227 14.95 -1.64 18.16
C LYS C 227 15.31 -1.21 19.59
N ILE C 228 15.24 0.09 19.88
CA ILE C 228 15.53 0.59 21.22
C ILE C 228 14.73 -0.17 22.30
N LEU C 229 13.44 -0.38 22.06
CA LEU C 229 12.53 -1.00 23.03
C LEU C 229 12.77 -2.49 23.29
N GLU C 230 12.92 -3.27 22.21
CA GLU C 230 13.34 -4.68 22.31
C GLU C 230 14.70 -4.87 22.99
N ASN C 231 15.72 -4.10 22.60
CA ASN C 231 16.98 -4.15 23.31
C ASN C 231 16.80 -3.86 24.79
N TYR C 232 15.89 -2.94 25.09
CA TYR C 232 15.67 -2.45 26.44
C TYR C 232 14.94 -3.42 27.38
N LYS C 233 14.19 -4.37 26.85
CA LYS C 233 13.51 -5.41 27.67
C LYS C 233 14.48 -6.13 28.63
N GLU C 234 15.76 -6.13 28.28
CA GLU C 234 16.84 -6.75 29.04
C GLU C 234 17.42 -5.83 30.13
N LYS C 235 17.77 -4.59 29.77
CA LYS C 235 18.31 -3.64 30.73
C LYS C 235 17.35 -3.28 31.86
N PHE C 236 16.08 -3.66 31.73
CA PHE C 236 15.02 -3.21 32.63
C PHE C 236 14.91 -3.98 33.95
N ARG C 237 14.88 -3.20 35.03
CA ARG C 237 14.79 -3.72 36.38
C ARG C 237 13.79 -2.92 37.25
N SER C 238 12.93 -3.64 37.97
CA SER C 238 11.88 -3.09 38.86
C SER C 238 12.34 -2.14 39.98
N ASP C 239 13.61 -2.26 40.38
CA ASP C 239 14.16 -1.53 41.53
C ASP C 239 14.81 -0.19 41.16
N SER C 240 14.90 0.08 39.86
CA SER C 240 15.57 1.27 39.32
C SER C 240 14.73 1.99 38.26
N ILE C 241 13.96 2.97 38.71
CA ILE C 241 13.04 3.63 37.84
C ILE C 241 13.54 5.06 37.64
N THR C 242 14.25 5.27 36.54
CA THR C 242 15.04 6.48 36.35
C THR C 242 14.79 7.18 35.02
N ASN C 243 14.04 6.56 34.13
CA ASN C 243 13.69 7.21 32.86
C ASN C 243 12.23 6.97 32.46
N MET C 244 11.79 7.53 31.34
CA MET C 244 10.39 7.43 30.95
C MET C 244 9.95 6.02 30.49
N LEU C 245 10.82 5.34 29.76
CA LEU C 245 10.53 3.96 29.41
C LEU C 245 10.42 3.09 30.67
N ASP C 246 11.28 3.33 31.68
CA ASP C 246 11.19 2.57 32.94
C ASP C 246 9.81 2.73 33.49
N THR C 247 9.33 3.99 33.49
CA THR C 247 8.03 4.38 33.99
C THR C 247 6.92 3.65 33.29
N LEU C 248 6.96 3.69 31.97
CA LEU C 248 5.98 3.02 31.16
C LEU C 248 6.01 1.50 31.41
N MET C 249 7.22 0.92 31.43
CA MET C 249 7.39 -0.52 31.60
C MET C 249 6.97 -1.02 32.98
N GLN C 250 7.19 -0.18 34.00
CA GLN C 250 6.77 -0.46 35.39
C GLN C 250 5.26 -0.38 35.58
N ALA C 251 4.57 0.49 34.85
CA ALA C 251 3.10 0.53 34.95
C ALA C 251 2.48 -0.63 34.19
N LYS C 252 3.16 -1.08 33.13
CA LYS C 252 2.77 -2.25 32.35
C LYS C 252 2.86 -3.45 33.30
N MET C 253 4.05 -3.66 33.85
CA MET C 253 4.33 -4.77 34.73
C MET C 253 3.47 -4.68 35.99
N ASN C 254 3.15 -3.48 36.45
CA ASN C 254 2.29 -3.32 37.64
C ASN C 254 0.82 -3.51 37.33
N SER C 255 0.47 -3.69 36.06
CA SER C 255 -0.86 -4.14 35.71
C SER C 255 -0.76 -5.58 35.21
N ASP C 256 0.47 -6.02 35.03
CA ASP C 256 0.70 -7.40 34.66
C ASP C 256 0.60 -8.12 35.98
N ASN C 257 1.59 -7.89 36.84
CA ASN C 257 1.63 -8.52 38.15
C ASN C 257 0.27 -8.71 38.77
N GLY C 258 0.22 -9.59 39.77
CA GLY C 258 -1.01 -9.92 40.45
C GLY C 258 -1.75 -8.69 40.90
N PRO C 262 -6.36 -2.17 39.04
CA PRO C 262 -5.27 -2.10 38.05
C PRO C 262 -5.60 -2.85 36.74
N ASP C 263 -6.84 -3.32 36.63
CA ASP C 263 -7.35 -4.14 35.48
C ASP C 263 -7.39 -3.47 34.11
N GLN C 264 -7.73 -2.18 34.07
CA GLN C 264 -7.89 -1.43 32.81
C GLN C 264 -6.68 -1.52 31.87
N ASP C 265 -5.49 -1.39 32.47
CA ASP C 265 -4.26 -1.00 31.79
C ASP C 265 -3.60 -2.04 30.84
N SER C 266 -4.26 -3.18 30.60
CA SER C 266 -3.62 -4.28 29.86
C SER C 266 -3.21 -3.93 28.42
N GLU C 267 -4.21 -3.91 27.54
CA GLU C 267 -4.04 -3.56 26.14
C GLU C 267 -3.77 -2.04 26.01
N LEU C 268 -3.97 -1.31 27.11
CA LEU C 268 -3.69 0.15 27.18
C LEU C 268 -2.23 0.48 27.29
N LEU C 269 -1.42 -0.53 27.65
CA LEU C 269 0.04 -0.44 27.70
C LEU C 269 0.79 -1.44 26.79
N SER C 270 0.20 -1.82 25.66
CA SER C 270 0.89 -2.61 24.64
C SER C 270 2.21 -1.94 24.15
N ASP C 271 3.04 -2.70 23.43
CA ASP C 271 4.34 -2.18 22.96
C ASP C 271 4.19 -0.92 22.07
N ASN C 272 3.11 -0.89 21.29
CA ASN C 272 2.81 0.20 20.37
C ASN C 272 2.31 1.43 21.15
N HIS C 273 1.59 1.21 22.23
CA HIS C 273 1.20 2.29 23.09
C HIS C 273 2.45 2.89 23.75
N ILE C 274 3.48 2.09 23.89
CA ILE C 274 4.62 2.52 24.67
C ILE C 274 5.50 3.26 23.71
N LEU C 275 5.70 2.66 22.55
CA LEU C 275 6.50 3.22 21.51
C LEU C 275 6.00 4.61 21.04
N THR C 276 4.68 4.76 20.85
CA THR C 276 4.11 5.99 20.35
C THR C 276 4.22 7.08 21.39
N THR C 277 4.13 6.69 22.65
CA THR C 277 4.34 7.67 23.70
C THR C 277 5.76 8.21 23.80
N ILE C 278 6.71 7.28 23.81
CA ILE C 278 8.12 7.60 23.76
C ILE C 278 8.36 8.52 22.55
N GLY C 279 7.91 8.09 21.37
CA GLY C 279 7.99 8.88 20.13
C GLY C 279 7.48 10.30 20.22
N ASP C 280 6.39 10.48 20.97
CA ASP C 280 5.79 11.80 21.17
C ASP C 280 6.73 12.68 22.02
N ILE C 281 7.11 12.19 23.21
CA ILE C 281 8.04 12.89 24.09
C ILE C 281 9.34 13.23 23.37
N PHE C 282 9.81 12.29 22.53
CA PHE C 282 11.14 12.32 21.91
C PHE C 282 11.13 13.34 20.78
N GLY C 283 10.12 13.23 19.91
CA GLY C 283 9.86 14.23 18.89
C GLY C 283 9.68 15.63 19.46
N ALA C 284 8.78 15.75 20.43
CA ALA C 284 8.45 16.99 21.13
C ALA C 284 9.69 17.63 21.77
N GLY C 285 10.38 16.83 22.59
CA GLY C 285 11.63 17.23 23.20
C GLY C 285 12.64 17.93 22.32
N VAL C 286 12.63 17.57 21.04
CA VAL C 286 13.73 17.91 20.16
C VAL C 286 13.39 19.01 19.18
N GLU C 287 12.30 18.82 18.42
CA GLU C 287 11.91 19.76 17.38
C GLU C 287 11.37 21.13 17.84
N THR C 288 10.65 21.17 18.96
CA THR C 288 10.15 22.45 19.50
C THR C 288 11.29 23.41 19.92
N THR C 289 12.18 22.92 20.78
CA THR C 289 13.25 23.68 21.44
C THR C 289 14.32 24.09 20.46
N THR C 290 14.84 23.15 19.67
CA THR C 290 15.68 23.48 18.51
C THR C 290 15.12 24.67 17.73
N SER C 291 13.85 24.56 17.37
CA SER C 291 13.13 25.61 16.66
C SER C 291 13.05 26.96 17.41
N VAL C 292 12.84 26.92 18.73
CA VAL C 292 12.80 28.16 19.48
C VAL C 292 14.18 28.84 19.61
N VAL C 293 15.22 28.04 19.87
CA VAL C 293 16.62 28.46 19.83
C VAL C 293 16.98 29.18 18.50
N LYS C 294 16.69 28.52 17.38
CA LYS C 294 16.88 29.10 16.04
C LYS C 294 16.17 30.44 15.85
N TRP C 295 14.88 30.53 16.24
CA TRP C 295 14.11 31.78 16.22
C TRP C 295 14.80 32.83 17.06
N THR C 296 15.22 32.45 18.27
CA THR C 296 15.82 33.37 19.19
C THR C 296 17.10 34.03 18.61
N LEU C 297 18.01 33.20 18.09
CA LEU C 297 19.20 33.71 17.43
C LEU C 297 18.86 34.63 16.29
N ALA C 298 17.86 34.25 15.50
CA ALA C 298 17.45 35.04 14.36
C ALA C 298 17.00 36.45 14.72
N PHE C 299 16.08 36.58 15.69
CA PHE C 299 15.60 37.88 16.16
C PHE C 299 16.75 38.68 16.73
N LEU C 300 17.75 37.99 17.27
CA LEU C 300 18.85 38.69 17.87
C LEU C 300 19.81 39.23 16.81
N LEU C 301 19.81 38.62 15.64
CA LEU C 301 20.62 39.07 14.53
C LEU C 301 20.05 40.37 13.92
N HIS C 302 18.72 40.54 13.98
CA HIS C 302 18.02 41.67 13.38
C HIS C 302 17.97 42.87 14.34
N ASN C 303 18.56 42.66 15.54
CA ASN C 303 18.47 43.58 16.67
C ASN C 303 19.74 43.62 17.49
N PRO C 304 20.81 44.26 16.97
CA PRO C 304 22.04 44.25 17.79
C PRO C 304 21.88 45.02 19.13
N GLN C 305 20.99 46.01 19.19
CA GLN C 305 20.68 46.73 20.45
C GLN C 305 20.49 45.72 21.58
N VAL C 306 19.44 44.91 21.45
CA VAL C 306 19.03 43.92 22.46
C VAL C 306 20.11 42.89 22.71
N LYS C 307 20.75 42.43 21.64
CA LYS C 307 21.81 41.45 21.78
C LYS C 307 22.97 42.03 22.58
N LYS C 308 23.16 43.35 22.45
CA LYS C 308 24.25 44.02 23.16
C LYS C 308 23.97 44.03 24.66
N LYS C 309 22.74 44.36 25.02
CA LYS C 309 22.31 44.37 26.41
C LYS C 309 22.36 43.01 27.11
N LEU C 310 22.12 41.92 26.36
CA LEU C 310 22.20 40.57 26.95
C LEU C 310 23.66 40.18 27.24
N TYR C 311 24.56 40.65 26.37
CA TYR C 311 25.98 40.45 26.62
C TYR C 311 26.36 41.17 27.92
N GLU C 312 25.83 42.37 28.09
CA GLU C 312 26.14 43.17 29.28
C GLU C 312 25.51 42.62 30.53
N GLU C 313 24.26 42.16 30.42
CA GLU C 313 23.56 41.55 31.55
C GLU C 313 24.26 40.25 31.98
N ILE C 314 24.73 39.47 31.03
CA ILE C 314 25.43 38.25 31.40
C ILE C 314 26.86 38.47 31.96
N ASP C 315 27.64 39.36 31.35
CA ASP C 315 28.95 39.78 31.90
C ASP C 315 28.79 40.29 33.33
N GLN C 316 27.75 41.09 33.58
CA GLN C 316 27.56 41.72 34.87
CA GLN C 316 27.53 41.72 34.88
C GLN C 316 27.03 40.74 35.96
N ASN C 317 26.02 39.93 35.62
CA ASN C 317 25.34 39.05 36.62
C ASN C 317 25.89 37.66 36.82
N VAL C 318 26.79 37.26 35.92
CA VAL C 318 27.37 35.94 35.98
C VAL C 318 28.92 36.02 35.85
N GLY C 319 29.43 36.79 34.87
CA GLY C 319 30.87 36.90 34.64
C GLY C 319 31.46 35.58 34.20
N PHE C 320 32.74 35.35 34.44
CA PHE C 320 33.37 34.15 33.85
C PHE C 320 33.95 33.14 34.86
N SER C 321 33.75 33.41 36.15
CA SER C 321 34.12 32.49 37.22
C SER C 321 33.50 31.11 37.04
N ARG C 322 32.24 31.07 36.58
CA ARG C 322 31.51 29.81 36.42
C ARG C 322 30.65 29.81 35.13
N THR C 323 30.06 28.67 34.82
CA THR C 323 29.08 28.58 33.73
C THR C 323 27.67 28.90 34.26
N PRO C 324 26.75 29.31 33.36
CA PRO C 324 25.38 29.67 33.77
C PRO C 324 24.57 28.54 34.33
N THR C 325 23.65 28.89 35.20
CA THR C 325 22.99 27.97 36.06
C THR C 325 21.52 28.37 35.93
N ILE C 326 20.62 27.50 36.37
CA ILE C 326 19.19 27.78 36.44
C ILE C 326 18.81 28.81 37.51
N SER C 327 19.48 28.82 38.65
CA SER C 327 19.19 29.90 39.55
C SER C 327 19.44 31.27 38.87
N ASP C 328 20.15 31.28 37.72
CA ASP C 328 20.49 32.52 36.98
C ASP C 328 19.32 33.15 36.23
N ARG C 329 18.19 32.46 36.20
CA ARG C 329 16.98 33.06 35.74
C ARG C 329 16.56 34.21 36.62
N ASN C 330 16.76 34.07 37.92
CA ASN C 330 16.38 35.15 38.85
C ASN C 330 17.10 36.48 38.55
N ARG C 331 18.15 36.43 37.73
CA ARG C 331 19.07 37.55 37.54
C ARG C 331 19.24 37.98 36.09
N LEU C 332 18.96 37.06 35.16
CA LEU C 332 19.04 37.37 33.73
C LEU C 332 17.67 37.75 33.13
N LEU C 333 17.13 38.83 33.67
CA LEU C 333 15.76 39.21 33.38
C LEU C 333 15.57 39.54 31.93
N LEU C 334 16.56 40.14 31.31
CA LEU C 334 16.41 40.48 29.91
C LEU C 334 16.47 39.21 29.03
N LEU C 335 17.32 38.24 29.39
CA LEU C 335 17.31 36.95 28.69
C LEU C 335 15.93 36.25 28.80
N GLU C 336 15.39 36.20 30.01
CA GLU C 336 14.10 35.64 30.19
C GLU C 336 13.00 36.42 29.42
N ALA C 337 13.04 37.77 29.43
CA ALA C 337 12.11 38.53 28.60
C ALA C 337 12.27 38.28 27.07
N THR C 338 13.48 38.04 26.61
CA THR C 338 13.72 37.79 25.19
C THR C 338 12.99 36.49 24.76
N ILE C 339 13.09 35.47 25.59
CA ILE C 339 12.48 34.18 25.35
C ILE C 339 10.98 34.31 25.40
N ARG C 340 10.49 35.06 26.38
CA ARG C 340 9.07 35.31 26.44
C ARG C 340 8.55 35.94 25.18
N GLU C 341 9.33 36.89 24.66
CA GLU C 341 8.93 37.72 23.54
C GLU C 341 8.96 36.89 22.24
N VAL C 342 9.98 36.04 22.08
CA VAL C 342 9.97 35.05 20.98
C VAL C 342 8.76 34.10 21.00
N LEU C 343 8.42 33.58 22.19
CA LEU C 343 7.22 32.77 22.35
C LEU C 343 5.94 33.51 22.00
N ARG C 344 5.87 34.82 22.21
CA ARG C 344 4.73 35.60 21.73
C ARG C 344 4.71 35.77 20.20
N LEU C 345 5.82 36.26 19.65
CA LEU C 345 5.86 36.84 18.32
C LEU C 345 5.87 35.73 17.24
N ARG C 346 6.58 34.65 17.53
CA ARG C 346 6.59 33.45 16.72
C ARG C 346 6.16 32.21 17.58
N PRO C 347 4.84 32.07 17.90
CA PRO C 347 4.43 30.94 18.71
C PRO C 347 4.85 29.64 18.06
N VAL C 348 5.25 28.67 18.85
CA VAL C 348 5.68 27.40 18.30
C VAL C 348 4.49 26.68 17.63
N ALA C 349 3.29 26.91 18.15
CA ALA C 349 2.08 26.36 17.61
C ALA C 349 1.09 27.48 17.61
N PRO C 350 1.11 28.25 16.50
CA PRO C 350 0.25 29.43 16.35
C PRO C 350 -1.22 29.08 16.40
N MET C 351 -1.56 27.81 16.18
CA MET C 351 -2.95 27.39 16.35
C MET C 351 -3.08 26.23 17.33
N LEU C 352 -2.10 26.13 18.21
CA LEU C 352 -2.02 25.03 19.16
C LEU C 352 -2.07 23.70 18.40
N ILE C 353 -2.75 22.72 18.99
CA ILE C 353 -3.09 21.48 18.37
C ILE C 353 -4.62 21.54 18.38
N PRO C 354 -5.27 21.09 17.30
CA PRO C 354 -6.71 21.33 17.28
C PRO C 354 -7.44 20.56 18.33
N HIS C 355 -8.47 21.17 18.88
CA HIS C 355 -9.26 20.55 19.92
C HIS C 355 -10.53 20.01 19.34
N LYS C 356 -11.39 19.47 20.21
CA LYS C 356 -12.67 18.86 19.83
C LYS C 356 -13.65 18.80 20.99
N ALA C 357 -14.86 19.27 20.71
CA ALA C 357 -15.99 19.17 21.61
C ALA C 357 -16.30 17.70 21.81
N ASN C 358 -16.17 17.28 23.06
CA ASN C 358 -16.48 15.94 23.48
C ASN C 358 -17.98 15.70 23.65
N VAL C 359 -18.69 16.77 23.96
CA VAL C 359 -20.11 16.80 24.21
C VAL C 359 -20.59 18.14 23.61
N ASP C 360 -21.92 18.36 23.59
CA ASP C 360 -22.47 19.66 23.17
C ASP C 360 -22.17 20.68 24.27
N SER C 361 -21.72 21.84 23.89
CA SER C 361 -21.25 22.81 24.85
C SER C 361 -21.42 24.21 24.25
N SER C 362 -20.76 25.20 24.85
CA SER C 362 -20.84 26.52 24.31
C SER C 362 -19.51 27.21 24.47
N ILE C 363 -19.27 28.15 23.56
CA ILE C 363 -18.17 29.06 23.62
C ILE C 363 -18.81 30.44 23.54
N GLY C 364 -18.70 31.24 24.62
CA GLY C 364 -19.36 32.55 24.75
C GLY C 364 -20.87 32.44 24.59
N GLU C 365 -21.42 33.20 23.65
CA GLU C 365 -22.87 33.25 23.43
C GLU C 365 -23.43 32.12 22.50
N PHE C 366 -22.56 31.21 22.08
CA PHE C 366 -22.74 30.42 20.87
C PHE C 366 -22.71 28.91 21.11
N ALA C 367 -23.68 28.19 20.57
CA ALA C 367 -23.73 26.73 20.69
C ALA C 367 -22.66 25.98 19.86
N VAL C 368 -22.13 24.92 20.48
CA VAL C 368 -21.16 24.01 19.87
C VAL C 368 -21.61 22.56 20.04
N ASP C 369 -21.80 21.86 18.92
CA ASP C 369 -22.34 20.52 18.94
C ASP C 369 -21.21 19.58 19.31
N LYS C 370 -21.50 18.48 19.99
CA LYS C 370 -20.53 17.36 20.12
C LYS C 370 -19.84 17.06 18.79
N GLY C 371 -18.54 16.74 18.85
CA GLY C 371 -17.80 16.30 17.66
C GLY C 371 -17.30 17.44 16.79
N THR C 372 -17.59 18.67 17.18
CA THR C 372 -17.14 19.87 16.42
C THR C 372 -15.63 20.05 16.63
N GLU C 373 -14.90 20.46 15.60
CA GLU C 373 -13.48 20.77 15.78
C GLU C 373 -13.32 22.24 16.24
N VAL C 374 -12.49 22.46 17.25
CA VAL C 374 -12.25 23.79 17.76
C VAL C 374 -10.77 24.13 17.71
N ILE C 375 -10.46 25.20 16.99
CA ILE C 375 -9.12 25.67 16.86
C ILE C 375 -8.93 27.00 17.60
N ILE C 376 -7.92 27.05 18.47
CA ILE C 376 -7.52 28.32 19.11
C ILE C 376 -6.46 29.01 18.27
N ASN C 377 -6.75 30.21 17.80
CA ASN C 377 -5.76 31.00 17.05
C ASN C 377 -4.79 31.78 17.96
N LEU C 378 -3.78 31.07 18.45
CA LEU C 378 -2.83 31.59 19.38
C LEU C 378 -2.23 32.89 18.84
N TRP C 379 -1.82 32.89 17.56
CA TRP C 379 -1.21 34.03 16.94
C TRP C 379 -2.11 35.24 17.10
N ALA C 380 -3.42 35.02 17.00
CA ALA C 380 -4.37 36.07 17.15
C ALA C 380 -4.41 36.65 18.57
N LEU C 381 -4.19 35.80 19.57
CA LEU C 381 -4.17 36.27 20.94
C LEU C 381 -2.94 37.13 21.21
N HIS C 382 -1.86 36.75 20.54
CA HIS C 382 -0.54 37.29 20.74
C HIS C 382 -0.25 38.59 19.98
N HIS C 383 -1.16 38.91 19.07
CA HIS C 383 -1.07 40.06 18.18
C HIS C 383 -2.35 40.90 18.29
N ASN C 384 -3.19 40.61 19.29
CA ASN C 384 -4.38 41.44 19.59
C ASN C 384 -4.02 42.92 19.89
N GLU C 385 -4.64 43.83 19.14
CA GLU C 385 -4.25 45.24 19.18
C GLU C 385 -4.61 45.91 20.49
N LYS C 386 -5.74 45.49 21.06
CA LYS C 386 -6.30 46.02 22.29
C LYS C 386 -5.58 45.49 23.53
N GLU C 387 -4.68 44.52 23.36
CA GLU C 387 -3.99 43.89 24.49
C GLU C 387 -2.46 44.01 24.40
N TRP C 388 -1.95 44.38 23.24
CA TRP C 388 -0.49 44.54 23.08
C TRP C 388 -0.13 45.85 22.39
N HIS C 389 0.95 46.44 22.90
CA HIS C 389 1.53 47.63 22.36
C HIS C 389 2.55 47.23 21.30
N GLN C 390 2.39 47.75 20.09
CA GLN C 390 3.15 47.38 18.88
C GLN C 390 3.38 45.87 18.72
N PRO C 391 2.27 45.11 18.60
CA PRO C 391 2.30 43.65 18.56
C PRO C 391 3.30 43.10 17.57
N ASP C 392 3.39 43.75 16.40
CA ASP C 392 4.19 43.32 15.27
C ASP C 392 5.70 43.38 15.55
N GLN C 393 6.07 44.25 16.49
CA GLN C 393 7.47 44.56 16.80
C GLN C 393 8.02 43.68 17.91
N PHE C 394 9.30 43.35 17.78
CA PHE C 394 10.06 42.62 18.79
C PHE C 394 10.66 43.55 19.89
N MET C 395 10.04 43.56 21.08
CA MET C 395 10.55 44.31 22.23
C MET C 395 10.40 43.49 23.52
N PRO C 396 11.48 42.88 23.96
CA PRO C 396 11.40 42.15 25.22
C PRO C 396 11.00 43.06 26.38
N GLU C 397 11.38 44.35 26.31
CA GLU C 397 11.17 45.30 27.40
C GLU C 397 9.74 45.28 27.87
N ARG C 398 8.87 44.86 26.96
CA ARG C 398 7.45 44.76 27.25
C ARG C 398 7.12 43.76 28.40
N PHE C 399 7.99 42.79 28.67
CA PHE C 399 7.84 41.90 29.82
C PHE C 399 8.70 42.33 31.03
N LEU C 400 9.34 43.48 30.95
CA LEU C 400 10.13 44.01 32.05
C LEU C 400 9.46 45.27 32.63
N ASN C 401 9.55 45.48 33.95
CA ASN C 401 9.02 46.73 34.54
C ASN C 401 9.82 47.93 34.05
N PRO C 402 9.22 49.15 34.10
CA PRO C 402 9.95 50.38 33.75
C PRO C 402 11.47 50.35 34.06
N ALA C 403 11.82 49.88 35.25
CA ALA C 403 13.17 50.01 35.80
C ALA C 403 14.09 48.83 35.52
N GLY C 404 13.58 47.79 34.85
CA GLY C 404 14.43 46.67 34.45
C GLY C 404 14.70 45.70 35.59
N THR C 405 13.86 45.72 36.62
CA THR C 405 14.18 44.94 37.82
C THR C 405 13.31 43.74 38.09
N GLN C 406 12.25 43.59 37.29
CA GLN C 406 11.43 42.39 37.37
C GLN C 406 10.50 42.16 36.20
N LEU C 407 10.19 40.89 36.00
CA LEU C 407 9.34 40.49 34.89
C LEU C 407 7.94 40.76 35.28
N ILE C 408 7.15 41.14 34.28
CA ILE C 408 5.71 41.32 34.41
C ILE C 408 5.00 40.61 33.27
N SER C 409 3.71 40.38 33.49
CA SER C 409 2.72 39.97 32.52
C SER C 409 1.93 41.21 32.08
N PRO C 410 2.19 41.71 30.86
CA PRO C 410 1.52 42.89 30.34
C PRO C 410 0.17 42.59 29.71
N SER C 411 -0.11 41.31 29.50
CA SER C 411 -1.34 40.92 28.86
C SER C 411 -1.79 39.55 29.35
N VAL C 412 -3.10 39.45 29.54
CA VAL C 412 -3.72 38.15 29.80
C VAL C 412 -3.89 37.29 28.49
N SER C 413 -3.57 37.88 27.34
CA SER C 413 -3.76 37.25 26.04
C SER C 413 -2.46 36.63 25.56
N TYR C 414 -1.97 35.67 26.35
CA TYR C 414 -0.64 35.14 26.21
C TYR C 414 -0.64 33.70 26.73
N LEU C 415 -0.54 32.75 25.82
CA LEU C 415 -0.65 31.32 26.16
C LEU C 415 0.26 30.42 25.32
N PRO C 416 1.58 30.70 25.34
CA PRO C 416 2.56 29.98 24.54
C PRO C 416 2.55 28.46 24.76
N PHE C 417 2.18 28.01 25.96
CA PHE C 417 2.16 26.60 26.30
C PHE C 417 0.74 26.13 26.50
N GLY C 418 -0.21 26.89 25.98
CA GLY C 418 -1.61 26.58 26.17
C GLY C 418 -1.99 26.69 27.64
N ALA C 419 -3.00 25.88 27.97
CA ALA C 419 -3.67 25.89 29.26
C ALA C 419 -4.70 24.72 29.38
N GLY C 420 -4.97 24.23 30.57
CA GLY C 420 -6.03 23.23 30.73
C GLY C 420 -5.58 21.80 30.46
N PRO C 421 -6.57 20.87 30.36
CA PRO C 421 -6.34 19.43 30.22
C PRO C 421 -5.38 19.06 29.09
N ARG C 422 -5.31 19.90 28.06
CA ARG C 422 -4.37 19.66 26.97
C ARG C 422 -3.04 20.42 27.01
N SER C 423 -2.76 21.16 28.08
CA SER C 423 -1.55 22.01 28.06
C SER C 423 -0.25 21.22 27.77
N CYS C 424 0.81 21.95 27.42
CA CYS C 424 2.12 21.38 27.28
C CYS C 424 2.51 20.71 28.56
N ILE C 425 2.98 19.48 28.50
CA ILE C 425 3.55 18.79 29.68
C ILE C 425 5.06 18.97 29.75
N GLY C 426 5.62 19.57 28.71
CA GLY C 426 7.02 19.76 28.64
C GLY C 426 7.45 21.19 28.89
N GLU C 427 6.57 22.01 29.46
CA GLU C 427 6.95 23.40 29.77
C GLU C 427 8.21 23.60 30.61
N ILE C 428 8.28 22.94 31.77
CA ILE C 428 9.43 23.03 32.67
C ILE C 428 10.77 22.73 31.99
N LEU C 429 10.83 21.62 31.25
CA LEU C 429 11.98 21.26 30.41
C LEU C 429 12.34 22.32 29.43
N ALA C 430 11.32 22.83 28.78
CA ALA C 430 11.52 23.64 27.63
C ALA C 430 12.04 25.01 28.05
N ARG C 431 11.49 25.57 29.13
CA ARG C 431 12.00 26.83 29.65
C ARG C 431 13.42 26.69 30.13
N GLN C 432 13.70 25.66 30.91
CA GLN C 432 15.07 25.44 31.36
C GLN C 432 16.06 25.26 30.21
N GLU C 433 15.68 24.43 29.24
CA GLU C 433 16.44 24.27 28.00
C GLU C 433 16.66 25.58 27.19
N LEU C 434 15.62 26.37 26.99
CA LEU C 434 15.80 27.60 26.23
C LEU C 434 16.70 28.62 26.94
N PHE C 435 16.57 28.70 28.26
CA PHE C 435 17.36 29.62 29.03
C PHE C 435 18.81 29.22 28.97
N LEU C 436 19.08 27.94 29.17
CA LEU C 436 20.45 27.52 29.36
C LEU C 436 21.26 27.46 28.08
N ILE C 437 20.63 27.12 26.95
CA ILE C 437 21.32 27.17 25.67
C ILE C 437 21.68 28.63 25.40
N MET C 438 20.74 29.54 25.59
CA MET C 438 20.98 30.96 25.34
C MET C 438 22.08 31.51 26.26
N ALA C 439 21.88 31.36 27.57
CA ALA C 439 22.88 31.75 28.56
C ALA C 439 24.31 31.30 28.21
N TRP C 440 24.53 29.99 28.05
CA TRP C 440 25.83 29.46 27.72
C TRP C 440 26.29 29.95 26.37
N LEU C 441 25.38 30.27 25.47
CA LEU C 441 25.82 30.71 24.16
C LEU C 441 26.35 32.16 24.24
N LEU C 442 25.59 33.03 24.87
CA LEU C 442 26.00 34.41 25.08
C LEU C 442 27.14 34.65 26.12
N GLN C 443 27.47 33.68 26.96
CA GLN C 443 28.68 33.76 27.77
C GLN C 443 29.92 33.53 26.92
N ARG C 444 29.93 32.46 26.14
CA ARG C 444 31.11 32.09 25.35
C ARG C 444 31.16 32.66 23.92
N PHE C 445 30.06 33.17 23.37
CA PHE C 445 30.00 33.42 21.91
C PHE C 445 29.51 34.73 21.39
N ASP C 446 30.34 35.35 20.57
CA ASP C 446 29.89 36.37 19.65
C ASP C 446 29.09 35.66 18.57
N LEU C 447 27.98 36.27 18.17
CA LEU C 447 27.09 35.69 17.18
C LEU C 447 26.61 36.81 16.30
N GLU C 448 27.01 36.75 15.03
CA GLU C 448 26.78 37.85 14.11
C GLU C 448 26.29 37.41 12.74
N VAL C 449 25.71 38.37 12.01
CA VAL C 449 25.52 38.30 10.59
C VAL C 449 26.82 37.77 9.96
N PRO C 450 26.74 36.76 9.06
CA PRO C 450 27.93 36.37 8.30
C PRO C 450 28.46 37.42 7.27
N ASP C 451 29.70 37.25 6.82
CA ASP C 451 30.34 38.17 5.86
C ASP C 451 29.52 38.43 4.59
N ASP C 452 29.13 37.36 3.88
CA ASP C 452 28.12 37.53 2.80
C ASP C 452 26.88 38.02 3.58
N GLY C 453 26.56 39.37 3.41
CA GLY C 453 25.69 40.00 4.44
C GLY C 453 24.22 39.60 4.35
N GLN C 454 23.83 38.43 4.86
CA GLN C 454 22.40 38.03 4.69
C GLN C 454 21.66 37.90 6.01
N LEU C 455 20.52 38.57 6.08
CA LEU C 455 19.67 38.50 7.25
C LEU C 455 18.74 37.30 7.13
N PRO C 456 18.49 36.61 8.26
CA PRO C 456 17.51 35.52 8.29
C PRO C 456 16.11 36.06 7.98
N SER C 457 15.35 35.37 7.10
CA SER C 457 13.90 35.62 6.99
C SER C 457 13.17 35.30 8.31
N LEU C 458 12.18 36.11 8.63
CA LEU C 458 11.36 35.93 9.84
C LEU C 458 9.92 35.72 9.43
N GLU C 459 9.69 35.53 8.14
CA GLU C 459 8.36 35.16 7.65
C GLU C 459 7.90 33.84 8.29
N GLY C 460 8.82 32.90 8.51
CA GLY C 460 8.49 31.52 8.95
C GLY C 460 7.94 30.54 7.89
N ILE C 461 7.77 29.28 8.32
CA ILE C 461 7.13 28.19 7.51
C ILE C 461 6.25 27.35 8.44
N PRO C 462 4.94 27.54 8.35
CA PRO C 462 4.00 26.95 9.28
C PRO C 462 3.81 25.46 9.01
N LYS C 463 3.94 24.66 10.07
CA LYS C 463 3.85 23.21 10.01
C LYS C 463 3.30 22.74 11.35
N VAL C 464 3.48 21.48 11.73
CA VAL C 464 3.14 21.08 13.09
C VAL C 464 3.84 21.98 14.09
N VAL C 465 5.06 22.39 13.75
CA VAL C 465 5.79 23.40 14.51
C VAL C 465 6.04 24.59 13.57
N PHE C 466 5.93 25.81 14.11
CA PHE C 466 6.16 27.04 13.34
C PHE C 466 7.68 27.20 13.12
N LEU C 467 8.14 26.78 11.93
CA LEU C 467 9.56 26.75 11.62
C LEU C 467 10.09 28.02 11.03
N ILE C 468 11.40 28.12 11.09
CA ILE C 468 12.09 29.19 10.41
C ILE C 468 13.02 28.56 9.34
N ASP C 469 13.12 29.24 8.18
CA ASP C 469 14.14 28.91 7.12
C ASP C 469 15.53 28.90 7.71
N SER C 470 16.31 27.90 7.31
CA SER C 470 17.67 27.78 7.79
C SER C 470 18.38 29.03 7.38
N PHE C 471 19.25 29.52 8.24
CA PHE C 471 20.02 30.73 7.95
C PHE C 471 21.41 30.47 8.48
N LYS C 472 22.38 31.33 8.15
CA LYS C 472 23.68 31.16 8.79
C LYS C 472 24.01 32.24 9.86
N VAL C 473 24.86 31.84 10.81
CA VAL C 473 25.49 32.72 11.83
C VAL C 473 27.03 32.68 11.75
N LYS C 474 27.65 33.85 11.84
CA LYS C 474 29.11 33.98 12.11
C LYS C 474 29.43 33.83 13.63
N ILE C 475 30.37 32.95 13.93
CA ILE C 475 30.67 32.52 15.29
C ILE C 475 32.17 32.57 15.62
N LYS C 476 32.47 33.17 16.78
CA LYS C 476 33.83 33.47 17.29
C LYS C 476 33.75 33.46 18.83
N VAL C 477 34.60 32.65 19.48
CA VAL C 477 34.79 32.69 20.96
C VAL C 477 35.01 34.12 21.36
N ARG C 478 34.32 34.56 22.41
CA ARG C 478 34.24 35.99 22.73
C ARG C 478 35.55 36.72 23.06
N GLN C 479 35.57 38.03 22.82
CA GLN C 479 36.62 38.92 23.34
C GLN C 479 36.77 38.69 24.85
N ALA C 480 35.79 39.13 25.65
CA ALA C 480 35.82 38.97 27.12
C ALA C 480 36.11 37.55 27.65
N TRP C 481 35.64 36.51 26.97
CA TRP C 481 35.86 35.12 27.36
C TRP C 481 37.31 34.73 27.11
N ARG C 482 37.92 35.40 26.13
CA ARG C 482 39.25 35.02 25.65
C ARG C 482 40.30 35.26 26.76
N GLU C 483 40.52 36.52 27.18
CA GLU C 483 41.57 36.81 28.17
C GLU C 483 41.23 36.29 29.56
N ALA C 484 39.95 36.02 29.79
CA ALA C 484 39.49 35.73 31.14
C ALA C 484 39.77 34.29 31.67
N GLN C 485 39.85 33.29 30.81
CA GLN C 485 40.05 31.91 31.28
C GLN C 485 41.52 31.57 31.56
N SER D 12 35.85 -33.79 14.48
CA SER D 12 34.94 -34.77 15.17
C SER D 12 34.88 -34.46 16.68
N LEU D 13 34.06 -35.19 17.41
CA LEU D 13 34.09 -35.13 18.88
C LEU D 13 33.30 -33.96 19.61
N LEU D 14 33.02 -32.85 18.92
CA LEU D 14 32.33 -31.73 19.58
C LEU D 14 30.93 -31.59 18.98
N SER D 15 29.96 -31.15 19.79
CA SER D 15 28.58 -30.87 19.32
C SER D 15 28.29 -29.38 19.13
N LEU D 16 27.79 -29.03 17.94
CA LEU D 16 27.17 -27.71 17.73
C LEU D 16 25.97 -27.49 18.64
N PRO D 17 25.76 -26.24 19.10
CA PRO D 17 24.49 -26.06 19.80
C PRO D 17 23.30 -26.19 18.82
N LEU D 18 22.33 -27.02 19.20
CA LEU D 18 21.07 -27.10 18.50
C LEU D 18 20.06 -26.07 19.09
N VAL D 19 19.76 -25.03 18.32
CA VAL D 19 18.95 -23.91 18.82
C VAL D 19 17.53 -23.78 18.23
N GLY D 20 17.14 -24.75 17.39
CA GLY D 20 15.76 -25.00 16.98
C GLY D 20 15.54 -26.44 16.52
N SER D 21 14.45 -27.06 16.97
CA SER D 21 13.98 -28.28 16.31
C SER D 21 12.46 -28.29 16.06
N LEU D 22 12.06 -29.06 15.05
CA LEU D 22 10.69 -29.41 14.77
C LEU D 22 10.77 -30.85 14.32
N PRO D 23 9.61 -31.49 14.21
CA PRO D 23 9.45 -32.77 13.53
C PRO D 23 8.35 -32.80 12.43
N PHE D 24 7.55 -31.73 12.39
CA PHE D 24 6.31 -31.69 11.63
C PHE D 24 6.38 -31.55 10.11
N LEU D 25 6.83 -32.61 9.43
CA LEU D 25 6.42 -32.89 8.07
C LEU D 25 5.00 -33.52 7.89
N PRO D 26 3.99 -32.78 7.41
CA PRO D 26 2.74 -33.42 6.94
C PRO D 26 2.58 -33.58 5.41
N ARG D 27 2.15 -34.79 4.99
CA ARG D 27 1.71 -35.02 3.59
C ARG D 27 0.28 -34.43 3.43
N HIS D 28 0.23 -33.09 3.28
CA HIS D 28 -0.95 -32.28 2.80
C HIS D 28 -2.36 -32.44 3.44
N GLY D 29 -2.47 -33.07 4.61
CA GLY D 29 -3.77 -33.20 5.26
C GLY D 29 -4.18 -31.91 5.98
N HIS D 30 -5.38 -31.91 6.53
CA HIS D 30 -5.92 -30.74 7.21
C HIS D 30 -5.26 -30.58 8.55
N MET D 31 -5.08 -29.34 8.96
CA MET D 31 -4.30 -29.05 10.14
C MET D 31 -4.82 -29.73 11.40
N HIS D 32 -6.13 -29.68 11.63
CA HIS D 32 -6.72 -30.23 12.84
C HIS D 32 -6.48 -31.74 12.94
N ASN D 33 -6.51 -32.42 11.79
CA ASN D 33 -6.19 -33.82 11.64
C ASN D 33 -4.74 -34.09 12.02
N ASN D 34 -3.81 -33.32 11.45
CA ASN D 34 -2.38 -33.48 11.74
C ASN D 34 -2.06 -33.23 13.20
N PHE D 35 -2.81 -32.31 13.81
CA PHE D 35 -2.65 -32.01 15.22
C PHE D 35 -3.17 -33.17 16.09
N PHE D 36 -4.30 -33.73 15.68
CA PHE D 36 -4.87 -34.88 16.33
C PHE D 36 -3.93 -36.08 16.17
N LYS D 37 -3.40 -36.32 14.97
CA LYS D 37 -2.39 -37.39 14.78
C LYS D 37 -1.17 -37.24 15.67
N LEU D 38 -0.92 -36.05 16.19
CA LEU D 38 0.24 -35.86 17.07
C LEU D 38 0.02 -36.15 18.56
N GLN D 39 -1.22 -36.48 18.91
CA GLN D 39 -1.60 -36.81 20.28
C GLN D 39 -1.01 -38.14 20.81
N LYS D 40 -1.01 -39.20 19.98
CA LYS D 40 -0.19 -40.44 20.18
C LYS D 40 1.22 -40.19 20.73
N LYS D 41 2.04 -39.49 19.94
CA LYS D 41 3.41 -39.17 20.35
C LYS D 41 3.40 -38.21 21.56
N TYR D 42 2.38 -37.36 21.67
CA TYR D 42 2.51 -36.25 22.61
C TYR D 42 1.46 -36.10 23.72
N GLY D 43 0.30 -36.68 23.52
CA GLY D 43 -0.73 -36.59 24.52
C GLY D 43 -1.81 -35.57 24.19
N PRO D 44 -2.66 -35.28 25.17
CA PRO D 44 -3.82 -34.41 24.98
C PRO D 44 -3.50 -32.90 24.85
N ILE D 45 -2.40 -32.44 25.40
CA ILE D 45 -2.02 -31.03 25.39
C ILE D 45 -0.51 -30.82 25.11
N TYR D 46 -0.19 -30.02 24.10
CA TYR D 46 1.20 -29.76 23.71
C TYR D 46 1.39 -28.38 23.09
N SER D 47 2.63 -27.95 22.94
CA SER D 47 2.95 -26.57 22.60
C SER D 47 4.09 -26.48 21.60
N VAL D 48 4.07 -25.39 20.84
CA VAL D 48 5.10 -25.01 19.89
C VAL D 48 5.56 -23.59 20.22
N ARG D 49 6.84 -23.30 20.04
CA ARG D 49 7.43 -21.97 20.31
C ARG D 49 8.15 -21.33 19.10
N MET D 50 7.75 -20.11 18.76
CA MET D 50 8.35 -19.35 17.67
C MET D 50 8.77 -18.00 18.27
N GLY D 51 10.08 -17.78 18.39
CA GLY D 51 10.59 -16.59 19.06
C GLY D 51 10.03 -16.50 20.46
N THR D 52 9.33 -15.41 20.74
CA THR D 52 8.70 -15.19 22.05
C THR D 52 7.25 -15.66 22.14
N LYS D 53 6.68 -16.13 21.01
CA LYS D 53 5.28 -16.56 20.87
C LYS D 53 5.17 -18.06 21.14
N THR D 54 4.20 -18.47 21.95
CA THR D 54 4.01 -19.87 22.25
C THR D 54 2.62 -20.24 21.84
N THR D 55 2.45 -21.45 21.34
CA THR D 55 1.11 -21.94 21.11
C THR D 55 0.80 -23.31 21.77
N VAL D 56 -0.31 -23.33 22.50
CA VAL D 56 -0.83 -24.52 23.14
C VAL D 56 -1.98 -25.13 22.34
N ILE D 57 -1.86 -26.42 22.04
CA ILE D 57 -2.91 -27.17 21.38
C ILE D 57 -3.52 -28.19 22.39
N VAL D 58 -4.83 -28.15 22.48
CA VAL D 58 -5.55 -28.93 23.45
C VAL D 58 -6.45 -29.90 22.68
N GLY D 59 -6.29 -31.20 22.98
CA GLY D 59 -7.03 -32.24 22.27
C GLY D 59 -8.04 -33.08 23.06
N HIS D 60 -8.37 -32.71 24.29
CA HIS D 60 -9.22 -33.58 25.09
C HIS D 60 -10.29 -32.74 25.77
N HIS D 61 -11.49 -33.32 25.87
CA HIS D 61 -12.66 -32.62 26.40
C HIS D 61 -12.46 -32.09 27.81
N GLN D 62 -11.67 -32.79 28.63
CA GLN D 62 -11.50 -32.34 30.03
C GLN D 62 -10.74 -31.03 30.01
N LEU D 63 -9.62 -31.03 29.29
CA LEU D 63 -8.76 -29.85 29.13
C LEU D 63 -9.43 -28.68 28.44
N ALA D 64 -10.15 -28.98 27.37
CA ALA D 64 -10.80 -27.96 26.59
C ALA D 64 -11.86 -27.26 27.41
N LYS D 65 -12.54 -28.03 28.29
CA LYS D 65 -13.54 -27.47 29.17
C LYS D 65 -12.95 -26.63 30.29
N GLU D 66 -11.69 -26.89 30.66
CA GLU D 66 -11.02 -25.99 31.61
C GLU D 66 -10.79 -24.63 30.93
N VAL D 67 -10.43 -24.67 29.66
CA VAL D 67 -10.09 -23.49 28.86
C VAL D 67 -11.33 -22.66 28.57
N LEU D 68 -12.41 -23.31 28.11
CA LEU D 68 -13.64 -22.61 27.72
C LEU D 68 -14.59 -22.29 28.86
N ILE D 69 -14.79 -23.23 29.80
CA ILE D 69 -15.74 -23.08 30.94
C ILE D 69 -15.07 -22.69 32.27
N LYS D 70 -14.27 -23.59 32.82
CA LYS D 70 -13.79 -23.45 34.17
C LYS D 70 -12.91 -22.20 34.39
N LYS D 71 -11.82 -22.06 33.62
CA LYS D 71 -11.03 -20.82 33.55
C LYS D 71 -11.40 -19.98 32.30
N GLY D 72 -12.71 -19.87 32.10
CA GLY D 72 -13.29 -19.18 30.96
C GLY D 72 -12.80 -17.76 30.78
N LYS D 73 -12.86 -16.93 31.82
CA LYS D 73 -12.34 -15.55 31.76
C LYS D 73 -10.83 -15.47 31.49
N ASP D 74 -10.08 -16.47 31.94
CA ASP D 74 -8.63 -16.48 31.74
C ASP D 74 -8.24 -16.66 30.28
N PHE D 75 -9.07 -17.34 29.52
CA PHE D 75 -8.67 -17.74 28.22
C PHE D 75 -9.57 -17.08 27.13
N SER D 76 -10.31 -16.05 27.54
CA SER D 76 -11.26 -15.34 26.67
C SER D 76 -10.67 -14.31 25.67
N GLY D 77 -9.35 -14.12 25.71
CA GLY D 77 -8.63 -13.25 24.81
C GLY D 77 -8.57 -13.79 23.40
N ARG D 78 -8.14 -12.96 22.48
CA ARG D 78 -7.90 -13.38 21.11
C ARG D 78 -6.53 -12.96 20.75
N PRO D 79 -5.79 -13.80 20.02
CA PRO D 79 -4.53 -13.28 19.48
C PRO D 79 -4.75 -12.31 18.31
N GLN D 80 -4.04 -11.16 18.37
CA GLN D 80 -3.77 -10.33 17.19
C GLN D 80 -3.09 -11.16 16.05
N MET D 81 -3.66 -11.09 14.88
CA MET D 81 -3.11 -11.68 13.68
C MET D 81 -3.37 -10.71 12.55
N ALA D 82 -2.34 -10.48 11.73
CA ALA D 82 -2.40 -9.55 10.61
C ALA D 82 -3.55 -9.80 9.63
N THR D 83 -3.86 -11.07 9.35
CA THR D 83 -5.02 -11.39 8.52
C THR D 83 -6.36 -11.00 9.20
N LEU D 84 -6.51 -11.31 10.49
CA LEU D 84 -7.73 -10.97 11.24
C LEU D 84 -7.93 -9.47 11.37
N ASP D 85 -6.84 -8.72 11.57
CA ASP D 85 -6.76 -7.23 11.55
C ASP D 85 -7.51 -6.62 10.37
N ILE D 86 -7.25 -7.19 9.21
CA ILE D 86 -7.81 -6.69 8.00
C ILE D 86 -9.30 -6.99 7.98
N ALA D 87 -9.64 -8.26 8.20
CA ALA D 87 -11.03 -8.70 8.17
C ALA D 87 -11.88 -7.96 9.20
N SER D 88 -11.28 -7.59 10.31
CA SER D 88 -12.01 -7.10 11.46
C SER D 88 -11.87 -5.62 11.72
N ASN D 89 -11.22 -4.91 10.77
CA ASN D 89 -10.96 -3.45 10.89
C ASN D 89 -10.20 -3.09 12.15
N ASN D 90 -9.16 -3.87 12.44
CA ASN D 90 -8.31 -3.68 13.60
C ASN D 90 -8.93 -4.11 14.89
N ARG D 91 -9.48 -5.32 14.85
CA ARG D 91 -9.91 -6.02 16.05
C ARG D 91 -11.22 -5.39 16.61
N LYS D 92 -12.00 -4.82 15.69
CA LYS D 92 -13.37 -4.41 16.00
C LYS D 92 -14.35 -5.58 15.88
N GLY D 93 -15.65 -5.27 16.01
CA GLY D 93 -16.71 -6.27 16.02
C GLY D 93 -16.66 -7.17 17.25
N ILE D 94 -16.93 -8.46 17.05
CA ILE D 94 -17.05 -9.44 18.13
C ILE D 94 -16.04 -10.61 18.04
N ALA D 95 -16.16 -11.44 17.02
CA ALA D 95 -15.44 -12.68 16.97
C ALA D 95 -13.94 -12.55 17.14
N PHE D 96 -13.36 -11.59 16.44
CA PHE D 96 -11.92 -11.41 16.48
C PHE D 96 -11.49 -10.28 17.40
N ALA D 97 -12.40 -9.69 18.17
CA ALA D 97 -12.03 -8.64 19.11
C ALA D 97 -11.41 -9.30 20.33
N ASP D 98 -10.35 -8.74 20.88
CA ASP D 98 -9.77 -9.12 22.16
C ASP D 98 -10.81 -8.97 23.28
N SER D 99 -10.67 -9.74 24.35
CA SER D 99 -11.49 -9.51 25.55
C SER D 99 -11.21 -8.10 26.08
N GLY D 100 -12.22 -7.50 26.64
CA GLY D 100 -12.16 -6.07 26.93
C GLY D 100 -13.54 -5.49 26.79
N ALA D 101 -13.59 -4.16 26.91
CA ALA D 101 -14.82 -3.38 27.02
C ALA D 101 -15.59 -3.35 25.70
N HIS D 102 -14.87 -3.06 24.61
CA HIS D 102 -15.46 -3.05 23.28
C HIS D 102 -16.14 -4.40 23.04
N TRP D 103 -15.39 -5.49 23.15
CA TRP D 103 -15.94 -6.85 23.01
C TRP D 103 -17.15 -7.10 23.91
N GLN D 104 -17.09 -6.72 25.20
CA GLN D 104 -18.17 -7.07 26.15
C GLN D 104 -19.47 -6.35 25.84
N LEU D 105 -19.31 -5.10 25.43
CA LEU D 105 -20.41 -4.25 25.04
C LEU D 105 -21.12 -4.76 23.79
N HIS D 106 -20.35 -4.96 22.74
CA HIS D 106 -20.91 -5.40 21.47
C HIS D 106 -21.46 -6.80 21.52
N ARG D 107 -20.77 -7.72 22.17
CA ARG D 107 -21.37 -9.05 22.39
C ARG D 107 -22.71 -8.93 23.08
N ARG D 108 -22.75 -8.10 24.11
CA ARG D 108 -23.92 -7.94 24.96
C ARG D 108 -25.07 -7.35 24.15
N LEU D 109 -24.77 -6.34 23.35
CA LEU D 109 -25.79 -5.77 22.46
C LEU D 109 -26.23 -6.72 21.35
N ALA D 110 -25.32 -7.54 20.82
CA ALA D 110 -25.77 -8.44 19.76
C ALA D 110 -26.63 -9.51 20.41
N MET D 111 -26.33 -9.85 21.68
CA MET D 111 -27.19 -10.80 22.44
C MET D 111 -28.58 -10.22 22.74
N ALA D 112 -28.65 -8.94 23.12
CA ALA D 112 -29.93 -8.27 23.42
C ALA D 112 -30.93 -8.19 22.25
N THR D 113 -30.40 -8.14 21.02
CA THR D 113 -31.17 -8.04 19.80
C THR D 113 -31.91 -9.34 19.55
N PHE D 114 -31.43 -10.45 20.12
CA PHE D 114 -32.15 -11.71 20.01
C PHE D 114 -33.43 -11.76 20.89
N ALA D 115 -33.36 -11.17 22.08
CA ALA D 115 -34.55 -11.03 22.94
C ALA D 115 -35.76 -10.51 22.13
N LEU D 116 -35.53 -9.45 21.35
CA LEU D 116 -36.55 -8.80 20.52
C LEU D 116 -37.05 -9.68 19.37
N PHE D 117 -36.67 -10.94 19.38
CA PHE D 117 -37.12 -11.86 18.35
C PHE D 117 -37.72 -13.16 18.91
N LYS D 118 -38.23 -13.10 20.14
CA LYS D 118 -38.84 -14.29 20.76
C LYS D 118 -40.35 -14.44 20.57
N ASP D 119 -41.14 -13.40 20.88
CA ASP D 119 -42.61 -13.49 20.76
C ASP D 119 -43.26 -12.26 20.12
N GLY D 120 -43.56 -12.34 18.81
CA GLY D 120 -44.15 -11.20 18.08
C GLY D 120 -44.72 -11.54 16.71
N ASP D 121 -45.13 -10.51 15.96
CA ASP D 121 -45.43 -10.64 14.53
C ASP D 121 -44.12 -11.00 13.87
N GLN D 122 -43.11 -10.19 14.20
CA GLN D 122 -41.75 -10.29 13.70
C GLN D 122 -40.95 -11.33 14.53
N LYS D 123 -41.65 -12.29 15.14
CA LYS D 123 -41.07 -13.48 15.82
C LYS D 123 -40.13 -14.26 14.91
N LEU D 124 -39.15 -14.94 15.51
CA LEU D 124 -38.02 -15.59 14.80
C LEU D 124 -38.42 -16.71 13.83
N GLU D 125 -39.31 -17.59 14.28
CA GLU D 125 -39.80 -18.70 13.46
C GLU D 125 -40.48 -18.19 12.18
N LYS D 126 -41.32 -17.16 12.31
CA LYS D 126 -42.09 -16.61 11.20
C LYS D 126 -41.17 -16.09 10.12
N ILE D 127 -40.30 -15.17 10.53
CA ILE D 127 -39.30 -14.53 9.67
C ILE D 127 -38.48 -15.58 8.90
N ILE D 128 -38.08 -16.65 9.58
CA ILE D 128 -37.40 -17.79 8.94
C ILE D 128 -38.22 -18.48 7.84
N CYS D 129 -39.40 -18.95 8.23
CA CYS D 129 -40.37 -19.67 7.38
C CYS D 129 -40.80 -18.88 6.16
N GLN D 130 -40.96 -17.57 6.32
CA GLN D 130 -41.26 -16.68 5.19
C GLN D 130 -40.17 -16.73 4.11
N GLU D 131 -38.91 -16.86 4.52
CA GLU D 131 -37.78 -16.98 3.59
C GLU D 131 -37.62 -18.38 3.05
N ILE D 132 -38.00 -19.37 3.84
CA ILE D 132 -37.97 -20.77 3.39
C ILE D 132 -39.12 -21.04 2.38
N SER D 133 -40.23 -20.31 2.56
CA SER D 133 -41.31 -20.18 1.58
C SER D 133 -40.71 -19.90 0.21
N THR D 134 -40.15 -18.69 0.06
CA THR D 134 -39.42 -18.24 -1.13
C THR D 134 -38.41 -19.25 -1.65
N LEU D 135 -37.60 -19.81 -0.75
CA LEU D 135 -36.60 -20.80 -1.11
C LEU D 135 -37.23 -21.96 -1.85
N CYS D 136 -38.34 -22.45 -1.31
CA CYS D 136 -39.08 -23.54 -1.91
C CYS D 136 -39.62 -23.16 -3.32
N ASP D 137 -40.33 -22.04 -3.41
CA ASP D 137 -40.92 -21.54 -4.67
C ASP D 137 -39.86 -21.25 -5.74
N MET D 138 -38.61 -21.08 -5.30
CA MET D 138 -37.45 -20.87 -6.18
C MET D 138 -36.86 -22.18 -6.68
N LEU D 139 -36.79 -23.17 -5.80
CA LEU D 139 -36.32 -24.52 -6.13
C LEU D 139 -37.41 -25.23 -6.93
N ALA D 140 -38.65 -24.82 -6.69
CA ALA D 140 -39.81 -25.29 -7.43
C ALA D 140 -39.59 -25.06 -8.93
N THR D 141 -38.99 -23.93 -9.26
CA THR D 141 -38.69 -23.58 -10.65
C THR D 141 -37.56 -24.42 -11.24
N HIS D 142 -36.77 -25.07 -10.38
CA HIS D 142 -35.68 -25.95 -10.84
C HIS D 142 -36.13 -27.40 -10.84
N ASN D 143 -37.44 -27.56 -10.88
CA ASN D 143 -38.12 -28.82 -11.11
C ASN D 143 -37.37 -29.70 -12.12
N GLY D 144 -36.88 -30.86 -11.68
CA GLY D 144 -36.30 -31.85 -12.59
C GLY D 144 -34.80 -31.85 -12.85
N GLN D 145 -34.20 -30.66 -12.90
CA GLN D 145 -32.76 -30.49 -13.27
C GLN D 145 -31.82 -30.65 -12.03
N SER D 146 -30.49 -30.65 -12.25
CA SER D 146 -29.47 -30.92 -11.21
C SER D 146 -28.45 -29.80 -10.96
N ILE D 147 -28.71 -28.96 -9.95
CA ILE D 147 -27.99 -27.70 -9.68
C ILE D 147 -27.20 -27.66 -8.34
N ASP D 148 -26.38 -26.61 -8.17
CA ASP D 148 -25.73 -26.26 -6.89
C ASP D 148 -26.83 -25.57 -6.11
N ILE D 149 -26.96 -25.95 -4.84
CA ILE D 149 -27.90 -25.30 -3.90
C ILE D 149 -27.39 -24.04 -3.18
N SER D 150 -26.06 -23.88 -3.09
CA SER D 150 -25.39 -22.75 -2.44
C SER D 150 -26.15 -21.44 -2.55
N PHE D 151 -26.35 -20.97 -3.77
CA PHE D 151 -26.97 -19.68 -4.00
C PHE D 151 -28.39 -19.56 -3.42
N PRO D 152 -29.30 -20.51 -3.77
CA PRO D 152 -30.65 -20.31 -3.24
C PRO D 152 -30.70 -20.34 -1.72
N VAL D 153 -29.88 -21.21 -1.12
CA VAL D 153 -29.79 -21.33 0.35
C VAL D 153 -29.14 -20.10 0.98
N PHE D 154 -28.21 -19.51 0.25
CA PHE D 154 -27.52 -18.30 0.69
C PHE D 154 -28.43 -17.07 0.71
N VAL D 155 -29.30 -16.98 -0.30
CA VAL D 155 -30.25 -15.88 -0.39
C VAL D 155 -31.15 -15.93 0.83
N ALA D 156 -31.82 -17.06 1.03
CA ALA D 156 -32.74 -17.26 2.18
C ALA D 156 -32.06 -16.98 3.52
N VAL D 157 -30.91 -17.59 3.77
CA VAL D 157 -30.21 -17.22 5.00
C VAL D 157 -29.83 -15.73 5.07
N THR D 158 -29.45 -15.13 3.93
CA THR D 158 -29.02 -13.71 3.88
C THR D 158 -30.21 -12.81 4.20
N ASN D 159 -31.37 -13.16 3.64
CA ASN D 159 -32.62 -12.45 3.94
C ASN D 159 -33.02 -12.54 5.42
N VAL D 160 -32.88 -13.73 6.02
CA VAL D 160 -33.09 -13.84 7.47
C VAL D 160 -32.20 -12.83 8.23
N ILE D 161 -30.89 -12.88 7.95
CA ILE D 161 -29.91 -12.04 8.68
C ILE D 161 -30.11 -10.56 8.41
N SER D 162 -30.46 -10.22 7.18
CA SER D 162 -30.71 -8.81 6.85
C SER D 162 -31.96 -8.28 7.60
N LEU D 163 -32.96 -9.15 7.73
CA LEU D 163 -34.15 -8.83 8.51
C LEU D 163 -33.80 -8.53 9.97
N ILE D 164 -32.88 -9.30 10.52
CA ILE D 164 -32.46 -9.10 11.91
C ILE D 164 -31.61 -7.83 12.16
N CYS D 165 -30.72 -7.51 11.22
CA CYS D 165 -29.85 -6.33 11.31
C CYS D 165 -30.55 -5.04 10.94
N PHE D 166 -31.35 -5.09 9.88
CA PHE D 166 -31.97 -3.90 9.26
C PHE D 166 -33.51 -3.83 9.07
N ASN D 167 -34.23 -4.94 9.09
CA ASN D 167 -35.62 -4.98 8.61
C ASN D 167 -35.74 -4.71 7.12
N THR D 168 -34.72 -5.11 6.34
CA THR D 168 -34.81 -5.11 4.89
C THR D 168 -34.47 -6.50 4.36
N SER D 169 -35.12 -6.90 3.28
CA SER D 169 -34.87 -8.18 2.67
C SER D 169 -34.68 -7.86 1.20
N TYR D 170 -34.10 -8.81 0.46
CA TYR D 170 -33.82 -8.60 -0.94
C TYR D 170 -34.82 -9.41 -1.76
N LYS D 171 -35.46 -8.74 -2.75
CA LYS D 171 -36.26 -9.43 -3.76
C LYS D 171 -35.34 -10.40 -4.49
N ASN D 172 -35.92 -11.31 -5.25
CA ASN D 172 -35.15 -12.19 -6.14
C ASN D 172 -34.45 -11.39 -7.22
N GLY D 173 -33.23 -11.84 -7.54
CA GLY D 173 -32.40 -11.22 -8.59
C GLY D 173 -31.95 -9.77 -8.38
N ASP D 174 -32.07 -9.24 -7.16
CA ASP D 174 -31.35 -8.01 -6.77
C ASP D 174 -29.85 -8.31 -6.90
N PRO D 175 -29.10 -7.47 -7.63
CA PRO D 175 -27.66 -7.71 -7.82
C PRO D 175 -26.78 -7.58 -6.57
N GLU D 176 -27.18 -6.75 -5.59
CA GLU D 176 -26.55 -6.69 -4.28
C GLU D 176 -26.29 -8.05 -3.62
N LEU D 177 -27.15 -9.03 -3.91
CA LEU D 177 -26.94 -10.39 -3.47
C LEU D 177 -25.69 -11.10 -4.06
N ASN D 178 -25.44 -10.91 -5.34
CA ASN D 178 -24.23 -11.50 -5.97
C ASN D 178 -22.97 -10.80 -5.50
N VAL D 179 -23.14 -9.54 -5.09
CA VAL D 179 -22.03 -8.80 -4.57
C VAL D 179 -21.64 -9.39 -3.22
N ILE D 180 -22.63 -9.83 -2.46
CA ILE D 180 -22.35 -10.36 -1.15
C ILE D 180 -21.68 -11.71 -1.29
N GLN D 181 -22.25 -12.56 -2.12
CA GLN D 181 -21.65 -13.88 -2.22
C GLN D 181 -20.19 -13.83 -2.70
N ASN D 182 -19.89 -12.95 -3.66
CA ASN D 182 -18.56 -12.86 -4.23
C ASN D 182 -17.52 -12.41 -3.22
N TYR D 183 -17.84 -11.37 -2.48
CA TYR D 183 -16.97 -10.91 -1.44
C TYR D 183 -16.94 -11.78 -0.17
N ASN D 184 -18.07 -12.43 0.14
CA ASN D 184 -18.05 -13.49 1.13
C ASN D 184 -17.02 -14.54 0.78
N GLU D 185 -17.06 -15.03 -0.47
CA GLU D 185 -16.19 -16.11 -0.90
C GLU D 185 -14.73 -15.67 -0.96
N GLY D 186 -14.50 -14.45 -1.45
CA GLY D 186 -13.18 -13.86 -1.55
C GLY D 186 -12.45 -13.63 -0.25
N ILE D 187 -13.20 -13.24 0.79
CA ILE D 187 -12.64 -13.04 2.15
C ILE D 187 -12.25 -14.36 2.80
N ILE D 188 -13.15 -15.34 2.70
CA ILE D 188 -12.92 -16.67 3.26
C ILE D 188 -11.74 -17.35 2.57
N ASP D 189 -11.66 -17.16 1.26
CA ASP D 189 -10.61 -17.75 0.43
C ASP D 189 -9.21 -17.20 0.69
N ASN D 190 -9.13 -15.93 1.02
CA ASN D 190 -7.85 -15.24 1.24
C ASN D 190 -7.47 -15.07 2.69
N LEU D 191 -8.38 -15.36 3.57
CA LEU D 191 -8.09 -15.27 4.97
C LEU D 191 -7.08 -16.26 5.52
N SER D 192 -7.16 -17.51 5.14
CA SER D 192 -6.25 -18.46 5.68
C SER D 192 -6.21 -19.58 4.72
N LYS D 193 -5.25 -20.44 4.83
CA LYS D 193 -5.26 -21.59 3.98
C LYS D 193 -5.63 -22.85 4.72
N ASP D 194 -5.97 -22.70 5.98
CA ASP D 194 -6.40 -23.77 6.87
C ASP D 194 -7.19 -23.08 7.98
N SER D 195 -7.57 -23.84 9.02
CA SER D 195 -8.12 -23.21 10.23
C SER D 195 -7.16 -22.14 10.78
N LEU D 196 -7.69 -21.17 11.50
CA LEU D 196 -6.91 -20.08 12.02
C LEU D 196 -5.97 -20.47 13.15
N VAL D 197 -4.73 -20.02 13.02
CA VAL D 197 -3.65 -20.25 13.98
C VAL D 197 -2.64 -19.11 13.80
N ASP D 198 -2.26 -18.44 14.90
CA ASP D 198 -1.29 -17.34 14.87
C ASP D 198 0.12 -17.86 14.71
N LEU D 199 0.34 -19.15 14.98
CA LEU D 199 1.60 -19.79 14.57
C LEU D 199 1.94 -19.50 13.10
N VAL D 200 0.93 -19.40 12.25
CA VAL D 200 1.15 -19.34 10.81
C VAL D 200 0.96 -17.91 10.32
N PRO D 201 2.04 -17.28 9.84
CA PRO D 201 1.90 -15.93 9.25
C PRO D 201 1.23 -15.98 7.85
N TRP D 202 -0.10 -16.07 7.85
CA TRP D 202 -0.92 -16.23 6.67
C TRP D 202 -0.68 -15.32 5.47
N LEU D 203 -0.40 -14.05 5.71
CA LEU D 203 -0.27 -13.10 4.57
C LEU D 203 1.04 -13.19 3.81
N LYS D 204 2.04 -13.85 4.41
CA LYS D 204 3.42 -13.79 3.97
C LYS D 204 4.01 -15.15 3.64
N ILE D 205 3.29 -16.21 3.91
CA ILE D 205 3.81 -17.55 3.60
C ILE D 205 4.07 -17.81 2.09
N PHE D 206 3.25 -17.25 1.19
CA PHE D 206 3.45 -17.50 -0.23
C PHE D 206 3.66 -16.23 -1.04
N PRO D 207 4.49 -16.32 -2.09
CA PRO D 207 4.71 -15.31 -3.14
C PRO D 207 3.44 -15.19 -3.97
N ASN D 208 2.36 -14.86 -3.35
CA ASN D 208 1.14 -14.75 -4.08
C ASN D 208 0.63 -13.43 -3.57
N LYS D 209 -0.61 -13.09 -3.83
CA LYS D 209 -0.99 -11.71 -3.61
C LYS D 209 -2.16 -11.69 -2.62
N THR D 210 -1.93 -12.35 -1.48
CA THR D 210 -3.00 -12.73 -0.57
C THR D 210 -3.56 -11.50 0.09
N LEU D 211 -2.67 -10.71 0.68
CA LEU D 211 -2.97 -9.45 1.29
C LEU D 211 -3.82 -8.51 0.40
N GLU D 212 -3.40 -8.33 -0.86
CA GLU D 212 -4.05 -7.39 -1.76
C GLU D 212 -5.45 -7.85 -2.10
N LYS D 213 -5.64 -9.16 -2.22
CA LYS D 213 -6.96 -9.71 -2.57
C LYS D 213 -7.89 -9.61 -1.39
N LEU D 214 -7.38 -9.96 -0.22
CA LEU D 214 -8.14 -9.85 1.01
C LEU D 214 -8.70 -8.44 1.24
N LYS D 215 -7.79 -7.46 1.12
CA LYS D 215 -8.14 -6.03 1.26
C LYS D 215 -9.19 -5.61 0.22
N SER D 216 -9.06 -6.09 -1.01
CA SER D 216 -10.06 -5.70 -2.01
C SER D 216 -11.46 -6.21 -1.71
N HIS D 217 -11.57 -7.43 -1.18
CA HIS D 217 -12.82 -8.01 -0.77
C HIS D 217 -13.34 -7.29 0.53
N VAL D 218 -12.45 -7.04 1.48
CA VAL D 218 -12.79 -6.23 2.64
C VAL D 218 -13.21 -4.79 2.28
N LYS D 219 -12.61 -4.22 1.24
CA LYS D 219 -12.99 -2.91 0.74
C LYS D 219 -14.46 -2.89 0.36
N ILE D 220 -14.83 -3.81 -0.54
CA ILE D 220 -16.19 -3.87 -1.10
C ILE D 220 -17.19 -4.02 0.04
N ARG D 221 -16.94 -5.00 0.92
CA ARG D 221 -17.80 -5.27 2.07
C ARG D 221 -17.95 -3.99 2.90
N ASN D 222 -16.82 -3.37 3.24
CA ASN D 222 -16.78 -2.11 3.98
C ASN D 222 -17.59 -0.94 3.40
N ASP D 223 -17.36 -0.71 2.10
CA ASP D 223 -18.10 0.25 1.31
C ASP D 223 -19.62 -0.04 1.36
N LEU D 224 -20.01 -1.31 1.26
CA LEU D 224 -21.41 -1.67 1.21
C LEU D 224 -22.09 -1.48 2.59
N LEU D 225 -21.50 -2.00 3.65
CA LEU D 225 -22.00 -1.72 4.97
C LEU D 225 -22.05 -0.24 5.27
N ASN D 226 -21.01 0.50 4.90
CA ASN D 226 -20.98 1.96 5.03
C ASN D 226 -22.18 2.63 4.37
N LYS D 227 -22.53 2.16 3.17
CA LYS D 227 -23.60 2.72 2.38
C LYS D 227 -24.97 2.52 3.07
N ILE D 228 -25.29 1.26 3.43
CA ILE D 228 -26.46 0.90 4.27
C ILE D 228 -26.58 1.76 5.57
N LEU D 229 -25.47 2.02 6.25
CA LEU D 229 -25.47 2.76 7.52
C LEU D 229 -25.56 4.28 7.36
N GLU D 230 -25.14 4.77 6.20
CA GLU D 230 -25.31 6.17 5.76
C GLU D 230 -26.84 6.36 5.47
N ASN D 231 -27.40 5.49 4.63
CA ASN D 231 -28.80 5.49 4.20
C ASN D 231 -29.77 5.01 5.27
N TYR D 232 -29.26 4.77 6.46
CA TYR D 232 -30.10 4.36 7.57
C TYR D 232 -30.08 5.43 8.67
N LYS D 233 -29.10 6.34 8.65
CA LYS D 233 -29.12 7.49 9.57
C LYS D 233 -30.42 8.34 9.50
N GLU D 234 -31.09 8.32 8.34
CA GLU D 234 -32.38 9.00 8.14
C GLU D 234 -33.59 8.20 8.71
N LYS D 235 -33.63 6.89 8.47
CA LYS D 235 -34.72 6.02 8.88
C LYS D 235 -34.81 5.67 10.39
N PHE D 236 -33.79 6.01 11.17
CA PHE D 236 -33.69 5.57 12.57
C PHE D 236 -34.53 6.39 13.52
N ARG D 237 -35.32 5.71 14.33
CA ARG D 237 -36.18 6.38 15.29
C ARG D 237 -36.14 5.74 16.68
N SER D 238 -35.95 6.59 17.69
CA SER D 238 -35.79 6.17 19.11
C SER D 238 -36.97 5.40 19.66
N ASP D 239 -38.17 5.70 19.16
CA ASP D 239 -39.37 5.02 19.63
C ASP D 239 -39.52 3.60 19.06
N SER D 240 -38.70 3.24 18.07
CA SER D 240 -38.86 1.96 17.37
C SER D 240 -37.56 1.18 17.23
N ILE D 241 -37.36 0.24 18.14
CA ILE D 241 -36.14 -0.54 18.18
C ILE D 241 -36.50 -1.97 17.87
N THR D 242 -36.31 -2.41 16.63
CA THR D 242 -36.70 -3.76 16.23
C THR D 242 -35.62 -4.62 15.53
N ASN D 243 -34.41 -4.08 15.35
CA ASN D 243 -33.32 -4.83 14.66
C ASN D 243 -31.94 -4.48 15.22
N MET D 244 -30.90 -5.12 14.71
CA MET D 244 -29.54 -4.92 15.28
C MET D 244 -28.94 -3.53 15.20
N LEU D 245 -29.18 -2.84 14.10
CA LEU D 245 -28.59 -1.53 13.91
C LEU D 245 -29.22 -0.48 14.85
N ASP D 246 -30.54 -0.61 15.07
CA ASP D 246 -31.28 0.13 16.12
C ASP D 246 -30.66 -0.02 17.50
N THR D 247 -30.52 -1.26 17.97
CA THR D 247 -29.90 -1.53 19.26
C THR D 247 -28.55 -0.83 19.34
N LEU D 248 -27.69 -1.06 18.36
CA LEU D 248 -26.40 -0.39 18.31
C LEU D 248 -26.49 1.15 18.34
N MET D 249 -27.40 1.71 17.54
CA MET D 249 -27.62 3.17 17.48
C MET D 249 -28.28 3.78 18.74
N GLN D 250 -29.25 3.06 19.33
CA GLN D 250 -29.84 3.45 20.64
C GLN D 250 -28.72 3.57 21.67
N ALA D 251 -27.91 2.53 21.77
CA ALA D 251 -26.86 2.47 22.78
C ALA D 251 -25.86 3.62 22.64
N LYS D 252 -25.72 4.16 21.44
CA LYS D 252 -24.92 5.37 21.21
C LYS D 252 -25.61 6.63 21.79
N MET D 253 -26.89 6.82 21.43
CA MET D 253 -27.71 7.91 21.96
C MET D 253 -27.63 7.93 23.50
N ASN D 254 -27.83 6.77 24.15
CA ASN D 254 -27.63 6.47 25.60
C ASN D 254 -26.27 6.85 26.23
N SER D 255 -25.40 7.41 25.42
CA SER D 255 -24.27 8.14 25.93
C SER D 255 -24.62 9.62 25.75
N ASP D 256 -24.77 10.30 26.88
CA ASP D 256 -25.27 11.66 26.96
C ASP D 256 -24.68 12.36 28.16
N ASP D 265 -18.39 4.43 27.42
CA ASP D 265 -19.10 3.70 26.37
C ASP D 265 -19.34 4.54 25.12
N SER D 266 -18.73 5.71 25.07
CA SER D 266 -18.88 6.62 23.94
C SER D 266 -17.91 6.26 22.80
N GLU D 267 -16.61 6.32 23.12
CA GLU D 267 -15.45 5.99 22.28
C GLU D 267 -15.43 4.47 22.06
N LEU D 268 -16.59 3.86 22.22
CA LEU D 268 -16.73 2.42 22.18
C LEU D 268 -17.70 2.05 21.09
N LEU D 269 -18.52 3.00 20.65
CA LEU D 269 -19.56 2.73 19.66
C LEU D 269 -19.52 3.67 18.45
N SER D 270 -18.31 4.01 18.03
CA SER D 270 -18.05 4.80 16.85
C SER D 270 -18.61 4.06 15.65
N ASP D 271 -18.67 4.75 14.51
CA ASP D 271 -19.41 4.24 13.35
C ASP D 271 -18.72 3.02 12.73
N ASN D 272 -17.39 2.99 12.81
CA ASN D 272 -16.58 1.85 12.43
C ASN D 272 -16.79 0.70 13.41
N HIS D 273 -16.90 0.98 14.70
CA HIS D 273 -17.19 -0.10 15.65
C HIS D 273 -18.54 -0.74 15.31
N ILE D 274 -19.52 0.11 14.96
CA ILE D 274 -20.88 -0.37 14.68
C ILE D 274 -20.94 -1.26 13.44
N LEU D 275 -20.33 -0.77 12.37
CA LEU D 275 -20.23 -1.45 11.09
C LEU D 275 -19.59 -2.82 11.23
N THR D 276 -18.53 -2.91 12.04
CA THR D 276 -17.79 -4.15 12.18
C THR D 276 -18.60 -5.20 12.95
N THR D 277 -19.37 -4.76 13.92
CA THR D 277 -20.27 -5.66 14.65
C THR D 277 -21.37 -6.15 13.70
N ILE D 278 -21.95 -5.24 12.92
CA ILE D 278 -22.93 -5.65 11.92
C ILE D 278 -22.31 -6.64 10.90
N GLY D 279 -21.08 -6.36 10.46
CA GLY D 279 -20.43 -7.23 9.50
C GLY D 279 -20.16 -8.58 10.10
N ASP D 280 -19.84 -8.62 11.38
CA ASP D 280 -19.66 -9.90 12.05
C ASP D 280 -20.95 -10.72 12.07
N ILE D 281 -22.04 -10.10 12.55
CA ILE D 281 -23.35 -10.74 12.55
C ILE D 281 -23.76 -11.15 11.13
N PHE D 282 -23.56 -10.25 10.16
CA PHE D 282 -23.95 -10.47 8.77
C PHE D 282 -23.18 -11.56 8.04
N GLY D 283 -21.88 -11.67 8.30
CA GLY D 283 -21.09 -12.80 7.81
C GLY D 283 -21.38 -14.13 8.53
N ALA D 284 -21.42 -14.11 9.85
CA ALA D 284 -21.61 -15.36 10.58
C ALA D 284 -23.02 -15.92 10.33
N GLY D 285 -23.97 -15.03 10.15
CA GLY D 285 -25.36 -15.44 9.95
C GLY D 285 -25.64 -16.12 8.63
N VAL D 286 -24.68 -15.99 7.72
CA VAL D 286 -24.82 -16.49 6.36
C VAL D 286 -23.96 -17.69 6.06
N GLU D 287 -22.66 -17.56 6.30
CA GLU D 287 -21.67 -18.53 5.81
C GLU D 287 -21.63 -19.83 6.64
N THR D 288 -21.98 -19.72 7.93
CA THR D 288 -22.03 -20.86 8.85
C THR D 288 -23.17 -21.83 8.44
N THR D 289 -24.38 -21.30 8.44
CA THR D 289 -25.62 -22.01 8.21
C THR D 289 -25.72 -22.54 6.79
N THR D 290 -25.42 -21.71 5.78
CA THR D 290 -25.36 -22.20 4.41
C THR D 290 -24.43 -23.39 4.40
N SER D 291 -23.24 -23.22 4.96
CA SER D 291 -22.27 -24.29 4.91
C SER D 291 -22.78 -25.60 5.54
N VAL D 292 -23.46 -25.51 6.68
CA VAL D 292 -23.99 -26.69 7.32
C VAL D 292 -25.13 -27.29 6.53
N VAL D 293 -26.04 -26.47 6.02
CA VAL D 293 -27.08 -26.99 5.15
C VAL D 293 -26.47 -27.83 4.02
N LYS D 294 -25.41 -27.30 3.39
CA LYS D 294 -24.71 -28.02 2.29
C LYS D 294 -24.19 -29.38 2.72
N TRP D 295 -23.46 -29.42 3.83
CA TRP D 295 -22.87 -30.64 4.37
C TRP D 295 -23.94 -31.69 4.70
N THR D 296 -25.06 -31.25 5.26
CA THR D 296 -26.13 -32.15 5.69
C THR D 296 -26.70 -32.85 4.45
N LEU D 297 -27.22 -32.05 3.52
CA LEU D 297 -27.58 -32.49 2.19
C LEU D 297 -26.56 -33.37 1.49
N ALA D 298 -25.28 -33.17 1.78
CA ALA D 298 -24.25 -33.93 1.07
C ALA D 298 -24.10 -35.31 1.68
N PHE D 299 -24.20 -35.37 3.00
CA PHE D 299 -24.14 -36.61 3.73
C PHE D 299 -25.31 -37.52 3.36
N LEU D 300 -26.47 -36.93 3.11
CA LEU D 300 -27.63 -37.75 2.85
C LEU D 300 -27.47 -38.46 1.50
N LEU D 301 -26.94 -37.74 0.50
CA LEU D 301 -26.61 -38.35 -0.78
C LEU D 301 -25.58 -39.49 -0.73
N HIS D 302 -24.99 -39.70 0.44
CA HIS D 302 -24.01 -40.77 0.69
C HIS D 302 -24.56 -41.89 1.56
N ASN D 303 -25.68 -41.57 2.22
CA ASN D 303 -26.42 -42.48 3.11
C ASN D 303 -27.92 -42.42 2.76
N PRO D 304 -28.33 -43.22 1.73
CA PRO D 304 -29.73 -43.15 1.27
C PRO D 304 -30.73 -43.77 2.28
N GLN D 305 -30.26 -44.71 3.13
CA GLN D 305 -31.07 -45.30 4.20
C GLN D 305 -31.81 -44.24 5.04
N VAL D 306 -31.02 -43.32 5.58
CA VAL D 306 -31.51 -42.24 6.45
C VAL D 306 -32.36 -41.22 5.68
N LYS D 307 -31.95 -40.90 4.46
CA LYS D 307 -32.75 -40.11 3.53
C LYS D 307 -34.18 -40.66 3.49
N LYS D 308 -34.28 -41.99 3.32
CA LYS D 308 -35.56 -42.68 3.36
C LYS D 308 -36.18 -42.62 4.76
N LYS D 309 -35.40 -42.92 5.79
CA LYS D 309 -35.93 -42.88 7.15
C LYS D 309 -36.51 -41.51 7.52
N LEU D 310 -35.94 -40.46 6.95
CA LEU D 310 -36.37 -39.08 7.22
C LEU D 310 -37.65 -38.69 6.52
N TYR D 311 -37.85 -39.10 5.25
CA TYR D 311 -39.16 -38.92 4.59
C TYR D 311 -40.24 -39.70 5.36
N GLU D 312 -39.93 -40.95 5.67
CA GLU D 312 -40.84 -41.78 6.47
C GLU D 312 -41.25 -41.02 7.75
N GLU D 313 -40.27 -40.52 8.48
CA GLU D 313 -40.53 -39.95 9.81
C GLU D 313 -41.38 -38.69 9.76
N ILE D 314 -41.15 -37.87 8.74
CA ILE D 314 -41.87 -36.61 8.58
C ILE D 314 -43.29 -36.78 8.01
N ASP D 315 -43.49 -37.88 7.27
CA ASP D 315 -44.82 -38.25 6.76
C ASP D 315 -45.84 -38.58 7.87
N GLN D 316 -45.42 -39.34 8.88
CA GLN D 316 -46.25 -39.63 10.06
C GLN D 316 -46.63 -38.44 10.94
N ASN D 317 -45.66 -37.57 11.21
CA ASN D 317 -45.78 -36.67 12.34
C ASN D 317 -46.13 -35.25 11.94
N VAL D 318 -45.93 -34.94 10.66
CA VAL D 318 -46.21 -33.60 10.11
C VAL D 318 -47.46 -33.54 9.20
N GLY D 319 -47.59 -34.53 8.31
CA GLY D 319 -48.75 -34.59 7.40
C GLY D 319 -48.47 -33.73 6.19
N PHE D 320 -49.48 -33.00 5.72
CA PHE D 320 -49.40 -32.13 4.51
C PHE D 320 -50.39 -30.96 4.54
N SER D 321 -51.10 -30.81 5.64
CA SER D 321 -52.15 -29.78 5.81
C SER D 321 -51.55 -28.41 6.16
N ARG D 322 -50.26 -28.44 6.50
CA ARG D 322 -49.53 -27.24 6.87
C ARG D 322 -48.02 -27.48 6.64
N THR D 323 -47.26 -26.41 6.76
CA THR D 323 -45.81 -26.51 6.61
C THR D 323 -45.21 -26.74 8.01
N PRO D 324 -43.95 -27.27 8.10
CA PRO D 324 -43.30 -27.46 9.42
C PRO D 324 -43.14 -26.23 10.33
N THR D 325 -42.99 -26.52 11.62
CA THR D 325 -43.00 -25.51 12.66
C THR D 325 -41.88 -25.85 13.66
N ILE D 326 -41.55 -24.91 14.54
CA ILE D 326 -40.49 -25.13 15.56
C ILE D 326 -40.86 -26.10 16.68
N SER D 327 -42.12 -26.02 17.11
CA SER D 327 -42.69 -27.06 17.96
C SER D 327 -42.68 -28.46 17.34
N ASP D 328 -42.18 -28.62 16.11
CA ASP D 328 -42.02 -29.95 15.47
C ASP D 328 -40.69 -30.68 15.79
N ARG D 329 -39.80 -30.02 16.53
CA ARG D 329 -38.57 -30.67 16.98
C ARG D 329 -38.86 -31.69 18.07
N ASN D 330 -40.07 -31.66 18.62
CA ASN D 330 -40.55 -32.68 19.57
C ASN D 330 -40.93 -33.98 18.85
N ARG D 331 -41.64 -33.85 17.73
CA ARG D 331 -41.97 -35.01 16.88
C ARG D 331 -40.80 -35.51 16.00
N LEU D 332 -40.21 -34.60 15.21
CA LEU D 332 -39.18 -34.94 14.22
C LEU D 332 -37.81 -35.22 14.84
N LEU D 333 -37.63 -36.41 15.36
CA LEU D 333 -36.47 -36.70 16.20
C LEU D 333 -35.23 -37.14 15.44
N LEU D 334 -35.41 -37.76 14.27
CA LEU D 334 -34.24 -38.24 13.55
C LEU D 334 -33.56 -37.10 12.80
N LEU D 335 -34.31 -36.05 12.46
CA LEU D 335 -33.72 -34.83 11.84
C LEU D 335 -32.83 -34.06 12.82
N GLU D 336 -33.35 -33.82 14.04
CA GLU D 336 -32.58 -33.14 15.08
C GLU D 336 -31.31 -33.93 15.38
N ALA D 337 -31.40 -35.25 15.20
CA ALA D 337 -30.27 -36.14 15.42
C ALA D 337 -29.37 -36.13 14.20
N THR D 338 -29.97 -35.89 13.04
CA THR D 338 -29.20 -35.73 11.81
C THR D 338 -28.37 -34.44 11.90
N ILE D 339 -29.04 -33.34 12.22
CA ILE D 339 -28.38 -32.06 12.39
C ILE D 339 -27.27 -32.05 13.44
N ARG D 340 -27.45 -32.77 14.54
CA ARG D 340 -26.42 -32.96 15.57
C ARG D 340 -25.16 -33.71 15.09
N GLU D 341 -25.38 -34.63 14.15
CA GLU D 341 -24.40 -35.61 13.72
C GLU D 341 -23.52 -35.08 12.60
N VAL D 342 -24.04 -34.10 11.88
CA VAL D 342 -23.24 -33.31 10.95
C VAL D 342 -22.30 -32.37 11.75
N LEU D 343 -22.88 -31.65 12.71
CA LEU D 343 -22.12 -30.72 13.57
C LEU D 343 -21.12 -31.42 14.42
N ARG D 344 -21.15 -32.75 14.40
CA ARG D 344 -20.14 -33.57 15.06
C ARG D 344 -19.06 -34.03 14.05
N LEU D 345 -19.50 -34.66 12.94
CA LEU D 345 -18.56 -35.20 11.94
C LEU D 345 -17.71 -34.12 11.23
N ARG D 346 -18.35 -33.03 10.84
CA ARG D 346 -17.67 -31.94 10.23
C ARG D 346 -18.04 -30.68 10.99
N PRO D 347 -17.29 -30.38 12.05
CA PRO D 347 -17.59 -29.11 12.73
C PRO D 347 -17.25 -27.89 11.87
N VAL D 348 -18.21 -26.99 11.73
CA VAL D 348 -17.98 -25.70 11.10
C VAL D 348 -16.66 -25.07 11.53
N ALA D 349 -16.37 -25.16 12.83
CA ALA D 349 -15.08 -24.75 13.33
C ALA D 349 -14.30 -25.86 14.00
N PRO D 350 -13.58 -26.67 13.19
CA PRO D 350 -12.72 -27.73 13.66
C PRO D 350 -11.71 -27.34 14.74
N MET D 351 -11.31 -26.08 14.76
CA MET D 351 -10.42 -25.59 15.81
C MET D 351 -10.98 -24.36 16.41
N LEU D 352 -12.30 -24.29 16.50
CA LEU D 352 -12.96 -23.08 16.97
C LEU D 352 -12.28 -21.85 16.39
N ILE D 353 -12.12 -20.84 17.24
CA ILE D 353 -11.38 -19.64 16.87
C ILE D 353 -10.29 -19.63 17.94
N PRO D 354 -9.03 -19.26 17.59
CA PRO D 354 -8.03 -19.22 18.68
C PRO D 354 -8.43 -18.39 19.88
N HIS D 355 -8.03 -18.90 21.03
CA HIS D 355 -8.17 -18.20 22.29
C HIS D 355 -6.81 -17.72 22.70
N LYS D 356 -6.78 -16.95 23.78
CA LYS D 356 -5.57 -16.33 24.25
C LYS D 356 -5.70 -16.13 25.74
N ALA D 357 -4.68 -16.56 26.46
CA ALA D 357 -4.60 -16.32 27.90
C ALA D 357 -4.46 -14.82 28.22
N ASN D 358 -5.41 -14.29 28.99
CA ASN D 358 -5.35 -12.93 29.45
C ASN D 358 -4.49 -12.74 30.66
N VAL D 359 -4.16 -13.84 31.33
CA VAL D 359 -3.48 -13.81 32.61
C VAL D 359 -2.78 -15.14 32.68
N ASP D 360 -1.77 -15.22 33.56
CA ASP D 360 -1.05 -16.45 33.90
C ASP D 360 -2.06 -17.42 34.49
N SER D 361 -2.05 -18.66 34.01
CA SER D 361 -3.11 -19.56 34.32
C SER D 361 -2.56 -20.95 34.19
N SER D 362 -3.44 -21.93 34.03
CA SER D 362 -3.00 -23.31 33.90
C SER D 362 -3.98 -24.19 33.13
N ILE D 363 -3.56 -25.35 32.69
CA ILE D 363 -4.55 -26.27 32.16
C ILE D 363 -4.13 -27.62 32.67
N GLY D 364 -4.95 -28.18 33.54
CA GLY D 364 -4.67 -29.49 34.16
C GLY D 364 -3.31 -29.67 34.82
N GLU D 365 -2.81 -28.61 35.49
CA GLU D 365 -1.50 -28.57 36.23
C GLU D 365 -0.26 -28.09 35.40
N PHE D 366 -0.41 -27.94 34.07
CA PHE D 366 0.62 -27.35 33.18
C PHE D 366 0.50 -25.83 33.18
N ALA D 367 1.61 -25.12 33.28
CA ALA D 367 1.53 -23.65 33.31
C ALA D 367 1.38 -23.03 31.91
N VAL D 368 0.49 -22.07 31.82
CA VAL D 368 0.34 -21.32 30.60
C VAL D 368 0.61 -19.85 30.92
N ASP D 369 1.59 -19.29 30.21
CA ASP D 369 2.02 -17.90 30.35
C ASP D 369 1.01 -16.91 29.78
N LYS D 370 0.94 -15.72 30.38
CA LYS D 370 0.20 -14.57 29.82
C LYS D 370 0.56 -14.34 28.34
N GLY D 371 -0.47 -14.28 27.49
CA GLY D 371 -0.33 -13.95 26.09
C GLY D 371 -0.16 -15.15 25.18
N THR D 372 -0.34 -16.33 25.77
CA THR D 372 -0.12 -17.58 25.05
C THR D 372 -1.38 -17.91 24.23
N GLU D 373 -1.21 -18.18 22.94
CA GLU D 373 -2.30 -18.64 22.11
C GLU D 373 -2.72 -20.08 22.50
N VAL D 374 -4.02 -20.26 22.72
CA VAL D 374 -4.57 -21.53 23.04
C VAL D 374 -5.56 -22.00 21.95
N ILE D 375 -5.28 -23.13 21.32
CA ILE D 375 -6.23 -23.70 20.37
C ILE D 375 -6.83 -25.01 20.88
N ILE D 376 -8.13 -25.14 20.70
CA ILE D 376 -8.85 -26.31 21.06
C ILE D 376 -9.17 -26.98 19.75
N ASN D 377 -8.77 -28.25 19.67
CA ASN D 377 -8.99 -29.04 18.48
C ASN D 377 -10.32 -29.76 18.62
N LEU D 378 -11.37 -29.06 18.21
CA LEU D 378 -12.73 -29.52 18.37
C LEU D 378 -12.90 -30.82 17.59
N TRP D 379 -12.20 -30.93 16.47
CA TRP D 379 -12.15 -32.13 15.66
C TRP D 379 -11.75 -33.31 16.48
N ALA D 380 -10.62 -33.19 17.18
CA ALA D 380 -10.09 -34.23 18.05
C ALA D 380 -11.12 -34.68 19.12
N LEU D 381 -11.86 -33.74 19.70
CA LEU D 381 -12.89 -34.05 20.70
C LEU D 381 -14.05 -34.80 20.07
N HIS D 382 -14.35 -34.48 18.82
CA HIS D 382 -15.50 -35.04 18.14
C HIS D 382 -15.12 -36.36 17.50
N HIS D 383 -13.84 -36.76 17.64
CA HIS D 383 -13.26 -37.96 17.01
C HIS D 383 -12.45 -38.83 17.99
N ASN D 384 -12.58 -38.56 19.29
CA ASN D 384 -12.05 -39.40 20.35
C ASN D 384 -12.55 -40.86 20.24
N GLU D 385 -11.59 -41.80 20.20
CA GLU D 385 -11.82 -43.25 20.14
C GLU D 385 -12.62 -43.71 21.39
N LYS D 386 -11.99 -43.55 22.54
CA LYS D 386 -12.59 -43.75 23.84
C LYS D 386 -13.95 -43.08 24.07
N GLU D 387 -14.43 -42.21 23.17
CA GLU D 387 -15.62 -41.41 23.46
C GLU D 387 -16.79 -41.55 22.49
N TRP D 388 -16.52 -42.09 21.32
CA TRP D 388 -17.54 -42.29 20.29
C TRP D 388 -17.41 -43.70 19.71
N HIS D 389 -18.53 -44.39 19.54
CA HIS D 389 -18.53 -45.66 18.84
C HIS D 389 -18.42 -45.36 17.35
N GLN D 390 -17.35 -45.87 16.74
CA GLN D 390 -17.04 -45.65 15.32
C GLN D 390 -17.06 -44.15 14.93
N PRO D 391 -16.05 -43.37 15.41
CA PRO D 391 -16.06 -41.91 15.23
C PRO D 391 -16.10 -41.45 13.76
N ASP D 392 -15.45 -42.21 12.87
CA ASP D 392 -15.39 -41.84 11.46
C ASP D 392 -16.69 -42.09 10.68
N GLN D 393 -17.70 -42.66 11.33
CA GLN D 393 -18.97 -42.97 10.63
C GLN D 393 -20.13 -41.99 10.92
N PHE D 394 -20.85 -41.65 9.87
CA PHE D 394 -22.04 -40.83 9.97
C PHE D 394 -23.22 -41.64 10.55
N MET D 395 -23.40 -41.61 11.86
CA MET D 395 -24.42 -42.43 12.50
C MET D 395 -25.37 -41.62 13.36
N PRO D 396 -26.35 -40.94 12.73
CA PRO D 396 -27.30 -40.15 13.51
C PRO D 396 -27.97 -40.97 14.62
N GLU D 397 -27.85 -42.30 14.52
CA GLU D 397 -28.43 -43.26 15.46
C GLU D 397 -27.90 -43.04 16.85
N ARG D 398 -26.61 -42.73 16.91
CA ARG D 398 -25.90 -42.55 18.17
C ARG D 398 -26.54 -41.48 19.06
N PHE D 399 -27.17 -40.46 18.46
CA PHE D 399 -27.89 -39.43 19.23
C PHE D 399 -29.29 -39.89 19.60
N LEU D 400 -29.54 -41.18 19.44
CA LEU D 400 -30.82 -41.78 19.81
C LEU D 400 -30.66 -43.01 20.70
N ASN D 401 -31.56 -43.18 21.67
CA ASN D 401 -31.73 -44.44 22.44
C ASN D 401 -32.28 -45.52 21.50
N PRO D 402 -31.73 -46.77 21.61
CA PRO D 402 -31.90 -47.79 20.53
C PRO D 402 -33.35 -48.06 20.06
N ALA D 403 -34.33 -47.75 20.91
CA ALA D 403 -35.75 -47.81 20.56
C ALA D 403 -36.15 -46.67 19.61
N GLY D 404 -35.31 -45.63 19.58
CA GLY D 404 -35.46 -44.51 18.65
C GLY D 404 -36.51 -43.47 18.98
N THR D 405 -36.79 -43.21 20.26
CA THR D 405 -37.84 -42.22 20.59
C THR D 405 -37.47 -41.11 21.58
N GLN D 406 -36.22 -41.09 22.04
CA GLN D 406 -35.65 -39.87 22.65
C GLN D 406 -34.17 -39.60 22.39
N LEU D 407 -33.90 -38.35 22.04
CA LEU D 407 -32.56 -37.82 21.88
C LEU D 407 -31.73 -38.02 23.15
N ILE D 408 -30.54 -38.60 23.00
CA ILE D 408 -29.63 -38.75 24.12
C ILE D 408 -28.44 -37.82 23.95
N SER D 409 -27.60 -37.77 24.97
CA SER D 409 -26.32 -37.08 24.87
C SER D 409 -25.19 -38.06 25.14
N PRO D 410 -24.86 -38.91 24.16
CA PRO D 410 -24.00 -40.10 24.22
C PRO D 410 -22.52 -39.87 24.56
N SER D 411 -22.08 -38.61 24.54
CA SER D 411 -20.69 -38.28 24.81
C SER D 411 -20.54 -36.91 25.47
N VAL D 412 -19.51 -36.77 26.29
CA VAL D 412 -19.27 -35.49 26.99
C VAL D 412 -18.40 -34.57 26.14
N SER D 413 -17.85 -35.17 25.07
CA SER D 413 -16.85 -34.62 24.14
C SER D 413 -17.48 -34.03 22.86
N TYR D 414 -18.39 -33.08 23.05
CA TYR D 414 -19.22 -32.52 21.99
C TYR D 414 -19.47 -31.04 22.30
N LEU D 415 -18.79 -30.16 21.59
CA LEU D 415 -18.98 -28.71 21.73
C LEU D 415 -19.06 -28.07 20.34
N PRO D 416 -20.16 -28.31 19.62
CA PRO D 416 -20.22 -27.73 18.29
C PRO D 416 -20.40 -26.21 18.32
N PHE D 417 -20.94 -25.67 19.39
CA PHE D 417 -21.03 -24.22 19.55
C PHE D 417 -20.05 -23.67 20.60
N GLY D 418 -19.04 -24.44 20.96
CA GLY D 418 -18.19 -24.08 22.13
C GLY D 418 -18.95 -23.98 23.46
N ALA D 419 -18.51 -23.07 24.31
CA ALA D 419 -19.01 -22.90 25.68
C ALA D 419 -18.30 -21.75 26.33
N GLY D 420 -18.92 -21.13 27.31
CA GLY D 420 -18.27 -20.11 28.10
C GLY D 420 -18.25 -18.77 27.42
N PRO D 421 -17.38 -17.87 27.88
CA PRO D 421 -17.42 -16.46 27.48
C PRO D 421 -17.30 -16.15 25.99
N ARG D 422 -16.69 -17.06 25.22
CA ARG D 422 -16.49 -16.87 23.79
C ARG D 422 -17.31 -17.79 22.90
N SER D 423 -18.37 -18.33 23.49
CA SER D 423 -19.28 -19.27 22.84
C SER D 423 -20.12 -18.58 21.76
N CYS D 424 -20.67 -19.39 20.86
CA CYS D 424 -21.44 -18.91 19.75
C CYS D 424 -22.65 -18.21 20.27
N ILE D 425 -22.89 -17.02 19.73
CA ILE D 425 -24.06 -16.28 20.18
C ILE D 425 -25.23 -16.51 19.24
N GLY D 426 -24.94 -17.18 18.13
CA GLY D 426 -25.93 -17.45 17.11
C GLY D 426 -26.55 -18.85 17.18
N GLU D 427 -26.24 -19.58 18.25
CA GLU D 427 -26.74 -20.93 18.46
C GLU D 427 -28.25 -21.09 18.19
N ILE D 428 -29.08 -20.39 18.97
CA ILE D 428 -30.53 -20.47 18.77
C ILE D 428 -30.96 -20.22 17.31
N LEU D 429 -30.52 -19.12 16.69
CA LEU D 429 -30.77 -18.87 15.27
C LEU D 429 -30.40 -20.02 14.35
N ALA D 430 -29.21 -20.59 14.55
CA ALA D 430 -28.67 -21.65 13.72
C ALA D 430 -29.42 -22.96 13.85
N ARG D 431 -29.69 -23.39 15.09
CA ARG D 431 -30.38 -24.69 15.27
C ARG D 431 -31.76 -24.57 14.60
N GLN D 432 -32.37 -23.37 14.69
CA GLN D 432 -33.68 -23.11 14.12
C GLN D 432 -33.69 -22.99 12.60
N GLU D 433 -32.71 -22.28 12.04
CA GLU D 433 -32.64 -22.15 10.58
C GLU D 433 -32.42 -23.53 9.99
N LEU D 434 -31.45 -24.26 10.56
CA LEU D 434 -31.00 -25.54 10.04
C LEU D 434 -32.15 -26.52 10.12
N PHE D 435 -32.89 -26.49 11.23
CA PHE D 435 -34.06 -27.35 11.40
C PHE D 435 -35.11 -27.02 10.34
N LEU D 436 -35.59 -25.79 10.36
CA LEU D 436 -36.64 -25.41 9.42
C LEU D 436 -36.22 -25.62 7.97
N ILE D 437 -35.00 -25.23 7.57
CA ILE D 437 -34.57 -25.49 6.19
C ILE D 437 -34.68 -26.98 5.88
N MET D 438 -34.16 -27.81 6.77
CA MET D 438 -34.08 -29.24 6.55
C MET D 438 -35.44 -29.92 6.49
N ALA D 439 -36.35 -29.52 7.38
CA ALA D 439 -37.71 -30.02 7.38
C ALA D 439 -38.50 -29.69 6.09
N TRP D 440 -38.70 -28.39 5.80
CA TRP D 440 -39.41 -27.90 4.61
C TRP D 440 -38.90 -28.48 3.30
N LEU D 441 -37.62 -28.85 3.27
CA LEU D 441 -36.97 -29.51 2.14
C LEU D 441 -37.38 -30.95 2.03
N LEU D 442 -37.64 -31.58 3.16
CA LEU D 442 -38.05 -32.97 3.13
C LEU D 442 -39.57 -33.07 2.95
N GLN D 443 -40.32 -32.08 3.41
CA GLN D 443 -41.76 -31.99 3.08
C GLN D 443 -42.03 -31.86 1.56
N ARG D 444 -41.36 -30.90 0.91
CA ARG D 444 -41.70 -30.48 -0.48
C ARG D 444 -40.86 -31.10 -1.63
N PHE D 445 -39.72 -31.74 -1.35
CA PHE D 445 -38.71 -32.09 -2.38
C PHE D 445 -38.05 -33.43 -2.22
N ASP D 446 -37.93 -34.17 -3.32
CA ASP D 446 -37.05 -35.34 -3.44
C ASP D 446 -35.67 -34.81 -3.76
N LEU D 447 -34.62 -35.56 -3.38
CA LEU D 447 -33.20 -35.13 -3.48
C LEU D 447 -32.31 -36.32 -3.74
N GLU D 448 -32.12 -36.65 -5.01
CA GLU D 448 -31.29 -37.78 -5.40
C GLU D 448 -29.96 -37.26 -5.92
N VAL D 449 -29.03 -38.19 -6.10
CA VAL D 449 -27.85 -38.04 -6.95
C VAL D 449 -28.25 -37.41 -8.31
N PRO D 450 -27.32 -36.68 -8.98
CA PRO D 450 -27.67 -36.25 -10.34
C PRO D 450 -27.29 -37.32 -11.40
N ASP D 451 -28.05 -37.40 -12.52
CA ASP D 451 -27.97 -38.51 -13.55
C ASP D 451 -26.55 -39.04 -13.91
N ASP D 452 -25.59 -38.14 -14.15
CA ASP D 452 -24.16 -38.51 -14.18
C ASP D 452 -23.74 -38.73 -12.73
N GLY D 453 -24.05 -39.91 -12.20
CA GLY D 453 -24.08 -40.17 -10.76
C GLY D 453 -22.82 -39.90 -9.97
N GLN D 454 -22.46 -38.62 -9.81
CA GLN D 454 -21.21 -38.28 -9.13
C GLN D 454 -21.39 -37.91 -7.65
N LEU D 455 -20.53 -38.51 -6.82
CA LEU D 455 -20.58 -38.42 -5.37
C LEU D 455 -19.84 -37.17 -4.88
N PRO D 456 -20.58 -36.22 -4.25
CA PRO D 456 -20.03 -35.06 -3.49
C PRO D 456 -18.91 -35.44 -2.53
N SER D 457 -17.69 -34.97 -2.77
CA SER D 457 -16.54 -35.25 -1.91
C SER D 457 -16.80 -34.82 -0.46
N LEU D 458 -16.32 -35.63 0.48
CA LEU D 458 -16.56 -35.35 1.89
C LEU D 458 -15.34 -34.78 2.60
N GLU D 459 -14.20 -34.76 1.91
CA GLU D 459 -12.90 -34.38 2.49
C GLU D 459 -12.91 -32.96 3.11
N GLY D 460 -13.58 -32.01 2.46
CA GLY D 460 -13.72 -30.67 3.02
C GLY D 460 -12.57 -29.74 2.72
N ILE D 461 -12.80 -28.44 2.94
CA ILE D 461 -11.81 -27.39 2.66
C ILE D 461 -11.77 -26.51 3.90
N PRO D 462 -10.79 -26.75 4.77
CA PRO D 462 -10.70 -26.04 6.05
C PRO D 462 -10.36 -24.54 5.92
N LYS D 463 -11.32 -23.65 6.14
CA LYS D 463 -11.02 -22.20 6.22
C LYS D 463 -11.53 -21.63 7.56
N VAL D 464 -11.80 -20.32 7.63
CA VAL D 464 -12.48 -19.80 8.82
C VAL D 464 -13.71 -20.63 9.11
N VAL D 465 -14.26 -21.18 8.05
CA VAL D 465 -15.35 -22.11 8.15
C VAL D 465 -14.85 -23.38 7.46
N PHE D 466 -15.34 -24.52 7.89
CA PHE D 466 -14.95 -25.78 7.30
C PHE D 466 -15.84 -26.08 6.09
N LEU D 467 -15.34 -25.77 4.92
CA LEU D 467 -16.19 -25.75 3.73
C LEU D 467 -16.29 -27.11 3.04
N ILE D 468 -17.44 -27.36 2.41
CA ILE D 468 -17.54 -28.43 1.43
C ILE D 468 -17.34 -27.94 -0.01
N ASP D 469 -16.53 -28.67 -0.79
CA ASP D 469 -16.53 -28.63 -2.26
C ASP D 469 -17.93 -28.51 -2.77
N SER D 470 -18.12 -27.70 -3.81
CA SER D 470 -19.47 -27.61 -4.40
C SER D 470 -19.81 -28.89 -5.17
N PHE D 471 -21.10 -29.08 -5.37
CA PHE D 471 -21.60 -30.30 -5.96
C PHE D 471 -23.03 -30.03 -6.35
N LYS D 472 -23.56 -30.87 -7.23
CA LYS D 472 -24.94 -30.72 -7.71
C LYS D 472 -25.90 -31.73 -7.05
N VAL D 473 -27.21 -31.45 -7.07
CA VAL D 473 -28.28 -32.40 -6.65
C VAL D 473 -29.54 -32.37 -7.52
N LYS D 474 -30.05 -33.56 -7.89
CA LYS D 474 -31.35 -33.70 -8.58
C LYS D 474 -32.46 -33.35 -7.61
N ILE D 475 -33.49 -32.67 -8.11
CA ILE D 475 -34.50 -32.03 -7.26
C ILE D 475 -35.90 -31.96 -7.92
N LYS D 476 -36.74 -32.97 -7.67
CA LYS D 476 -38.15 -32.97 -8.10
C LYS D 476 -39.03 -32.56 -6.91
N VAL D 477 -40.28 -32.16 -7.18
CA VAL D 477 -41.33 -32.10 -6.13
C VAL D 477 -41.72 -33.54 -5.83
N ARG D 478 -42.27 -33.80 -4.64
CA ARG D 478 -42.49 -35.19 -4.23
C ARG D 478 -43.79 -35.83 -4.77
N GLN D 479 -43.75 -37.15 -5.00
CA GLN D 479 -44.92 -37.94 -5.35
C GLN D 479 -46.05 -37.65 -4.35
N ALA D 480 -45.71 -37.71 -3.06
CA ALA D 480 -46.68 -37.43 -1.99
C ALA D 480 -47.17 -35.97 -1.91
N TRP D 481 -46.30 -35.00 -2.22
CA TRP D 481 -46.64 -33.55 -2.12
C TRP D 481 -47.77 -33.17 -3.08
N ARG D 482 -47.66 -33.64 -4.32
CA ARG D 482 -48.65 -33.37 -5.36
C ARG D 482 -49.98 -34.07 -4.99
N GLU D 483 -49.86 -35.37 -4.73
CA GLU D 483 -50.98 -36.28 -4.40
C GLU D 483 -51.77 -35.79 -3.18
N ALA D 484 -51.19 -34.84 -2.43
CA ALA D 484 -51.85 -34.20 -1.29
C ALA D 484 -52.48 -32.85 -1.66
N GLN D 485 -52.91 -32.71 -2.91
CA GLN D 485 -53.64 -31.53 -3.34
C GLN D 485 -54.89 -31.89 -4.16
#